data_9BQ3
#
_entry.id   9BQ3
#
_cell.length_a   1.00
_cell.length_b   1.00
_cell.length_c   1.00
_cell.angle_alpha   90.00
_cell.angle_beta   90.00
_cell.angle_gamma   90.00
#
_symmetry.space_group_name_H-M   'P 1'
#
loop_
_entity.id
_entity.type
_entity.pdbx_description
1 polymer 'Receptor activity-modifying protein 2'
2 polymer Cagrilintide
3 polymer 'Calcitonin receptor'
4 polymer 'Guanine nucleotide-binding protein G(s) subunit alpha isoforms short'
5 polymer 'Guanine nucleotide-binding protein G(I)/G(S)/G(T) subunit beta-1'
6 polymer 'Guanine nucleotide-binding protein G(I)/G(S)/G(O) subunit gamma-2'
7 polymer 'Nanobody 35'
8 non-polymer 'icosanedioic acid'
#
loop_
_entity_poly.entity_id
_entity_poly.type
_entity_poly.pdbx_seq_one_letter_code
_entity_poly.pdbx_strand_id
1 'polypeptide(L)'
;MKTIIALSYIFCLVFADYKDDDDKPLPTTGTPGSEGGTVKNYETAVQFCWNHYKDQMDPIEKDWCDWAMISRPYSTLRDC
LEHFAELFDLGFPNPLAERIIFETHQIHFANCSLVQPTFSDPPEDVLLAMIIAPICLIPFLITLVVWRSKDSEAQA
;
E
2 'polypeptide(L)' (GGL)KCNTATCATQRLAEFLRHSSNNFGPILPPTNVGSNTP(NH2) P
3 'polypeptide(L)'
;GPAAFSNQTYPTIEPKPFLYVVGRKKMMDAQYKCYDRMQQLPAYQGEGPYCNRTWDGWLCWDDTPAGVLSYQFCPDYFPD
FDPSEKVTKYCDEKGVWFKHPENNRTWSNYTMCNAFTPEKLKNAYVLYYLAIVGHSLSIFTLVISLGIFVFFRSLGCQRV
TLHKNMFLTYILNSMIIIIHLVEVVPNGELVRRDPVSCKILHFFHQYMMACNYFWMLCEGIYLHTLIVVAVFTEKQRLRW
YYLLGWGFPLVPTTIHAITRAVYFNDNCWLSVETHLLYIIHGPVMAALVVNFFFLLNIVRVLVTKMRETHEAESHMYLKA
VKATMILVPLLGIQFVVFPWRPSNKMLGKIYDYVMHSLIHFQGFFVATIYCFCNNEVQTTVKRQWAQFKIQWNQRWGRRP
SNRSARAAAAAAEAGDIPIYICHQELRNEPANNQGEESAEIIPLNIIEQESSAPAGLEVLFQ
;
R
4 'polypeptide(L)'
;MGCLGNSKTEDQRNEEKAQREANKKIEKQLQKDKQVYRATHRLLLLGAGESGKNTIVKQMRILHVNGFNGEGGEEDPQAA
RSNSDGEKATKVQDIKNNLKEAIETIVAAMSNLVPPVELANPENQFRVDYILSVMNVPDFDFPPEFYEHAKALWEDEGVR
ACYERSNEYQLIDCAQYFLDKIDVIKQADYVPSDQDLLRCRVLTSGIFETKFQVDKVNFHMFDVGAQRDERRKWIQCFND
VTAIIFVVASSSYNMVIREDNQTNRLQAALKLFDSIWNNKWLRDTSVILFLNKQDLLAEKVLAGKSKIEDYFPEFARYTT
PEDATPEPGEDPRVTRAKYFIRDEFLRISTASGDGRHYCYPHFTCSVDTENIRRVFNDCRDIIQRMHLRQYELL
;
A
5 'polypeptide(L)'
;MHHHHHHGSSGSELDQLRQEAEQLKNQIRDARKACADATLSQITNNIDPVGRIQMRTRRTLRGHLAKIYAMHWGTDSRLL
VSASQDGKLIIWDSYTTNKVHAIPLRSSWVMTCAYAPSGNYVACGGLDNICSIYNLKTREGNVRVSRELAGHTGYLSCCR
FLDDNQIVTSSGDTTCALWDIETGQQTTTFTGHTGDVMSLSLAPDTRLFVSGACDASAKLWDVREGMCRQTFTGHESDIN
AICFFPNGNAFATGSDDATCRLFDLRADQELMTYSHDNIICGITSVSFSKSGRLLLAGYDDFNCNVWDALKADRAGVLAG
HDNRVSCLGVTDDGMAVATGSWDSFLKIWN
;
B
6 'polypeptide(L)' MASNNTASIAQARKLVEQLKMEANIDRIKVSKAAADLMAYCEAHAKEDPLLTPVPASENPFREKKFFCAIL G
7 'polypeptide(L)'
;QVQLQESGGGLVQPGGSLRLSCAASGFTFSNYKMNWVRQAPGKGLEWVSDISQSGASISYTGSVKGRFTISRDNAKNTLY
LQMNSLKPEDTAVYYCARCPAPFTRDCFDVTSTTYAYRGQGTQVTVSSHHHHHHEPEA
;
N
#
loop_
_chem_comp.id
_chem_comp.type
_chem_comp.name
_chem_comp.formula
A1B90 non-polymer 'icosanedioic acid' 'C20 H38 O4'
GGL L-gamma-peptide, C-delta linking 'GAMMA-L-GLUTAMIC ACID' 'C5 H9 N O4'
NH2 non-polymer 'AMINO GROUP' 'H2 N'
#
# COMPACT_ATOMS: atom_id res chain seq x y z
N ASN A 41 -35.51 83.21 -7.29
CA ASN A 41 -35.32 82.79 -5.91
C ASN A 41 -34.00 82.04 -5.75
N TYR A 42 -33.79 81.03 -6.60
CA TYR A 42 -32.55 80.25 -6.54
C TYR A 42 -31.34 81.06 -6.98
N GLU A 43 -31.54 82.15 -7.72
CA GLU A 43 -30.43 83.02 -8.08
C GLU A 43 -29.81 83.66 -6.84
N THR A 44 -30.63 84.09 -5.89
CA THR A 44 -30.11 84.61 -4.63
C THR A 44 -29.35 83.54 -3.87
N ALA A 45 -29.86 82.29 -3.89
CA ALA A 45 -29.18 81.20 -3.19
C ALA A 45 -27.81 80.93 -3.81
N VAL A 46 -27.74 80.87 -5.13
CA VAL A 46 -26.46 80.59 -5.77
C VAL A 46 -25.50 81.76 -5.60
N GLN A 47 -26.02 82.99 -5.57
CA GLN A 47 -25.16 84.14 -5.29
C GLN A 47 -24.60 84.06 -3.87
N PHE A 48 -25.44 83.70 -2.90
CA PHE A 48 -24.96 83.46 -1.54
C PHE A 48 -23.85 82.42 -1.54
N CYS A 49 -24.08 81.30 -2.23
CA CYS A 49 -23.13 80.21 -2.26
C CYS A 49 -21.79 80.68 -2.83
N TRP A 50 -21.84 81.36 -3.98
CA TRP A 50 -20.64 81.78 -4.68
C TRP A 50 -19.87 82.85 -3.91
N ASN A 51 -20.57 83.81 -3.30
CA ASN A 51 -19.85 84.83 -2.55
C ASN A 51 -19.25 84.27 -1.28
N HIS A 52 -19.91 83.30 -0.64
CA HIS A 52 -19.31 82.63 0.50
C HIS A 52 -18.05 81.88 0.09
N TYR A 53 -18.11 81.18 -1.05
CA TYR A 53 -16.93 80.47 -1.54
C TYR A 53 -15.79 81.44 -1.85
N LYS A 54 -16.12 82.59 -2.47
CA LYS A 54 -15.08 83.56 -2.81
C LYS A 54 -14.49 84.20 -1.55
N ASP A 55 -15.33 84.48 -0.55
CA ASP A 55 -14.83 85.04 0.70
C ASP A 55 -13.89 84.06 1.40
N GLN A 56 -14.23 82.77 1.40
CA GLN A 56 -13.32 81.79 1.98
C GLN A 56 -12.09 81.59 1.10
N MET A 57 -12.22 81.86 -0.20
CA MET A 57 -11.07 81.82 -1.11
C MET A 57 -10.10 82.96 -0.84
N ASP A 58 -10.61 84.10 -0.37
CA ASP A 58 -9.78 85.29 -0.22
C ASP A 58 -8.53 85.09 0.63
N PRO A 59 -8.57 84.43 1.80
CA PRO A 59 -7.33 84.28 2.58
C PRO A 59 -6.26 83.47 1.87
N ILE A 60 -6.60 82.68 0.87
CA ILE A 60 -5.64 81.87 0.13
C ILE A 60 -5.37 82.55 -1.20
N GLU A 61 -4.11 82.93 -1.43
CA GLU A 61 -3.71 83.60 -2.65
C GLU A 61 -2.55 82.93 -3.38
N LYS A 62 -1.84 82.00 -2.75
CA LYS A 62 -0.73 81.30 -3.38
C LYS A 62 -0.89 79.78 -3.39
N ASP A 63 -1.94 79.24 -2.77
CA ASP A 63 -2.14 77.80 -2.76
C ASP A 63 -3.43 77.43 -3.49
N TRP A 64 -3.72 78.13 -4.59
CA TRP A 64 -4.86 77.80 -5.42
C TRP A 64 -4.62 76.61 -6.32
N CYS A 65 -3.39 76.10 -6.37
CA CYS A 65 -3.09 74.88 -7.10
C CYS A 65 -2.96 73.67 -6.19
N ASP A 66 -2.76 73.89 -4.89
CA ASP A 66 -2.69 72.79 -3.93
C ASP A 66 -4.08 72.19 -3.71
N TRP A 67 -4.09 70.95 -3.25
CA TRP A 67 -5.33 70.20 -3.03
C TRP A 67 -5.67 69.98 -1.56
N ALA A 68 -4.65 69.92 -0.69
CA ALA A 68 -4.89 69.60 0.72
C ALA A 68 -5.77 70.65 1.38
N MET A 69 -5.49 71.94 1.14
CA MET A 69 -6.26 73.02 1.74
C MET A 69 -7.40 73.51 0.86
N ILE A 70 -7.60 72.90 -0.31
CA ILE A 70 -8.69 73.27 -1.20
C ILE A 70 -9.82 72.26 -1.19
N SER A 71 -9.58 71.04 -0.69
CA SER A 71 -10.62 70.02 -0.61
C SER A 71 -11.81 70.51 0.21
N ARG A 72 -11.53 71.14 1.36
CA ARG A 72 -12.59 71.65 2.22
C ARG A 72 -13.43 72.73 1.55
N PRO A 73 -12.84 73.79 0.98
CA PRO A 73 -13.70 74.77 0.26
C PRO A 73 -14.43 74.16 -0.92
N TYR A 74 -13.83 73.23 -1.65
CA TYR A 74 -14.53 72.60 -2.78
C TYR A 74 -15.74 71.81 -2.29
N SER A 75 -15.56 71.03 -1.23
CA SER A 75 -16.65 70.24 -0.68
C SER A 75 -17.75 71.13 -0.11
N THR A 76 -17.36 72.22 0.56
CA THR A 76 -18.36 73.15 1.07
C THR A 76 -19.10 73.85 -0.06
N LEU A 77 -18.42 74.15 -1.17
CA LEU A 77 -19.11 74.71 -2.33
C LEU A 77 -20.15 73.74 -2.88
N ARG A 78 -19.78 72.47 -3.03
CA ARG A 78 -20.74 71.50 -3.53
C ARG A 78 -21.90 71.29 -2.56
N ASP A 79 -21.63 71.19 -1.27
CA ASP A 79 -22.69 71.01 -0.27
C ASP A 79 -23.61 72.23 -0.23
N CYS A 80 -23.04 73.43 -0.33
CA CYS A 80 -23.82 74.65 -0.45
C CYS A 80 -24.72 74.62 -1.67
N LEU A 81 -24.17 74.25 -2.83
CA LEU A 81 -24.90 74.34 -4.08
C LEU A 81 -25.84 73.17 -4.31
N GLU A 82 -25.79 72.14 -3.46
CA GLU A 82 -26.76 71.05 -3.48
C GLU A 82 -27.84 71.23 -2.43
N HIS A 83 -27.51 71.86 -1.29
CA HIS A 83 -28.49 72.06 -0.23
C HIS A 83 -29.65 72.94 -0.71
N PHE A 84 -29.33 74.02 -1.41
CA PHE A 84 -30.37 74.94 -1.85
C PHE A 84 -31.24 74.34 -2.94
N ALA A 85 -30.63 73.50 -3.79
CA ALA A 85 -31.36 72.93 -4.93
C ALA A 85 -32.50 72.03 -4.47
N GLU A 86 -32.22 71.13 -3.51
CA GLU A 86 -33.23 70.17 -3.10
C GLU A 86 -34.41 70.86 -2.41
N LEU A 87 -34.14 71.91 -1.64
CA LEU A 87 -35.19 72.63 -0.93
C LEU A 87 -36.12 73.40 -1.86
N PHE A 88 -35.66 73.73 -3.08
CA PHE A 88 -36.47 74.47 -4.04
C PHE A 88 -37.07 73.55 -5.10
N ASP A 89 -37.23 72.26 -4.79
CA ASP A 89 -37.78 71.27 -5.71
C ASP A 89 -36.98 71.22 -7.01
N LEU A 90 -35.67 71.38 -6.89
CA LEU A 90 -34.76 71.34 -8.04
C LEU A 90 -33.83 70.14 -7.89
N GLY A 91 -33.71 69.36 -8.95
CA GLY A 91 -32.94 68.14 -8.94
C GLY A 91 -31.50 68.37 -9.37
N PHE A 92 -30.58 68.12 -8.44
CA PHE A 92 -29.17 68.22 -8.75
C PHE A 92 -28.77 67.10 -9.72
N PRO A 93 -27.92 67.39 -10.72
CA PRO A 93 -27.29 68.68 -11.03
C PRO A 93 -28.24 69.65 -11.73
N ASN A 94 -27.94 70.94 -11.64
CA ASN A 94 -28.72 72.01 -12.24
C ASN A 94 -27.82 72.88 -13.10
N PRO A 95 -28.36 73.55 -14.12
CA PRO A 95 -27.49 74.35 -15.00
C PRO A 95 -26.72 75.43 -14.27
N LEU A 96 -27.33 76.05 -13.26
CA LEU A 96 -26.60 77.06 -12.48
C LEU A 96 -25.39 76.46 -11.78
N ALA A 97 -25.55 75.27 -11.20
CA ALA A 97 -24.43 74.63 -10.52
C ALA A 97 -23.31 74.29 -11.50
N GLU A 98 -23.66 73.75 -12.67
CA GLU A 98 -22.65 73.42 -13.66
C GLU A 98 -21.92 74.68 -14.14
N ARG A 99 -22.66 75.76 -14.36
CA ARG A 99 -22.03 77.02 -14.76
C ARG A 99 -21.10 77.55 -13.69
N ILE A 100 -21.52 77.45 -12.42
CA ILE A 100 -20.69 77.94 -11.32
C ILE A 100 -19.40 77.12 -11.22
N ILE A 101 -19.51 75.79 -11.34
CA ILE A 101 -18.33 74.95 -11.27
C ILE A 101 -17.39 75.22 -12.44
N PHE A 102 -17.95 75.41 -13.64
CA PHE A 102 -17.12 75.71 -14.80
C PHE A 102 -16.41 77.04 -14.64
N GLU A 103 -17.11 78.06 -14.13
CA GLU A 103 -16.48 79.34 -13.88
C GLU A 103 -15.39 79.23 -12.83
N THR A 104 -15.63 78.43 -11.78
CA THR A 104 -14.63 78.22 -10.75
C THR A 104 -13.37 77.59 -11.33
N HIS A 105 -13.54 76.57 -12.16
CA HIS A 105 -12.41 75.91 -12.79
C HIS A 105 -11.76 76.75 -13.88
N GLN A 106 -12.43 77.80 -14.35
CA GLN A 106 -11.85 78.67 -15.38
C GLN A 106 -11.03 79.82 -14.82
N ILE A 107 -11.14 80.12 -13.52
CA ILE A 107 -10.49 81.28 -12.92
C ILE A 107 -9.56 80.88 -11.77
N HIS A 108 -10.04 80.02 -10.86
CA HIS A 108 -9.25 79.68 -9.68
C HIS A 108 -8.22 78.61 -9.99
N PHE A 109 -8.57 77.64 -10.83
CA PHE A 109 -7.73 76.48 -11.07
C PHE A 109 -7.15 76.44 -12.48
N ALA A 110 -7.03 77.59 -13.13
CA ALA A 110 -6.48 77.64 -14.48
C ALA A 110 -4.95 77.61 -14.44
N ASN A 111 -4.37 77.17 -15.55
CA ASN A 111 -2.91 77.11 -15.73
C ASN A 111 -2.25 76.31 -14.62
N CYS A 112 -2.73 75.09 -14.41
CA CYS A 112 -2.19 74.20 -13.39
C CYS A 112 -2.08 72.78 -13.93
N SER A 113 -1.07 72.05 -13.47
CA SER A 113 -0.91 70.65 -13.81
C SER A 113 -1.70 69.79 -12.82
N LEU A 114 -1.73 68.48 -13.08
CA LEU A 114 -2.45 67.53 -12.25
C LEU A 114 -1.49 66.56 -11.60
N VAL A 115 -1.64 66.37 -10.30
CA VAL A 115 -0.81 65.43 -9.56
C VAL A 115 -1.25 64.00 -9.86
N GLN A 116 -0.30 63.07 -9.79
CA GLN A 116 -0.60 61.68 -10.08
C GLN A 116 -1.51 61.10 -9.00
N PRO A 117 -2.40 60.17 -9.37
CA PRO A 117 -3.25 59.53 -8.36
C PRO A 117 -2.43 58.68 -7.41
N THR A 118 -2.94 58.56 -6.17
CA THR A 118 -2.24 57.81 -5.14
C THR A 118 -2.08 56.35 -5.54
N PHE A 119 -3.15 55.75 -6.07
CA PHE A 119 -3.14 54.35 -6.48
C PHE A 119 -3.36 54.26 -7.98
N SER A 120 -2.46 53.56 -8.67
CA SER A 120 -2.56 53.40 -10.12
C SER A 120 -1.73 52.20 -10.54
N ASP A 121 -2.25 51.44 -11.50
CA ASP A 121 -1.56 50.26 -11.98
C ASP A 121 -0.33 50.65 -12.81
N PRO A 122 0.67 49.77 -12.91
CA PRO A 122 1.87 50.10 -13.67
C PRO A 122 1.61 50.10 -15.17
N PRO A 123 2.57 50.55 -15.97
CA PRO A 123 2.42 50.44 -17.43
C PRO A 123 2.29 48.98 -17.85
N GLU A 124 1.58 48.79 -18.98
CA GLU A 124 1.17 47.45 -19.37
C GLU A 124 2.38 46.54 -19.64
N ASP A 125 3.44 47.08 -20.24
CA ASP A 125 4.60 46.26 -20.56
C ASP A 125 5.31 45.77 -19.29
N VAL A 126 5.57 46.68 -18.35
CA VAL A 126 6.27 46.30 -17.14
C VAL A 126 5.40 45.40 -16.26
N LEU A 127 4.09 45.67 -16.23
CA LEU A 127 3.19 44.80 -15.49
C LEU A 127 3.17 43.39 -16.08
N LEU A 128 3.16 43.30 -17.42
CA LEU A 128 3.27 41.99 -18.07
C LEU A 128 4.61 41.33 -17.72
N ALA A 129 5.67 42.13 -17.58
CA ALA A 129 6.95 41.58 -17.15
C ALA A 129 6.85 40.95 -15.78
N MET A 130 6.23 41.65 -14.82
CA MET A 130 6.05 41.06 -13.50
C MET A 130 5.19 39.80 -13.55
N ILE A 131 4.14 39.81 -14.36
CA ILE A 131 3.25 38.66 -14.44
C ILE A 131 3.98 37.45 -15.02
N ILE A 132 4.80 37.68 -16.06
CA ILE A 132 5.44 36.59 -16.78
C ILE A 132 6.68 36.05 -16.06
N ALA A 133 7.38 36.88 -15.29
CA ALA A 133 8.65 36.43 -14.68
C ALA A 133 8.52 35.16 -13.86
N PRO A 134 7.54 35.01 -12.95
CA PRO A 134 7.43 33.72 -12.23
C PRO A 134 7.10 32.54 -13.13
N ILE A 135 6.42 32.78 -14.26
CA ILE A 135 6.00 31.68 -15.12
C ILE A 135 7.21 30.97 -15.72
N CYS A 136 8.24 31.73 -16.08
CA CYS A 136 9.40 31.15 -16.77
C CYS A 136 10.13 30.14 -15.89
N LEU A 137 10.06 30.30 -14.57
CA LEU A 137 10.77 29.40 -13.67
C LEU A 137 10.04 28.07 -13.47
N ILE A 138 8.76 28.00 -13.83
CA ILE A 138 8.00 26.76 -13.61
C ILE A 138 8.55 25.59 -14.42
N PRO A 139 8.73 25.68 -15.74
CA PRO A 139 9.20 24.49 -16.49
C PRO A 139 10.57 24.01 -16.04
N PHE A 140 11.48 24.92 -15.72
CA PHE A 140 12.81 24.51 -15.25
C PHE A 140 12.72 23.80 -13.91
N LEU A 141 11.87 24.30 -13.00
CA LEU A 141 11.68 23.61 -11.73
C LEU A 141 11.07 22.22 -11.93
N ILE A 142 10.11 22.11 -12.86
CA ILE A 142 9.52 20.80 -13.15
C ILE A 142 10.58 19.85 -13.68
N THR A 143 11.42 20.32 -14.61
CA THR A 143 12.46 19.48 -15.16
C THR A 143 13.46 19.04 -14.09
N LEU A 144 13.85 19.97 -13.21
CA LEU A 144 14.77 19.62 -12.14
C LEU A 144 14.17 18.59 -11.19
N VAL A 145 12.88 18.76 -10.86
CA VAL A 145 12.23 17.81 -9.95
C VAL A 145 12.13 16.43 -10.59
N VAL A 146 11.75 16.37 -11.87
CA VAL A 146 11.56 15.08 -12.53
C VAL A 146 12.89 14.38 -12.75
N TRP A 147 13.91 15.11 -13.19
CA TRP A 147 15.16 14.50 -13.62
C TRP A 147 16.16 14.32 -12.48
N ARG A 148 16.49 15.40 -11.77
CA ARG A 148 17.60 15.39 -10.83
C ARG A 148 17.25 14.77 -9.48
N SER A 149 15.99 14.39 -9.25
CA SER A 149 15.58 13.81 -7.96
C SER A 149 15.89 12.32 -7.93
N LYS A 150 17.19 12.01 -7.88
CA LYS A 150 17.65 10.63 -7.77
C LYS A 150 18.85 10.58 -6.82
N ASP A 151 19.11 9.37 -6.30
CA ASP A 151 20.18 9.14 -5.35
C ASP A 151 20.05 10.02 -4.11
N GGL B 1 -10.25 40.69 -17.88
CA GGL B 1 -11.53 40.67 -17.20
C GGL B 1 -12.65 41.12 -18.14
O GGL B 1 -13.56 41.88 -17.72
CB GGL B 1 -11.50 41.56 -15.96
CG GGL B 1 -10.19 41.43 -15.18
CD GGL B 1 -10.30 41.94 -13.75
OE1 GGL B 1 -9.31 42.47 -13.17
OXT GGL B 1 -12.66 40.72 -19.34
N LYS B 2 -11.48 41.78 -13.16
CA LYS B 2 -11.70 42.16 -11.76
C LYS B 2 -11.52 40.94 -10.86
N CYS B 3 -10.38 40.26 -11.01
CA CYS B 3 -10.06 39.07 -10.23
C CYS B 3 -11.15 38.01 -10.35
N ASN B 4 -11.62 37.78 -11.58
CA ASN B 4 -12.71 36.85 -11.83
C ASN B 4 -12.28 35.38 -11.77
N THR B 5 -11.01 35.11 -11.48
CA THR B 5 -10.55 33.73 -11.38
C THR B 5 -11.23 33.02 -10.23
N ALA B 6 -11.46 31.72 -10.41
CA ALA B 6 -12.19 30.94 -9.40
C ALA B 6 -11.44 30.91 -8.08
N THR B 7 -10.11 30.92 -8.11
CA THR B 7 -9.33 30.92 -6.88
C THR B 7 -9.55 32.18 -6.08
N CYS B 8 -9.95 33.27 -6.75
CA CYS B 8 -10.17 34.57 -6.11
C CYS B 8 -11.54 34.70 -5.46
N ALA B 9 -12.37 33.65 -5.52
CA ALA B 9 -13.76 33.76 -5.07
C ALA B 9 -13.85 34.09 -3.59
N THR B 10 -12.97 33.51 -2.76
CA THR B 10 -13.00 33.79 -1.33
C THR B 10 -12.78 35.27 -1.05
N GLN B 11 -11.76 35.86 -1.67
CA GLN B 11 -11.49 37.27 -1.48
C GLN B 11 -12.60 38.13 -2.07
N ARG B 12 -13.17 37.70 -3.20
CA ARG B 12 -14.29 38.44 -3.78
C ARG B 12 -15.47 38.50 -2.81
N LEU B 13 -15.83 37.35 -2.25
CA LEU B 13 -16.94 37.31 -1.29
C LEU B 13 -16.62 38.12 -0.05
N ALA B 14 -15.38 38.03 0.45
CA ALA B 14 -14.99 38.80 1.63
C ALA B 14 -15.10 40.30 1.37
N GLU B 15 -14.61 40.75 0.22
CA GLU B 15 -14.68 42.18 -0.11
C GLU B 15 -16.13 42.63 -0.28
N PHE B 16 -16.96 41.81 -0.93
CA PHE B 16 -18.36 42.16 -1.12
C PHE B 16 -19.08 42.27 0.22
N LEU B 17 -18.80 41.35 1.14
CA LEU B 17 -19.40 41.42 2.47
C LEU B 17 -18.91 42.65 3.22
N ARG B 18 -17.61 42.93 3.16
CA ARG B 18 -17.07 44.09 3.87
C ARG B 18 -17.58 45.40 3.30
N HIS B 19 -17.97 45.42 2.02
CA HIS B 19 -18.48 46.65 1.42
C HIS B 19 -19.98 46.81 1.65
N SER B 20 -20.77 45.82 1.23
CA SER B 20 -22.22 46.00 1.14
C SER B 20 -22.96 45.61 2.41
N SER B 21 -22.45 44.66 3.19
CA SER B 21 -23.19 44.17 4.35
C SER B 21 -23.24 45.18 5.49
N ASN B 22 -22.47 46.27 5.42
CA ASN B 22 -22.46 47.30 6.45
C ASN B 22 -22.07 46.71 7.80
N ASN B 23 -20.89 46.10 7.85
CA ASN B 23 -20.34 45.41 9.02
C ASN B 23 -21.42 44.66 9.80
N PHE B 24 -22.24 43.92 9.07
CA PHE B 24 -23.32 43.11 9.63
C PHE B 24 -24.27 43.95 10.48
N GLY B 25 -24.48 45.21 10.09
CA GLY B 25 -25.36 46.10 10.81
C GLY B 25 -26.77 46.09 10.27
N PRO B 26 -27.57 47.07 10.70
CA PRO B 26 -28.95 47.16 10.21
C PRO B 26 -29.00 47.59 8.74
N ILE B 27 -30.12 47.29 8.11
CA ILE B 27 -30.30 47.60 6.70
C ILE B 27 -30.35 49.11 6.51
N LEU B 28 -29.82 49.58 5.38
CA LEU B 28 -29.83 50.98 5.01
C LEU B 28 -30.78 51.24 3.85
N PRO B 29 -31.44 52.39 3.80
CA PRO B 29 -32.34 52.69 2.69
C PRO B 29 -31.60 52.69 1.36
N PRO B 30 -32.22 52.20 0.29
CA PRO B 30 -31.55 52.20 -1.01
C PRO B 30 -31.32 53.61 -1.52
N THR B 31 -30.21 53.77 -2.24
CA THR B 31 -29.80 55.08 -2.79
C THR B 31 -30.76 55.40 -3.93
N ASN B 32 -31.23 56.65 -4.00
CA ASN B 32 -32.12 57.05 -5.11
C ASN B 32 -31.32 57.13 -6.41
N VAL B 33 -31.81 56.48 -7.46
CA VAL B 33 -31.15 56.53 -8.80
C VAL B 33 -32.20 57.09 -9.77
N GLY B 34 -33.24 57.77 -9.26
CA GLY B 34 -34.37 58.25 -10.08
C GLY B 34 -34.13 59.55 -10.81
N SER B 35 -35.21 60.21 -11.28
CA SER B 35 -35.11 61.43 -12.13
C SER B 35 -34.38 62.58 -11.42
N ASN B 36 -34.63 62.78 -10.12
CA ASN B 36 -33.94 63.85 -9.37
C ASN B 36 -32.43 63.58 -9.37
N THR B 37 -32.03 62.30 -9.38
CA THR B 37 -30.61 61.92 -9.32
C THR B 37 -29.87 62.13 -10.65
N PRO B 38 -28.53 62.14 -10.65
CA PRO B 38 -27.75 62.38 -11.87
C PRO B 38 -27.92 61.38 -13.00
N NH2 B 39 -28.06 60.09 -12.66
N PHE C 18 -17.28 57.03 8.22
CA PHE C 18 -17.52 55.70 7.67
C PHE C 18 -17.60 55.72 6.14
N LEU C 19 -18.47 54.89 5.58
CA LEU C 19 -18.54 54.75 4.13
C LEU C 19 -19.01 56.04 3.45
N TYR C 20 -19.86 56.81 4.12
CA TYR C 20 -20.40 58.03 3.50
C TYR C 20 -19.30 59.07 3.28
N VAL C 21 -18.45 59.29 4.28
CA VAL C 21 -17.42 60.32 4.18
C VAL C 21 -16.40 59.95 3.11
N VAL C 22 -15.95 58.69 3.11
CA VAL C 22 -14.96 58.26 2.11
C VAL C 22 -15.55 58.33 0.71
N GLY C 23 -16.80 57.90 0.55
CA GLY C 23 -17.44 58.00 -0.75
C GLY C 23 -17.58 59.42 -1.24
N ARG C 24 -17.97 60.33 -0.34
CA ARG C 24 -18.10 61.73 -0.72
C ARG C 24 -16.74 62.32 -1.11
N LYS C 25 -15.69 62.00 -0.35
CA LYS C 25 -14.35 62.48 -0.69
C LYS C 25 -13.90 61.96 -2.05
N LYS C 26 -14.16 60.67 -2.32
CA LYS C 26 -13.80 60.11 -3.62
C LYS C 26 -14.59 60.77 -4.74
N MET C 27 -15.87 61.05 -4.50
CA MET C 27 -16.70 61.71 -5.52
C MET C 27 -16.17 63.11 -5.81
N MET C 28 -15.80 63.86 -4.77
CA MET C 28 -15.26 65.19 -4.98
C MET C 28 -13.93 65.14 -5.72
N ASP C 29 -13.06 64.17 -5.38
CA ASP C 29 -11.80 64.03 -6.09
C ASP C 29 -12.03 63.70 -7.56
N ALA C 30 -12.98 62.81 -7.85
CA ALA C 30 -13.29 62.47 -9.22
C ALA C 30 -13.85 63.68 -9.97
N GLN C 31 -14.70 64.47 -9.32
CA GLN C 31 -15.22 65.68 -9.94
C GLN C 31 -14.09 66.66 -10.27
N TYR C 32 -13.16 66.84 -9.33
CA TYR C 32 -12.01 67.71 -9.57
C TYR C 32 -11.22 67.22 -10.77
N LYS C 33 -10.89 65.93 -10.80
CA LYS C 33 -10.07 65.39 -11.89
C LYS C 33 -10.77 65.53 -13.23
N CYS C 34 -12.07 65.21 -13.28
CA CYS C 34 -12.80 65.28 -14.54
C CYS C 34 -12.92 66.72 -15.03
N TYR C 35 -13.22 67.66 -14.13
CA TYR C 35 -13.36 69.05 -14.54
C TYR C 35 -12.01 69.65 -14.93
N ASP C 36 -10.91 69.16 -14.34
CA ASP C 36 -9.60 69.63 -14.76
C ASP C 36 -9.22 69.06 -16.12
N ARG C 37 -9.57 67.81 -16.40
CA ARG C 37 -9.24 67.20 -17.68
C ARG C 37 -10.22 67.58 -18.79
N MET C 38 -11.33 68.24 -18.44
CA MET C 38 -12.33 68.59 -19.44
C MET C 38 -11.77 69.51 -20.52
N GLN C 39 -11.03 70.54 -20.13
CA GLN C 39 -10.64 71.60 -21.05
C GLN C 39 -9.24 71.43 -21.63
N GLN C 40 -8.52 70.38 -21.25
CA GLN C 40 -7.16 70.17 -21.74
C GLN C 40 -7.09 69.21 -22.92
N LEU C 41 -8.23 68.74 -23.41
CA LEU C 41 -8.28 67.81 -24.53
C LEU C 41 -8.91 68.47 -25.75
N PRO C 42 -8.54 68.05 -26.95
CA PRO C 42 -9.13 68.65 -28.16
C PRO C 42 -10.51 68.09 -28.45
N ALA C 43 -11.42 68.98 -28.83
CA ALA C 43 -12.79 68.60 -29.10
C ALA C 43 -12.90 67.93 -30.47
N TYR C 44 -13.73 66.89 -30.55
CA TYR C 44 -13.94 66.17 -31.80
C TYR C 44 -15.29 65.44 -31.79
N PRO C 49 -22.00 66.36 -35.11
CA PRO C 49 -23.18 65.92 -34.37
C PRO C 49 -22.83 65.07 -33.16
N TYR C 50 -21.60 65.20 -32.66
CA TYR C 50 -21.13 64.44 -31.52
C TYR C 50 -21.61 65.09 -30.22
N CYS C 51 -22.05 64.26 -29.27
CA CYS C 51 -22.48 64.77 -27.99
C CYS C 51 -21.30 65.34 -27.21
N ASN C 52 -21.50 66.50 -26.59
CA ASN C 52 -20.43 67.15 -25.85
C ASN C 52 -20.12 66.41 -24.56
N ARG C 53 -18.84 66.36 -24.21
CA ARG C 53 -18.42 65.75 -22.96
C ARG C 53 -18.97 66.55 -21.78
N THR C 54 -19.39 65.83 -20.74
CA THR C 54 -20.02 66.48 -19.59
C THR C 54 -19.75 65.67 -18.33
N TRP C 55 -19.85 66.35 -17.19
CA TRP C 55 -19.79 65.73 -15.88
C TRP C 55 -21.22 65.62 -15.37
N ASP C 56 -21.80 64.42 -15.45
CA ASP C 56 -23.20 64.24 -15.09
C ASP C 56 -23.47 64.45 -13.61
N GLY C 57 -22.43 64.49 -12.79
CA GLY C 57 -22.56 64.64 -11.35
C GLY C 57 -21.92 63.51 -10.56
N TRP C 58 -21.78 62.34 -11.15
CA TRP C 58 -21.13 61.20 -10.51
C TRP C 58 -19.97 60.62 -11.31
N LEU C 59 -20.07 60.59 -12.64
CA LEU C 59 -19.08 59.97 -13.50
C LEU C 59 -18.73 60.94 -14.61
N CYS C 60 -17.54 60.78 -15.18
CA CYS C 60 -17.06 61.63 -16.25
C CYS C 60 -17.25 60.93 -17.59
N TRP C 61 -17.82 61.65 -18.55
CA TRP C 61 -18.08 61.13 -19.89
C TRP C 61 -17.36 61.99 -20.91
N ASP C 62 -16.73 61.34 -21.89
CA ASP C 62 -16.07 62.04 -22.99
C ASP C 62 -17.03 62.21 -24.16
N ASP C 63 -16.54 62.89 -25.20
CA ASP C 63 -17.35 63.11 -26.38
C ASP C 63 -17.58 61.81 -27.13
N THR C 64 -18.82 61.61 -27.57
CA THR C 64 -19.21 60.43 -28.33
C THR C 64 -19.99 60.87 -29.56
N PRO C 65 -19.88 60.13 -30.66
CA PRO C 65 -20.64 60.47 -31.86
C PRO C 65 -22.12 60.15 -31.69
N ALA C 66 -22.91 60.61 -32.66
CA ALA C 66 -24.36 60.45 -32.60
C ALA C 66 -24.74 58.98 -32.68
N GLY C 67 -25.77 58.61 -31.93
CA GLY C 67 -26.27 57.24 -31.94
C GLY C 67 -25.29 56.21 -31.41
N VAL C 68 -24.69 56.49 -30.25
CA VAL C 68 -23.73 55.58 -29.64
C VAL C 68 -24.09 55.40 -28.17
N LEU C 69 -24.10 54.14 -27.73
CA LEU C 69 -24.39 53.78 -26.35
C LEU C 69 -23.09 53.33 -25.68
N SER C 70 -22.74 53.98 -24.57
CA SER C 70 -21.48 53.76 -23.90
C SER C 70 -21.69 52.98 -22.60
N TYR C 71 -20.58 52.49 -22.05
CA TYR C 71 -20.60 51.74 -20.81
C TYR C 71 -19.46 52.20 -19.92
N GLN C 72 -19.65 52.02 -18.61
CA GLN C 72 -18.63 52.33 -17.62
C GLN C 72 -19.03 51.68 -16.30
N PHE C 73 -18.04 51.16 -15.58
CA PHE C 73 -18.31 50.42 -14.35
C PHE C 73 -18.90 51.35 -13.28
N CYS C 74 -19.70 50.76 -12.40
CA CYS C 74 -20.36 51.55 -11.36
C CYS C 74 -19.32 52.09 -10.38
N PRO C 75 -19.55 53.28 -9.80
CA PRO C 75 -18.57 53.85 -8.87
C PRO C 75 -18.59 53.20 -7.49
N ASP C 76 -17.82 53.77 -6.55
CA ASP C 76 -17.69 53.22 -5.22
C ASP C 76 -18.15 54.27 -4.20
N TYR C 77 -19.29 54.90 -4.46
CA TYR C 77 -19.77 55.99 -3.62
C TYR C 77 -20.77 55.54 -2.55
N PHE C 78 -21.53 54.48 -2.80
CA PHE C 78 -22.56 54.06 -1.87
C PHE C 78 -22.45 52.58 -1.56
N PRO C 79 -22.81 52.17 -0.34
CA PRO C 79 -22.69 50.74 0.02
C PRO C 79 -23.53 49.82 -0.85
N ASP C 80 -24.73 50.26 -1.26
CA ASP C 80 -25.56 49.40 -2.10
C ASP C 80 -25.02 49.25 -3.51
N PHE C 81 -24.13 50.13 -3.94
CA PHE C 81 -23.49 50.01 -5.23
C PHE C 81 -22.33 49.02 -5.15
N ASP C 82 -22.04 48.38 -6.29
CA ASP C 82 -20.90 47.49 -6.41
C ASP C 82 -20.18 47.75 -7.72
N PRO C 83 -18.87 47.49 -7.77
CA PRO C 83 -18.10 47.84 -8.98
C PRO C 83 -18.35 46.90 -10.15
N SER C 84 -18.97 45.74 -9.93
CA SER C 84 -19.04 44.75 -11.00
C SER C 84 -20.00 45.14 -12.11
N GLU C 85 -21.08 45.85 -11.78
CA GLU C 85 -22.06 46.24 -12.78
C GLU C 85 -21.55 47.42 -13.60
N LYS C 86 -22.38 47.87 -14.56
CA LYS C 86 -22.00 48.90 -15.51
C LYS C 86 -23.04 50.00 -15.57
N VAL C 87 -22.59 51.19 -15.92
CA VAL C 87 -23.46 52.34 -16.10
C VAL C 87 -23.51 52.67 -17.59
N THR C 88 -24.65 53.16 -18.05
CA THR C 88 -24.81 53.45 -19.47
C THR C 88 -25.41 54.84 -19.64
N LYS C 89 -24.99 55.52 -20.71
CA LYS C 89 -25.53 56.81 -21.11
C LYS C 89 -25.57 56.85 -22.63
N TYR C 90 -26.72 57.23 -23.18
CA TYR C 90 -26.93 57.20 -24.62
C TYR C 90 -26.87 58.61 -25.20
N CYS C 91 -26.44 58.69 -26.46
CA CYS C 91 -26.36 59.93 -27.21
C CYS C 91 -27.22 59.81 -28.46
N ASP C 92 -27.95 60.88 -28.78
CA ASP C 92 -28.83 60.89 -29.95
C ASP C 92 -27.99 60.82 -31.23
N VAL C 96 -27.12 64.82 -28.71
CA VAL C 96 -28.04 65.08 -27.62
C VAL C 96 -28.07 63.88 -26.66
N TRP C 97 -27.70 64.11 -25.41
CA TRP C 97 -27.74 63.07 -24.40
C TRP C 97 -29.18 62.65 -24.12
N PHE C 98 -29.33 61.44 -23.58
CA PHE C 98 -30.66 60.90 -23.29
C PHE C 98 -31.41 61.81 -22.32
N LYS C 99 -32.68 62.04 -22.61
CA LYS C 99 -33.53 62.94 -21.85
C LYS C 99 -34.54 62.11 -21.07
N HIS C 100 -34.74 62.46 -19.80
CA HIS C 100 -35.68 61.72 -18.96
C HIS C 100 -37.09 61.81 -19.53
N PRO C 101 -37.79 60.68 -19.68
CA PRO C 101 -39.16 60.75 -20.23
C PRO C 101 -40.11 61.60 -19.40
N GLU C 102 -39.91 61.66 -18.09
CA GLU C 102 -40.78 62.44 -17.22
C GLU C 102 -40.19 63.82 -16.90
N ASN C 103 -38.94 63.85 -16.44
CA ASN C 103 -38.35 65.10 -16.00
C ASN C 103 -37.82 65.93 -17.15
N ASN C 104 -37.63 65.33 -18.33
CA ASN C 104 -37.16 66.04 -19.52
C ASN C 104 -35.80 66.69 -19.30
N ARG C 105 -34.90 66.00 -18.60
CA ARG C 105 -33.56 66.47 -18.34
C ARG C 105 -32.57 65.36 -18.67
N THR C 106 -31.32 65.73 -18.93
CA THR C 106 -30.29 64.73 -19.17
C THR C 106 -30.19 63.79 -17.98
N TRP C 107 -30.21 62.48 -18.27
CA TRP C 107 -30.24 61.46 -17.23
C TRP C 107 -29.25 60.36 -17.59
N SER C 108 -28.78 59.66 -16.55
CA SER C 108 -27.88 58.54 -16.69
C SER C 108 -28.47 57.33 -15.96
N ASN C 109 -28.24 56.15 -16.53
CA ASN C 109 -28.83 54.91 -16.02
C ASN C 109 -27.88 54.26 -15.03
N TYR C 110 -28.08 54.52 -13.75
CA TYR C 110 -27.35 53.87 -12.67
C TYR C 110 -28.15 52.74 -12.03
N THR C 111 -29.29 52.35 -12.64
CA THR C 111 -30.19 51.40 -11.99
C THR C 111 -29.53 50.04 -11.82
N MET C 112 -28.71 49.62 -12.78
CA MET C 112 -28.08 48.29 -12.71
C MET C 112 -27.11 48.18 -11.55
N CYS C 113 -26.66 49.32 -11.01
CA CYS C 113 -25.65 49.27 -9.94
C CYS C 113 -26.20 48.63 -8.68
N ASN C 114 -27.43 48.98 -8.29
CA ASN C 114 -28.01 48.53 -7.03
C ASN C 114 -29.31 47.77 -7.21
N ALA C 115 -29.60 47.26 -8.40
CA ALA C 115 -30.85 46.55 -8.62
C ALA C 115 -30.81 45.16 -7.99
N PHE C 116 -29.68 44.46 -8.11
CA PHE C 116 -29.56 43.08 -7.66
C PHE C 116 -28.76 42.93 -6.37
N THR C 117 -28.49 44.04 -5.67
CA THR C 117 -27.69 43.97 -4.46
C THR C 117 -28.30 43.16 -3.33
N PRO C 118 -29.59 43.32 -2.96
CA PRO C 118 -30.09 42.60 -1.77
C PRO C 118 -30.03 41.09 -1.88
N GLU C 119 -30.46 40.52 -3.01
CA GLU C 119 -30.41 39.07 -3.17
C GLU C 119 -28.98 38.57 -3.22
N LYS C 120 -28.07 39.33 -3.83
CA LYS C 120 -26.66 38.95 -3.85
C LYS C 120 -26.10 38.92 -2.43
N LEU C 121 -26.44 39.91 -1.60
CA LEU C 121 -25.99 39.91 -0.22
C LEU C 121 -26.58 38.75 0.57
N LYS C 122 -27.85 38.44 0.32
CA LYS C 122 -28.49 37.32 0.99
C LYS C 122 -27.80 36.00 0.64
N ASN C 123 -27.44 35.82 -0.63
CA ASN C 123 -26.69 34.63 -1.02
C ASN C 123 -25.28 34.63 -0.43
N ALA C 124 -24.67 35.82 -0.34
CA ALA C 124 -23.32 35.93 0.20
C ALA C 124 -23.27 35.54 1.67
N TYR C 125 -24.32 35.86 2.43
CA TYR C 125 -24.38 35.43 3.83
C TYR C 125 -24.31 33.91 3.94
N VAL C 126 -25.11 33.21 3.13
CA VAL C 126 -25.11 31.75 3.14
C VAL C 126 -23.76 31.22 2.68
N LEU C 127 -23.16 31.85 1.68
CA LEU C 127 -21.84 31.42 1.22
C LEU C 127 -20.80 31.57 2.33
N TYR C 128 -20.86 32.67 3.08
CA TYR C 128 -19.93 32.89 4.19
C TYR C 128 -20.09 31.83 5.26
N TYR C 129 -21.35 31.54 5.63
CA TYR C 129 -21.59 30.50 6.63
C TYR C 129 -21.11 29.13 6.14
N LEU C 130 -21.37 28.81 4.87
CA LEU C 130 -20.92 27.55 4.31
C LEU C 130 -19.40 27.45 4.30
N ALA C 131 -18.73 28.55 3.96
CA ALA C 131 -17.26 28.56 3.98
C ALA C 131 -16.73 28.28 5.37
N ILE C 132 -17.30 28.94 6.38
CA ILE C 132 -16.85 28.72 7.76
C ILE C 132 -17.04 27.26 8.15
N VAL C 133 -18.23 26.72 7.88
CA VAL C 133 -18.53 25.34 8.28
C VAL C 133 -17.61 24.36 7.57
N GLY C 134 -17.42 24.55 6.27
CA GLY C 134 -16.56 23.64 5.51
C GLY C 134 -15.12 23.68 5.96
N HIS C 135 -14.60 24.88 6.22
CA HIS C 135 -13.22 25.00 6.67
C HIS C 135 -13.04 24.39 8.07
N SER C 136 -14.02 24.59 8.96
CA SER C 136 -13.94 23.97 10.27
C SER C 136 -13.95 22.45 10.18
N LEU C 137 -14.84 21.89 9.34
CA LEU C 137 -14.87 20.45 9.16
C LEU C 137 -13.57 19.93 8.55
N SER C 138 -13.01 20.68 7.60
CA SER C 138 -11.74 20.30 7.00
C SER C 138 -10.63 20.26 8.05
N ILE C 139 -10.57 21.26 8.92
CA ILE C 139 -9.58 21.26 10.00
C ILE C 139 -9.77 20.05 10.89
N PHE C 140 -11.03 19.78 11.28
CA PHE C 140 -11.30 18.68 12.20
C PHE C 140 -10.89 17.34 11.60
N THR C 141 -11.16 17.13 10.31
CA THR C 141 -10.80 15.86 9.70
C THR C 141 -9.29 15.76 9.42
N LEU C 142 -8.68 16.87 9.01
CA LEU C 142 -7.26 16.85 8.66
C LEU C 142 -6.37 16.65 9.88
N VAL C 143 -6.73 17.22 11.04
CA VAL C 143 -5.92 17.00 12.23
C VAL C 143 -5.96 15.52 12.62
N ILE C 144 -7.13 14.88 12.51
CA ILE C 144 -7.23 13.46 12.83
C ILE C 144 -6.44 12.63 11.83
N SER C 145 -6.51 12.98 10.55
CA SER C 145 -5.75 12.25 9.54
C SER C 145 -4.24 12.36 9.80
N LEU C 146 -3.77 13.57 10.13
CA LEU C 146 -2.34 13.74 10.43
C LEU C 146 -1.94 12.96 11.67
N GLY C 147 -2.78 12.96 12.71
CA GLY C 147 -2.47 12.19 13.90
C GLY C 147 -2.41 10.69 13.62
N ILE C 148 -3.34 10.20 12.81
CA ILE C 148 -3.33 8.78 12.45
C ILE C 148 -2.08 8.42 11.66
N PHE C 149 -1.72 9.28 10.70
CA PHE C 149 -0.52 9.03 9.91
C PHE C 149 0.74 9.04 10.77
N VAL C 150 0.82 9.98 11.71
CA VAL C 150 2.02 10.09 12.54
C VAL C 150 2.12 8.93 13.52
N PHE C 151 1.01 8.56 14.16
CA PHE C 151 1.07 7.57 15.23
C PHE C 151 1.43 6.19 14.69
N PHE C 152 0.89 5.83 13.51
CA PHE C 152 1.21 4.55 12.88
C PHE C 152 2.54 4.68 12.14
N ARG C 153 3.55 3.96 12.63
CA ARG C 153 4.87 3.98 11.99
C ARG C 153 5.03 2.94 10.88
N SER C 154 4.08 2.01 10.76
CA SER C 154 4.20 0.95 9.76
C SER C 154 3.77 1.39 8.37
N LEU C 155 3.18 2.57 8.22
CA LEU C 155 2.73 3.06 6.93
C LEU C 155 3.74 3.97 6.25
N GLY C 156 4.92 4.15 6.83
CA GLY C 156 5.85 5.14 6.32
C GLY C 156 6.29 4.84 4.89
N CYS C 157 6.29 5.88 4.06
CA CYS C 157 6.76 5.83 2.68
C CYS C 157 6.77 7.27 2.16
N GLN C 158 7.27 7.43 0.94
CA GLN C 158 7.32 8.77 0.34
C GLN C 158 5.92 9.34 0.15
N ARG C 159 4.98 8.50 -0.27
CA ARG C 159 3.60 8.96 -0.46
C ARG C 159 3.02 9.48 0.84
N VAL C 160 3.30 8.81 1.96
CA VAL C 160 2.78 9.24 3.25
C VAL C 160 3.40 10.58 3.65
N THR C 161 4.69 10.76 3.39
CA THR C 161 5.32 12.04 3.71
C THR C 161 4.73 13.18 2.89
N LEU C 162 4.52 12.96 1.58
CA LEU C 162 3.89 13.98 0.76
C LEU C 162 2.47 14.26 1.22
N HIS C 163 1.73 13.21 1.60
CA HIS C 163 0.38 13.40 2.13
C HIS C 163 0.40 14.21 3.41
N LYS C 164 1.38 13.94 4.29
CA LYS C 164 1.49 14.69 5.54
C LYS C 164 1.76 16.16 5.28
N ASN C 165 2.67 16.45 4.34
CA ASN C 165 2.94 17.85 4.01
C ASN C 165 1.73 18.53 3.40
N MET C 166 1.01 17.83 2.53
CA MET C 166 -0.20 18.38 1.93
C MET C 166 -1.27 18.64 2.99
N PHE C 167 -1.40 17.72 3.95
CA PHE C 167 -2.35 17.91 5.04
C PHE C 167 -1.97 19.11 5.90
N LEU C 168 -0.67 19.27 6.18
CA LEU C 168 -0.22 20.41 6.98
C LEU C 168 -0.50 21.73 6.29
N THR C 169 -0.23 21.82 4.98
CA THR C 169 -0.48 23.07 4.28
C THR C 169 -1.97 23.34 4.15
N TYR C 170 -2.78 22.28 3.99
CA TYR C 170 -4.23 22.44 4.02
C TYR C 170 -4.69 23.01 5.35
N ILE C 171 -4.16 22.46 6.45
CA ILE C 171 -4.56 22.92 7.79
C ILE C 171 -4.19 24.38 7.97
N LEU C 172 -2.97 24.75 7.59
CA LEU C 172 -2.52 26.13 7.76
C LEU C 172 -3.35 27.10 6.93
N ASN C 173 -3.61 26.73 5.66
CA ASN C 173 -4.41 27.61 4.80
C ASN C 173 -5.82 27.77 5.32
N SER C 174 -6.45 26.67 5.75
CA SER C 174 -7.82 26.75 6.26
C SER C 174 -7.88 27.56 7.54
N MET C 175 -6.91 27.40 8.44
CA MET C 175 -6.89 28.18 9.67
C MET C 175 -6.71 29.67 9.37
N ILE C 176 -5.83 30.00 8.43
CA ILE C 176 -5.63 31.40 8.07
C ILE C 176 -6.90 31.98 7.46
N ILE C 177 -7.56 31.21 6.60
CA ILE C 177 -8.80 31.68 5.98
C ILE C 177 -9.88 31.91 7.04
N ILE C 178 -9.98 30.99 8.00
CA ILE C 178 -10.97 31.15 9.08
C ILE C 178 -10.67 32.39 9.89
N ILE C 179 -9.40 32.62 10.23
CA ILE C 179 -9.02 33.79 11.00
C ILE C 179 -9.37 35.07 10.25
N HIS C 180 -9.07 35.10 8.95
CA HIS C 180 -9.39 36.29 8.14
C HIS C 180 -10.90 36.52 8.06
N LEU C 181 -11.67 35.44 7.88
CA LEU C 181 -13.11 35.59 7.69
C LEU C 181 -13.80 36.02 8.99
N VAL C 182 -13.45 35.40 10.10
CA VAL C 182 -14.16 35.64 11.35
C VAL C 182 -13.87 37.03 11.91
N GLU C 183 -12.61 37.48 11.85
CA GLU C 183 -12.19 38.70 12.54
C GLU C 183 -11.98 39.87 11.60
N VAL C 184 -11.20 39.70 10.54
CA VAL C 184 -10.82 40.84 9.69
C VAL C 184 -12.02 41.41 8.96
N VAL C 185 -12.83 40.54 8.36
CA VAL C 185 -13.94 40.97 7.49
C VAL C 185 -14.97 41.79 8.26
N PRO C 186 -15.49 41.35 9.41
CA PRO C 186 -16.55 42.14 10.07
C PRO C 186 -16.04 43.43 10.68
N ASN C 187 -14.81 43.44 11.21
CA ASN C 187 -14.30 44.62 11.89
C ASN C 187 -13.85 45.65 10.86
N GLY C 188 -14.48 46.82 10.87
CA GLY C 188 -14.15 47.88 9.95
C GLY C 188 -13.19 48.90 10.52
N GLU C 189 -13.27 49.14 11.83
CA GLU C 189 -12.38 50.09 12.47
C GLU C 189 -10.93 49.61 12.41
N LEU C 190 -10.69 48.30 12.51
CA LEU C 190 -9.34 47.77 12.39
C LEU C 190 -8.75 48.08 11.01
N VAL C 191 -9.56 47.92 9.97
CA VAL C 191 -9.10 48.25 8.62
C VAL C 191 -8.90 49.76 8.49
N ARG C 192 -9.76 50.55 9.14
CA ARG C 192 -9.63 52.00 9.08
C ARG C 192 -8.32 52.47 9.71
N ARG C 193 -7.92 51.86 10.82
CA ARG C 193 -6.66 52.23 11.47
C ARG C 193 -5.47 51.82 10.62
N ASP C 194 -5.57 50.67 9.93
CA ASP C 194 -4.54 50.13 9.05
C ASP C 194 -3.22 49.90 9.78
N PRO C 195 -3.14 48.92 10.67
CA PRO C 195 -1.85 48.55 11.25
C PRO C 195 -1.06 47.67 10.29
N VAL C 196 0.20 47.44 10.64
CA VAL C 196 1.06 46.57 9.84
C VAL C 196 0.62 45.11 9.94
N SER C 197 -0.14 44.77 10.97
CA SER C 197 -0.66 43.41 11.10
C SER C 197 -1.55 43.05 9.92
N CYS C 198 -2.30 44.04 9.40
CA CYS C 198 -3.07 43.84 8.18
C CYS C 198 -2.21 43.26 7.07
N LYS C 199 -1.15 43.97 6.70
CA LYS C 199 -0.31 43.55 5.58
C LYS C 199 0.43 42.26 5.90
N ILE C 200 0.86 42.07 7.14
CA ILE C 200 1.56 40.85 7.52
C ILE C 200 0.64 39.64 7.35
N LEU C 201 -0.60 39.75 7.84
CA LEU C 201 -1.56 38.66 7.73
C LEU C 201 -1.91 38.40 6.27
N HIS C 202 -2.04 39.47 5.48
CA HIS C 202 -2.35 39.28 4.06
C HIS C 202 -1.21 38.56 3.34
N PHE C 203 0.03 38.93 3.65
CA PHE C 203 1.19 38.25 3.05
C PHE C 203 1.23 36.78 3.46
N PHE C 204 0.96 36.49 4.73
CA PHE C 204 0.91 35.10 5.18
C PHE C 204 -0.19 34.33 4.45
N HIS C 205 -1.36 34.94 4.28
CA HIS C 205 -2.46 34.28 3.60
C HIS C 205 -2.09 33.95 2.15
N GLN C 206 -1.52 34.93 1.44
CA GLN C 206 -1.13 34.69 0.05
C GLN C 206 -0.07 33.62 -0.05
N TYR C 207 0.94 33.66 0.84
CA TYR C 207 1.99 32.66 0.81
C TYR C 207 1.45 31.27 1.09
N MET C 208 0.55 31.15 2.06
CA MET C 208 -0.01 29.84 2.39
C MET C 208 -0.88 29.30 1.26
N MET C 209 -1.67 30.16 0.61
CA MET C 209 -2.50 29.71 -0.51
C MET C 209 -1.62 29.25 -1.67
N ALA C 210 -0.58 30.02 -1.99
CA ALA C 210 0.34 29.62 -3.06
C ALA C 210 1.03 28.31 -2.72
N CYS C 211 1.43 28.14 -1.45
CA CYS C 211 2.07 26.89 -1.03
C CYS C 211 1.12 25.72 -1.17
N ASN C 212 -0.16 25.90 -0.82
CA ASN C 212 -1.13 24.83 -0.97
C ASN C 212 -1.29 24.43 -2.42
N TYR C 213 -1.43 25.42 -3.31
CA TYR C 213 -1.57 25.11 -4.73
C TYR C 213 -0.33 24.43 -5.29
N PHE C 214 0.86 24.90 -4.91
CA PHE C 214 2.08 24.27 -5.41
C PHE C 214 2.31 22.90 -4.81
N TRP C 215 1.80 22.63 -3.60
CA TRP C 215 1.89 21.27 -3.07
C TRP C 215 0.91 20.35 -3.77
N MET C 216 -0.26 20.85 -4.17
CA MET C 216 -1.12 20.08 -5.06
C MET C 216 -0.40 19.76 -6.37
N LEU C 217 0.32 20.74 -6.92
CA LEU C 217 1.12 20.50 -8.11
C LEU C 217 2.18 19.43 -7.87
N CYS C 218 2.85 19.49 -6.72
CA CYS C 218 3.87 18.50 -6.40
C CYS C 218 3.27 17.10 -6.28
N GLU C 219 2.10 16.99 -5.66
CA GLU C 219 1.42 15.70 -5.59
C GLU C 219 1.07 15.19 -6.97
N GLY C 220 0.60 16.08 -7.85
CA GLY C 220 0.36 15.68 -9.23
C GLY C 220 1.61 15.19 -9.93
N ILE C 221 2.74 15.88 -9.71
CA ILE C 221 4.00 15.47 -10.32
C ILE C 221 4.40 14.08 -9.84
N TYR C 222 4.30 13.85 -8.52
CA TYR C 222 4.69 12.57 -7.97
C TYR C 222 3.77 11.46 -8.47
N LEU C 223 2.48 11.75 -8.62
CA LEU C 223 1.56 10.75 -9.16
C LEU C 223 1.86 10.46 -10.63
N HIS C 224 2.18 11.48 -11.41
CA HIS C 224 2.53 11.27 -12.81
C HIS C 224 3.79 10.43 -12.94
N THR C 225 4.79 10.72 -12.12
CA THR C 225 5.96 9.86 -12.04
C THR C 225 5.59 8.55 -11.32
N LEU C 226 6.46 7.56 -11.45
CA LEU C 226 6.33 6.25 -10.82
C LEU C 226 5.21 5.42 -11.43
N ILE C 227 4.41 5.98 -12.32
CA ILE C 227 3.33 5.25 -12.98
C ILE C 227 3.56 5.29 -14.49
N VAL C 228 3.81 6.49 -15.01
CA VAL C 228 4.05 6.67 -16.44
C VAL C 228 5.53 6.61 -16.78
N VAL C 229 6.37 7.31 -16.00
CA VAL C 229 7.81 7.32 -16.20
C VAL C 229 8.49 6.99 -14.88
N ALA C 230 9.72 6.48 -15.00
CA ALA C 230 10.54 6.12 -13.83
C ALA C 230 9.80 5.16 -12.90
N VAL C 231 9.18 4.14 -13.51
CA VAL C 231 8.41 3.18 -12.73
C VAL C 231 9.31 2.33 -11.85
N PHE C 232 10.47 1.91 -12.40
CA PHE C 232 11.37 1.05 -11.66
C PHE C 232 12.06 1.75 -10.49
N THR C 233 11.99 3.08 -10.43
CA THR C 233 12.65 3.81 -9.36
C THR C 233 12.03 3.48 -8.01
N GLU C 234 12.89 3.33 -7.01
CA GLU C 234 12.47 2.99 -5.65
C GLU C 234 12.37 4.18 -4.72
N LYS C 235 13.20 5.22 -4.92
CA LYS C 235 13.31 6.30 -3.97
C LYS C 235 13.79 7.54 -4.71
N GLN C 236 13.39 8.70 -4.19
CA GLN C 236 13.73 9.98 -4.82
C GLN C 236 14.15 10.96 -3.73
N ARG C 237 14.91 11.97 -4.14
CA ARG C 237 15.35 13.01 -3.23
C ARG C 237 14.21 14.02 -3.07
N LEU C 238 13.71 14.16 -1.84
CA LEU C 238 12.57 15.00 -1.54
C LEU C 238 12.95 16.46 -1.35
N ARG C 239 14.23 16.79 -1.46
CA ARG C 239 14.65 18.19 -1.33
C ARG C 239 14.07 19.05 -2.45
N TRP C 240 14.02 18.52 -3.68
CA TRP C 240 13.43 19.26 -4.78
C TRP C 240 11.93 19.49 -4.56
N TYR C 241 11.23 18.46 -4.05
CA TYR C 241 9.81 18.63 -3.75
C TYR C 241 9.59 19.68 -2.68
N TYR C 242 10.44 19.68 -1.64
CA TYR C 242 10.34 20.69 -0.59
C TYR C 242 10.59 22.08 -1.14
N LEU C 243 11.61 22.22 -2.00
CA LEU C 243 11.91 23.52 -2.59
C LEU C 243 10.77 24.01 -3.47
N LEU C 244 10.17 23.13 -4.27
CA LEU C 244 9.08 23.54 -5.15
C LEU C 244 7.82 23.85 -4.37
N GLY C 245 7.57 23.15 -3.26
CA GLY C 245 6.36 23.35 -2.49
C GLY C 245 6.42 24.54 -1.54
N TRP C 246 7.41 24.54 -0.64
CA TRP C 246 7.50 25.58 0.37
C TRP C 246 8.37 26.76 -0.04
N GLY C 247 9.31 26.56 -0.96
CA GLY C 247 10.27 27.59 -1.28
C GLY C 247 9.86 28.53 -2.40
N PHE C 248 9.40 27.97 -3.51
CA PHE C 248 9.07 28.79 -4.68
C PHE C 248 8.00 29.85 -4.41
N PRO C 249 6.90 29.58 -3.70
CA PRO C 249 5.86 30.62 -3.52
C PRO C 249 6.35 31.89 -2.83
N LEU C 250 7.57 31.91 -2.31
CA LEU C 250 8.09 33.13 -1.70
C LEU C 250 8.37 34.23 -2.72
N VAL C 251 8.78 33.86 -3.92
CA VAL C 251 9.17 34.82 -4.95
C VAL C 251 7.96 35.61 -5.46
N PRO C 252 6.89 34.97 -5.95
CA PRO C 252 5.75 35.77 -6.44
C PRO C 252 5.13 36.63 -5.37
N THR C 253 5.03 36.14 -4.13
CA THR C 253 4.47 36.93 -3.05
C THR C 253 5.33 38.15 -2.76
N THR C 254 6.65 37.97 -2.74
CA THR C 254 7.55 39.10 -2.49
C THR C 254 7.46 40.13 -3.61
N ILE C 255 7.41 39.67 -4.87
CA ILE C 255 7.32 40.61 -5.99
C ILE C 255 6.00 41.37 -5.92
N HIS C 256 4.91 40.66 -5.66
CA HIS C 256 3.61 41.32 -5.55
C HIS C 256 3.60 42.35 -4.41
N ALA C 257 4.19 41.99 -3.27
CA ALA C 257 4.21 42.91 -2.14
C ALA C 257 5.02 44.16 -2.46
N ILE C 258 6.20 43.99 -3.06
CA ILE C 258 7.05 45.14 -3.32
C ILE C 258 6.45 46.04 -4.41
N THR C 259 5.78 45.46 -5.41
CA THR C 259 5.14 46.31 -6.41
C THR C 259 3.86 46.96 -5.87
N ARG C 260 3.15 46.27 -4.99
CA ARG C 260 1.90 46.80 -4.45
C ARG C 260 2.14 47.93 -3.47
N ALA C 261 3.20 47.83 -2.67
CA ALA C 261 3.50 48.89 -1.71
C ALA C 261 3.80 50.20 -2.42
N VAL C 262 4.50 50.14 -3.55
CA VAL C 262 4.93 51.36 -4.23
C VAL C 262 3.85 51.84 -5.22
N TYR C 263 3.00 50.94 -5.72
CA TYR C 263 1.99 51.36 -6.69
C TYR C 263 0.60 51.53 -6.10
N PHE C 264 0.03 50.49 -5.49
CA PHE C 264 -1.35 50.51 -4.97
C PHE C 264 -1.31 50.07 -3.50
N ASN C 265 -1.05 51.02 -2.62
CA ASN C 265 -0.90 50.74 -1.18
C ASN C 265 -2.21 51.05 -0.46
N ASP C 266 -3.22 50.23 -0.75
CA ASP C 266 -4.53 50.40 -0.14
C ASP C 266 -4.47 50.01 1.34
N ASN C 267 -5.48 50.48 2.08
CA ASN C 267 -5.57 50.17 3.50
C ASN C 267 -5.80 48.68 3.70
N CYS C 268 -5.07 48.08 4.64
CA CYS C 268 -5.09 46.66 4.99
C CYS C 268 -4.59 45.77 3.85
N TRP C 269 -4.16 46.34 2.73
CA TRP C 269 -3.73 45.57 1.56
C TRP C 269 -4.80 44.56 1.14
N LEU C 270 -6.06 44.99 1.18
CA LEU C 270 -7.19 44.16 0.80
C LEU C 270 -7.93 44.85 -0.34
N SER C 271 -7.74 44.34 -1.56
CA SER C 271 -8.37 44.92 -2.73
C SER C 271 -8.43 43.88 -3.83
N VAL C 272 -9.33 44.12 -4.80
CA VAL C 272 -9.49 43.25 -5.95
C VAL C 272 -9.45 44.01 -7.27
N GLU C 273 -9.50 45.34 -7.23
CA GLU C 273 -9.45 46.12 -8.46
C GLU C 273 -8.05 46.14 -9.06
N THR C 274 -7.02 46.00 -8.21
CA THR C 274 -5.64 46.01 -8.68
C THR C 274 -5.37 44.83 -9.60
N HIS C 275 -4.64 45.08 -10.68
CA HIS C 275 -4.24 44.03 -11.61
C HIS C 275 -3.01 43.27 -11.13
N LEU C 276 -2.48 43.62 -9.95
CA LEU C 276 -1.27 42.97 -9.44
C LEU C 276 -1.55 41.60 -8.85
N LEU C 277 -2.82 41.24 -8.62
CA LEU C 277 -3.13 39.93 -8.06
C LEU C 277 -2.80 38.81 -9.04
N TYR C 278 -2.88 39.10 -10.34
CA TYR C 278 -2.53 38.09 -11.35
C TYR C 278 -1.07 37.67 -11.26
N ILE C 279 -0.19 38.49 -10.70
CA ILE C 279 1.20 38.10 -10.51
C ILE C 279 1.28 36.85 -9.65
N ILE C 280 0.39 36.71 -8.67
CA ILE C 280 0.35 35.52 -7.81
C ILE C 280 -0.54 34.47 -8.46
N HIS C 281 -1.64 34.90 -9.08
CA HIS C 281 -2.66 33.98 -9.55
C HIS C 281 -2.32 33.32 -10.89
N GLY C 282 -1.22 33.69 -11.54
CA GLY C 282 -0.83 33.08 -12.79
C GLY C 282 -0.19 31.71 -12.64
N PRO C 283 0.90 31.63 -11.87
CA PRO C 283 1.57 30.34 -11.67
C PRO C 283 0.66 29.28 -11.07
N VAL C 284 -0.31 29.68 -10.24
CA VAL C 284 -1.27 28.72 -9.70
C VAL C 284 -2.07 28.08 -10.83
N MET C 285 -2.58 28.90 -11.75
CA MET C 285 -3.33 28.36 -12.88
C MET C 285 -2.45 27.50 -13.78
N ALA C 286 -1.19 27.91 -13.98
CA ALA C 286 -0.29 27.09 -14.78
C ALA C 286 -0.06 25.72 -14.14
N ALA C 287 0.16 25.70 -12.83
CA ALA C 287 0.35 24.44 -12.12
C ALA C 287 -0.90 23.56 -12.19
N LEU C 288 -2.08 24.17 -12.07
CA LEU C 288 -3.31 23.40 -12.15
C LEU C 288 -3.54 22.85 -13.55
N VAL C 289 -3.15 23.60 -14.59
CA VAL C 289 -3.25 23.09 -15.96
C VAL C 289 -2.29 21.91 -16.14
N VAL C 290 -1.08 22.01 -15.58
CA VAL C 290 -0.14 20.89 -15.64
C VAL C 290 -0.72 19.67 -14.94
N ASN C 291 -1.36 19.89 -13.79
CA ASN C 291 -2.00 18.78 -13.08
C ASN C 291 -3.12 18.16 -13.89
N PHE C 292 -3.90 18.99 -14.61
CA PHE C 292 -4.94 18.46 -15.48
C PHE C 292 -4.36 17.60 -16.59
N PHE C 293 -3.25 18.04 -17.19
CA PHE C 293 -2.59 17.23 -18.21
C PHE C 293 -2.08 15.92 -17.63
N PHE C 294 -1.54 15.97 -16.41
CA PHE C 294 -1.10 14.75 -15.74
C PHE C 294 -2.28 13.81 -15.52
N LEU C 295 -3.43 14.34 -15.12
CA LEU C 295 -4.62 13.51 -14.96
C LEU C 295 -5.02 12.86 -16.28
N LEU C 296 -4.96 13.63 -17.38
CA LEU C 296 -5.31 13.08 -18.68
C LEU C 296 -4.38 11.92 -19.05
N ASN C 297 -3.07 12.11 -18.84
CA ASN C 297 -2.13 11.04 -19.15
C ASN C 297 -2.38 9.82 -18.27
N ILE C 298 -2.65 10.03 -16.98
CA ILE C 298 -2.86 8.91 -16.06
C ILE C 298 -4.12 8.13 -16.45
N VAL C 299 -5.21 8.83 -16.77
CA VAL C 299 -6.43 8.13 -17.12
C VAL C 299 -6.28 7.41 -18.46
N ARG C 300 -5.53 7.99 -19.41
CA ARG C 300 -5.25 7.28 -20.66
C ARG C 300 -4.49 5.99 -20.40
N VAL C 301 -3.46 6.05 -19.56
CA VAL C 301 -2.68 4.86 -19.25
C VAL C 301 -3.54 3.81 -18.56
N LEU C 302 -4.39 4.25 -17.63
CA LEU C 302 -5.25 3.33 -16.90
C LEU C 302 -6.28 2.68 -17.82
N VAL C 303 -6.83 3.45 -18.76
CA VAL C 303 -7.78 2.91 -19.73
C VAL C 303 -7.09 1.87 -20.61
N THR C 304 -5.87 2.17 -21.06
CA THR C 304 -5.13 1.19 -21.87
C THR C 304 -4.86 -0.09 -21.08
N LYS C 305 -4.48 0.06 -19.81
CA LYS C 305 -4.21 -1.10 -18.98
C LYS C 305 -5.45 -1.97 -18.85
N MET C 306 -6.63 -1.35 -18.64
CA MET C 306 -7.85 -2.14 -18.58
C MET C 306 -8.16 -2.79 -19.92
N ARG C 307 -7.96 -2.06 -21.02
CA ARG C 307 -8.30 -2.58 -22.33
C ARG C 307 -7.48 -3.81 -22.68
N GLU C 308 -6.20 -3.82 -22.29
CA GLU C 308 -5.38 -5.00 -22.53
C GLU C 308 -5.85 -6.22 -21.74
N THR C 309 -6.58 -6.02 -20.65
CA THR C 309 -7.05 -7.10 -19.79
C THR C 309 -8.31 -7.78 -20.33
N HIS C 310 -9.00 -7.15 -21.28
CA HIS C 310 -10.29 -7.61 -21.82
C HIS C 310 -11.40 -7.51 -20.77
N GLU C 311 -11.44 -6.39 -20.06
CA GLU C 311 -12.49 -6.15 -19.07
C GLU C 311 -13.79 -5.75 -19.77
N ALA C 312 -14.88 -5.86 -19.02
CA ALA C 312 -16.18 -5.47 -19.53
C ALA C 312 -16.25 -3.97 -19.77
N GLU C 313 -17.02 -3.57 -20.79
CA GLU C 313 -17.12 -2.16 -21.14
C GLU C 313 -17.74 -1.35 -20.02
N SER C 314 -18.83 -1.86 -19.43
CA SER C 314 -19.46 -1.15 -18.33
C SER C 314 -18.54 -1.07 -17.12
N HIS C 315 -17.86 -2.17 -16.80
CA HIS C 315 -16.94 -2.18 -15.67
C HIS C 315 -15.77 -1.22 -15.89
N MET C 316 -15.22 -1.20 -17.11
CA MET C 316 -14.10 -0.31 -17.36
C MET C 316 -14.53 1.15 -17.34
N TYR C 317 -15.73 1.45 -17.85
CA TYR C 317 -16.23 2.81 -17.78
C TYR C 317 -16.45 3.24 -16.33
N LEU C 318 -17.03 2.35 -15.52
CA LEU C 318 -17.24 2.66 -14.11
C LEU C 318 -15.93 2.89 -13.37
N LYS C 319 -14.94 2.02 -13.63
CA LYS C 319 -13.64 2.16 -12.98
C LYS C 319 -12.95 3.47 -13.39
N ALA C 320 -13.02 3.82 -14.67
CA ALA C 320 -12.43 5.08 -15.12
C ALA C 320 -13.12 6.27 -14.49
N VAL C 321 -14.46 6.23 -14.40
CA VAL C 321 -15.20 7.32 -13.77
C VAL C 321 -14.80 7.46 -12.30
N LYS C 322 -14.69 6.32 -11.60
CA LYS C 322 -14.28 6.35 -10.20
C LYS C 322 -12.87 6.90 -10.05
N ALA C 323 -11.95 6.50 -10.92
CA ALA C 323 -10.59 6.99 -10.84
C ALA C 323 -10.54 8.50 -11.04
N THR C 324 -11.26 9.01 -12.03
CA THR C 324 -11.31 10.46 -12.24
C THR C 324 -11.93 11.17 -11.04
N MET C 325 -13.00 10.59 -10.49
CA MET C 325 -13.68 11.21 -9.36
C MET C 325 -12.79 11.30 -8.14
N ILE C 326 -12.03 10.24 -7.86
CA ILE C 326 -11.14 10.27 -6.69
C ILE C 326 -9.90 11.11 -6.96
N LEU C 327 -9.49 11.25 -8.23
CA LEU C 327 -8.31 12.05 -8.52
C LEU C 327 -8.60 13.54 -8.63
N VAL C 328 -9.86 13.92 -8.84
CA VAL C 328 -10.18 15.35 -8.94
C VAL C 328 -9.84 16.13 -7.67
N PRO C 329 -10.25 15.71 -6.47
CA PRO C 329 -9.92 16.52 -5.28
C PRO C 329 -8.42 16.67 -5.03
N LEU C 330 -7.63 15.65 -5.34
CA LEU C 330 -6.21 15.69 -4.99
C LEU C 330 -5.45 16.71 -5.85
N LEU C 331 -5.78 16.79 -7.13
CA LEU C 331 -5.02 17.62 -8.06
C LEU C 331 -5.59 19.03 -8.22
N GLY C 332 -6.70 19.35 -7.55
CA GLY C 332 -7.29 20.66 -7.65
C GLY C 332 -7.75 21.02 -9.05
N ILE C 333 -8.39 20.07 -9.73
CA ILE C 333 -8.84 20.27 -11.10
C ILE C 333 -10.15 21.02 -11.17
N GLN C 334 -10.84 21.19 -10.04
CA GLN C 334 -12.10 21.93 -10.03
C GLN C 334 -11.91 23.36 -10.50
N PHE C 335 -10.73 23.94 -10.25
CA PHE C 335 -10.44 25.28 -10.73
C PHE C 335 -10.27 25.31 -12.25
N VAL C 336 -9.60 24.30 -12.81
CA VAL C 336 -9.42 24.25 -14.25
C VAL C 336 -10.74 24.00 -14.96
N VAL C 337 -11.60 23.15 -14.40
CA VAL C 337 -12.88 22.85 -15.04
C VAL C 337 -13.80 24.07 -15.08
N PHE C 338 -13.79 24.90 -14.04
CA PHE C 338 -14.64 26.08 -13.95
C PHE C 338 -13.78 27.31 -13.69
N PRO C 339 -13.09 27.82 -14.73
CA PRO C 339 -12.18 28.94 -14.51
C PRO C 339 -12.86 30.29 -14.43
N TRP C 340 -13.94 30.48 -15.18
CA TRP C 340 -14.58 31.78 -15.33
C TRP C 340 -16.04 31.71 -14.88
N ARG C 341 -16.48 32.75 -14.17
CA ARG C 341 -17.85 32.87 -13.72
C ARG C 341 -18.77 33.21 -14.88
N PRO C 342 -19.91 32.52 -15.02
CA PRO C 342 -20.84 32.84 -16.10
C PRO C 342 -21.46 34.22 -15.90
N SER C 343 -21.80 34.85 -17.04
CA SER C 343 -22.40 36.18 -17.01
C SER C 343 -23.87 36.15 -16.59
N ASN C 344 -24.57 35.05 -16.86
CA ASN C 344 -25.98 34.96 -16.54
C ASN C 344 -26.20 34.94 -15.03
N LYS C 345 -27.33 35.50 -14.60
CA LYS C 345 -27.62 35.61 -13.17
C LYS C 345 -27.88 34.23 -12.55
N MET C 346 -28.74 33.43 -13.19
CA MET C 346 -29.04 32.11 -12.65
C MET C 346 -27.82 31.19 -12.77
N LEU C 347 -27.17 31.20 -13.93
CA LEU C 347 -25.95 30.42 -14.10
C LEU C 347 -24.87 30.89 -13.14
N GLY C 348 -24.78 32.20 -12.92
CA GLY C 348 -23.82 32.72 -11.96
C GLY C 348 -24.10 32.24 -10.54
N LYS C 349 -25.37 32.26 -10.14
CA LYS C 349 -25.73 31.79 -8.80
C LYS C 349 -25.40 30.31 -8.63
N ILE C 350 -25.74 29.49 -9.63
CA ILE C 350 -25.43 28.07 -9.57
C ILE C 350 -23.93 27.84 -9.50
N TYR C 351 -23.17 28.59 -10.32
CA TYR C 351 -21.72 28.45 -10.32
C TYR C 351 -21.13 28.82 -8.98
N ASP C 352 -21.58 29.95 -8.39
CA ASP C 352 -21.07 30.35 -7.08
C ASP C 352 -21.37 29.28 -6.04
N TYR C 353 -22.61 28.78 -5.99
CA TYR C 353 -22.96 27.76 -5.01
C TYR C 353 -22.08 26.52 -5.16
N VAL C 354 -22.01 25.98 -6.38
CA VAL C 354 -21.31 24.72 -6.57
C VAL C 354 -19.80 24.90 -6.36
N MET C 355 -19.24 26.02 -6.81
CA MET C 355 -17.81 26.23 -6.71
C MET C 355 -17.40 26.48 -5.26
N HIS C 356 -18.19 27.25 -4.51
CA HIS C 356 -17.89 27.45 -3.10
C HIS C 356 -18.01 26.14 -2.33
N SER C 357 -19.06 25.35 -2.62
CA SER C 357 -19.22 24.08 -1.93
C SER C 357 -18.05 23.14 -2.23
N LEU C 358 -17.56 23.14 -3.47
CA LEU C 358 -16.46 22.26 -3.82
C LEU C 358 -15.14 22.74 -3.22
N ILE C 359 -14.91 24.06 -3.22
CA ILE C 359 -13.64 24.59 -2.72
C ILE C 359 -13.55 24.44 -1.21
N HIS C 360 -14.62 24.79 -0.49
CA HIS C 360 -14.56 24.80 0.97
C HIS C 360 -14.53 23.40 1.57
N PHE C 361 -14.82 22.37 0.78
CA PHE C 361 -14.83 20.99 1.27
C PHE C 361 -13.74 20.14 0.62
N GLN C 362 -12.80 20.75 -0.09
CA GLN C 362 -11.76 19.97 -0.77
C GLN C 362 -10.88 19.22 0.22
N GLY C 363 -10.48 19.89 1.30
CA GLY C 363 -9.64 19.22 2.29
C GLY C 363 -10.34 18.06 2.96
N PHE C 364 -11.62 18.23 3.30
CA PHE C 364 -12.38 17.14 3.91
C PHE C 364 -12.48 15.94 2.98
N PHE C 365 -12.76 16.19 1.69
CA PHE C 365 -12.83 15.10 0.72
C PHE C 365 -11.48 14.40 0.58
N VAL C 366 -10.40 15.17 0.51
CA VAL C 366 -9.07 14.59 0.37
C VAL C 366 -8.75 13.70 1.57
N ALA C 367 -9.05 14.21 2.77
CA ALA C 367 -8.77 13.44 3.98
C ALA C 367 -9.60 12.16 4.01
N THR C 368 -10.92 12.27 3.81
CA THR C 368 -11.78 11.09 3.90
C THR C 368 -11.54 10.10 2.77
N ILE C 369 -10.89 10.53 1.68
CA ILE C 369 -10.59 9.61 0.59
C ILE C 369 -9.24 8.92 0.79
N TYR C 370 -8.20 9.68 1.13
CA TYR C 370 -6.85 9.13 1.17
C TYR C 370 -6.43 8.64 2.55
N CYS C 371 -7.20 8.91 3.59
CA CYS C 371 -6.84 8.44 4.93
C CYS C 371 -7.86 7.47 5.52
N PHE C 372 -9.14 7.87 5.57
CA PHE C 372 -10.15 7.02 6.18
C PHE C 372 -10.57 5.87 5.28
N CYS C 373 -10.59 6.07 3.96
CA CYS C 373 -10.98 5.04 3.02
C CYS C 373 -9.81 4.20 2.53
N ASN C 374 -8.58 4.49 2.98
CA ASN C 374 -7.43 3.69 2.57
C ASN C 374 -7.50 2.31 3.21
N ASN C 375 -7.24 1.28 2.39
CA ASN C 375 -7.36 -0.09 2.88
C ASN C 375 -6.32 -0.39 3.96
N GLU C 376 -5.07 0.05 3.75
CA GLU C 376 -4.02 -0.23 4.72
C GLU C 376 -4.31 0.44 6.06
N VAL C 377 -4.75 1.69 6.04
CA VAL C 377 -5.05 2.41 7.28
C VAL C 377 -6.20 1.73 8.01
N GLN C 378 -7.25 1.37 7.28
CA GLN C 378 -8.40 0.70 7.89
C GLN C 378 -7.98 -0.63 8.52
N THR C 379 -7.19 -1.43 7.79
CA THR C 379 -6.77 -2.72 8.32
C THR C 379 -5.91 -2.55 9.57
N THR C 380 -4.97 -1.60 9.54
CA THR C 380 -4.10 -1.39 10.69
C THR C 380 -4.89 -0.91 11.90
N VAL C 381 -5.83 0.02 11.69
CA VAL C 381 -6.65 0.52 12.79
C VAL C 381 -7.51 -0.61 13.36
N LYS C 382 -8.12 -1.41 12.50
CA LYS C 382 -8.98 -2.49 12.98
C LYS C 382 -8.18 -3.54 13.75
N ARG C 383 -6.98 -3.88 13.26
CA ARG C 383 -6.18 -4.90 13.95
C ARG C 383 -5.55 -4.36 15.22
N GLN C 384 -5.33 -3.04 15.30
CA GLN C 384 -4.78 -2.47 16.52
C GLN C 384 -5.75 -2.61 17.69
N TRP C 385 -7.04 -2.37 17.45
CA TRP C 385 -8.05 -2.48 18.49
C TRP C 385 -8.36 -3.94 18.82
N ASP D 11 32.51 3.83 35.77
CA ASP D 11 31.59 2.70 35.90
C ASP D 11 31.35 2.01 34.57
N GLN D 12 30.24 2.35 33.91
CA GLN D 12 29.90 1.75 32.62
C GLN D 12 29.45 2.76 31.58
N ARG D 13 29.52 4.06 31.86
CA ARG D 13 29.09 5.04 30.87
C ARG D 13 29.99 5.03 29.64
N ASN D 14 31.29 4.80 29.84
CA ASN D 14 32.21 4.71 28.69
C ASN D 14 31.86 3.51 27.82
N GLU D 15 31.56 2.36 28.44
CA GLU D 15 31.13 1.20 27.67
C GLU D 15 29.79 1.44 27.00
N GLU D 16 28.87 2.10 27.72
CA GLU D 16 27.56 2.41 27.14
C GLU D 16 27.69 3.33 25.94
N LYS D 17 28.54 4.35 26.04
CA LYS D 17 28.78 5.23 24.89
C LYS D 17 29.46 4.48 23.76
N ALA D 18 30.37 3.55 24.08
CA ALA D 18 31.01 2.75 23.04
C ALA D 18 30.01 1.84 22.34
N GLN D 19 28.95 1.43 23.04
CA GLN D 19 27.94 0.58 22.41
C GLN D 19 27.10 1.36 21.41
N ARG D 20 26.70 2.59 21.77
CA ARG D 20 25.88 3.39 20.89
C ARG D 20 26.65 3.79 19.63
N GLU D 21 27.94 4.08 19.76
CA GLU D 21 28.73 4.44 18.60
C GLU D 21 28.91 3.24 17.67
N ALA D 22 28.88 2.02 18.23
CA ALA D 22 28.90 0.83 17.38
C ALA D 22 27.57 0.63 16.67
N ASN D 23 26.47 0.97 17.34
CA ASN D 23 25.15 0.84 16.71
C ASN D 23 25.02 1.79 15.53
N LYS D 24 25.42 3.05 15.71
CA LYS D 24 25.28 4.03 14.64
C LYS D 24 26.18 3.69 13.47
N LYS D 25 27.36 3.13 13.73
CA LYS D 25 28.22 2.68 12.64
C LYS D 25 27.57 1.54 11.85
N ILE D 26 26.94 0.60 12.55
CA ILE D 26 26.25 -0.49 11.87
C ILE D 26 25.03 0.04 11.11
N GLU D 27 24.29 0.97 11.72
CA GLU D 27 23.09 1.50 11.11
C GLU D 27 23.37 2.25 9.81
N LYS D 28 24.54 2.89 9.70
CA LYS D 28 24.89 3.56 8.45
C LYS D 28 25.11 2.56 7.33
N GLN D 29 25.77 1.43 7.63
CA GLN D 29 25.97 0.40 6.62
C GLN D 29 24.66 -0.24 6.21
N LEU D 30 23.76 -0.49 7.17
CA LEU D 30 22.47 -1.07 6.85
C LEU D 30 21.63 -0.14 5.98
N GLN D 31 21.71 1.17 6.22
CA GLN D 31 21.00 2.12 5.38
C GLN D 31 21.50 2.08 3.94
N LYS D 32 22.82 1.95 3.75
CA LYS D 32 23.36 1.83 2.39
C LYS D 32 22.96 0.52 1.74
N ASP D 33 22.90 -0.57 2.52
CA ASP D 33 22.51 -1.86 1.97
C ASP D 33 21.03 -1.88 1.59
N LYS D 34 20.20 -1.07 2.25
CA LYS D 34 18.79 -1.01 1.91
C LYS D 34 18.57 -0.47 0.51
N GLN D 35 19.38 0.51 0.10
CA GLN D 35 19.27 1.06 -1.26
C GLN D 35 19.58 0.01 -2.31
N VAL D 36 20.62 -0.79 -2.08
CA VAL D 36 21.02 -1.79 -3.07
C VAL D 36 19.99 -2.92 -3.12
N TYR D 37 19.47 -3.34 -1.97
CA TYR D 37 18.56 -4.47 -1.92
C TYR D 37 17.28 -4.19 -2.71
N ARG D 38 16.74 -2.97 -2.59
CA ARG D 38 15.52 -2.61 -3.29
C ARG D 38 15.77 -2.27 -4.76
N ALA D 39 17.02 -2.12 -5.18
CA ALA D 39 17.35 -1.73 -6.54
C ALA D 39 17.41 -2.92 -7.49
N THR D 40 17.27 -4.15 -6.99
CA THR D 40 17.30 -5.34 -7.82
C THR D 40 15.99 -6.10 -7.67
N HIS D 41 15.54 -6.69 -8.77
CA HIS D 41 14.31 -7.47 -8.81
C HIS D 41 14.66 -8.95 -8.83
N ARG D 42 14.06 -9.71 -7.92
CA ARG D 42 14.33 -11.13 -7.78
C ARG D 42 13.30 -11.94 -8.54
N LEU D 43 13.78 -12.92 -9.30
CA LEU D 43 12.93 -13.78 -10.11
C LEU D 43 13.23 -15.24 -9.80
N LEU D 44 12.19 -16.06 -9.79
CA LEU D 44 12.33 -17.49 -9.55
C LEU D 44 12.10 -18.24 -10.86
N LEU D 45 13.07 -19.04 -11.26
CA LEU D 45 12.99 -19.84 -12.48
C LEU D 45 12.51 -21.24 -12.12
N LEU D 46 11.37 -21.63 -12.67
CA LEU D 46 10.78 -22.94 -12.39
C LEU D 46 10.25 -23.53 -13.68
N GLY D 47 10.21 -24.86 -13.72
CA GLY D 47 9.72 -25.55 -14.90
C GLY D 47 9.66 -27.04 -14.66
N ALA D 48 8.96 -27.72 -15.56
CA ALA D 48 8.81 -29.17 -15.49
C ALA D 48 10.04 -29.83 -16.12
N GLY D 49 10.04 -31.17 -16.17
CA GLY D 49 11.14 -31.88 -16.76
C GLY D 49 11.22 -31.69 -18.27
N GLU D 50 12.46 -31.65 -18.76
CA GLU D 50 12.76 -31.49 -20.18
C GLU D 50 12.16 -30.20 -20.76
N SER D 51 11.93 -29.21 -19.90
CA SER D 51 11.34 -27.96 -20.37
C SER D 51 12.36 -27.10 -21.12
N GLY D 52 13.64 -27.33 -20.90
CA GLY D 52 14.67 -26.53 -21.53
C GLY D 52 15.06 -25.28 -20.78
N LYS D 53 14.74 -25.19 -19.48
CA LYS D 53 15.08 -23.99 -18.73
C LYS D 53 16.58 -23.81 -18.58
N ASN D 54 17.36 -24.89 -18.75
CA ASN D 54 18.80 -24.78 -18.68
C ASN D 54 19.35 -23.91 -19.81
N THR D 55 18.80 -24.06 -21.01
CA THR D 55 19.20 -23.21 -22.12
C THR D 55 18.76 -21.77 -21.91
N ILE D 56 17.58 -21.57 -21.32
CA ILE D 56 17.07 -20.22 -21.10
C ILE D 56 17.94 -19.49 -20.08
N VAL D 57 18.26 -20.15 -18.97
CA VAL D 57 19.10 -19.52 -17.96
C VAL D 57 20.52 -19.32 -18.49
N LYS D 58 20.98 -20.21 -19.39
CA LYS D 58 22.28 -20.01 -20.01
C LYS D 58 22.28 -18.78 -20.90
N GLN D 59 21.15 -18.47 -21.54
CA GLN D 59 20.99 -17.26 -22.33
C GLN D 59 20.31 -16.15 -21.54
N MET D 60 20.53 -16.11 -20.23
CA MET D 60 19.91 -15.13 -19.33
C MET D 60 18.38 -15.15 -19.46
N THR D 204 26.75 -30.66 -4.60
CA THR D 204 26.71 -29.30 -5.16
C THR D 204 25.74 -28.42 -4.38
N SER D 205 25.74 -27.13 -4.69
CA SER D 205 24.87 -26.18 -4.01
C SER D 205 23.41 -26.46 -4.35
N GLY D 206 22.53 -26.12 -3.41
CA GLY D 206 21.11 -26.31 -3.57
C GLY D 206 20.38 -25.21 -4.30
N ILE D 207 21.09 -24.19 -4.79
CA ILE D 207 20.47 -23.11 -5.54
C ILE D 207 21.55 -22.48 -6.41
N PHE D 208 21.11 -21.85 -7.51
CA PHE D 208 22.00 -21.18 -8.44
C PHE D 208 21.53 -19.74 -8.66
N GLU D 209 22.47 -18.87 -8.98
CA GLU D 209 22.20 -17.45 -9.14
C GLU D 209 22.69 -16.98 -10.51
N THR D 210 22.02 -15.97 -11.04
CA THR D 210 22.36 -15.40 -12.34
C THR D 210 21.92 -13.95 -12.36
N LYS D 211 22.84 -13.06 -12.76
CA LYS D 211 22.60 -11.63 -12.81
C LYS D 211 22.63 -11.14 -14.24
N PHE D 212 21.66 -10.28 -14.59
CA PHE D 212 21.62 -9.67 -15.90
C PHE D 212 20.95 -8.31 -15.78
N GLN D 213 21.22 -7.44 -16.76
CA GLN D 213 20.72 -6.08 -16.76
C GLN D 213 19.99 -5.78 -18.06
N VAL D 214 18.84 -5.13 -17.95
CA VAL D 214 18.08 -4.65 -19.10
C VAL D 214 17.71 -3.20 -18.84
N ASP D 215 18.14 -2.31 -19.73
CA ASP D 215 17.88 -0.87 -19.62
C ASP D 215 18.34 -0.33 -18.26
N LYS D 216 19.54 -0.73 -17.86
CA LYS D 216 20.16 -0.30 -16.60
C LYS D 216 19.34 -0.69 -15.37
N VAL D 217 18.55 -1.76 -15.48
CA VAL D 217 17.77 -2.26 -14.36
C VAL D 217 18.38 -3.58 -13.90
N ASN D 218 18.51 -3.73 -12.59
CA ASN D 218 19.16 -4.89 -11.99
C ASN D 218 18.14 -6.00 -11.76
N PHE D 219 18.44 -7.19 -12.26
CA PHE D 219 17.62 -8.37 -12.06
C PHE D 219 18.48 -9.49 -11.50
N HIS D 220 17.88 -10.31 -10.63
CA HIS D 220 18.57 -11.42 -9.98
C HIS D 220 17.69 -12.65 -10.10
N MET D 221 18.11 -13.61 -10.93
CA MET D 221 17.35 -14.83 -11.18
C MET D 221 17.94 -15.99 -10.39
N PHE D 222 17.07 -16.75 -9.74
CA PHE D 222 17.46 -17.90 -8.93
C PHE D 222 16.90 -19.17 -9.55
N ASP D 223 17.79 -20.13 -9.83
CA ASP D 223 17.41 -21.44 -10.33
C ASP D 223 17.59 -22.45 -9.20
N VAL D 224 16.50 -23.11 -8.81
CA VAL D 224 16.51 -24.04 -7.69
C VAL D 224 16.85 -25.42 -8.24
N GLY D 225 18.12 -25.82 -8.06
CA GLY D 225 18.58 -27.12 -8.48
C GLY D 225 19.06 -27.95 -7.30
N ALA D 226 19.26 -29.25 -7.56
CA ALA D 226 19.76 -30.20 -6.57
C ALA D 226 18.86 -30.23 -5.33
N GLN D 227 17.55 -30.30 -5.57
CA GLN D 227 16.57 -30.36 -4.50
C GLN D 227 15.63 -31.53 -4.74
N ARG D 228 15.05 -32.04 -3.66
CA ARG D 228 14.18 -33.19 -3.75
C ARG D 228 12.88 -32.84 -4.47
N ASP D 229 12.23 -33.86 -5.03
CA ASP D 229 11.05 -33.65 -5.85
C ASP D 229 9.88 -33.09 -5.06
N GLU D 230 9.80 -33.35 -3.76
CA GLU D 230 8.75 -32.76 -2.94
C GLU D 230 9.02 -31.26 -2.79
N ARG D 231 8.01 -30.44 -3.11
CA ARG D 231 8.20 -29.03 -3.36
C ARG D 231 7.29 -28.14 -2.50
N ARG D 232 6.40 -28.73 -1.70
CA ARG D 232 5.39 -27.96 -1.00
C ARG D 232 5.94 -27.16 0.18
N LYS D 233 7.22 -27.31 0.52
CA LYS D 233 7.80 -26.65 1.69
C LYS D 233 8.75 -25.52 1.33
N TRP D 234 9.72 -25.76 0.44
CA TRP D 234 10.69 -24.73 0.10
C TRP D 234 10.16 -23.76 -0.95
N ILE D 235 8.98 -23.99 -1.51
CA ILE D 235 8.41 -23.05 -2.47
C ILE D 235 7.90 -21.79 -1.76
N GLN D 236 7.68 -21.84 -0.46
CA GLN D 236 7.17 -20.69 0.28
C GLN D 236 8.20 -19.58 0.45
N CYS D 237 9.47 -19.85 0.17
CA CYS D 237 10.51 -18.84 0.31
C CYS D 237 10.47 -17.78 -0.76
N PHE D 238 9.74 -18.00 -1.86
CA PHE D 238 9.66 -17.07 -2.97
C PHE D 238 8.30 -16.38 -3.04
N ASN D 239 7.75 -16.04 -1.88
CA ASN D 239 6.44 -15.40 -1.80
C ASN D 239 6.48 -13.90 -2.08
N ASP D 240 7.68 -13.30 -2.14
CA ASP D 240 7.81 -11.87 -2.36
C ASP D 240 8.59 -11.52 -3.62
N VAL D 241 8.86 -12.52 -4.48
CA VAL D 241 9.59 -12.24 -5.71
C VAL D 241 8.72 -11.44 -6.67
N THR D 242 9.39 -10.74 -7.59
CA THR D 242 8.67 -9.91 -8.56
C THR D 242 7.78 -10.76 -9.45
N ALA D 243 8.29 -11.88 -9.95
CA ALA D 243 7.51 -12.77 -10.81
C ALA D 243 8.14 -14.15 -10.78
N ILE D 244 7.36 -15.14 -11.19
CA ILE D 244 7.80 -16.52 -11.29
C ILE D 244 7.74 -16.94 -12.75
N ILE D 245 8.90 -17.34 -13.29
CA ILE D 245 8.99 -17.77 -14.68
C ILE D 245 8.70 -19.26 -14.75
N PHE D 246 7.67 -19.63 -15.49
CA PHE D 246 7.23 -21.02 -15.61
C PHE D 246 7.46 -21.47 -17.04
N VAL D 247 8.23 -22.56 -17.21
CA VAL D 247 8.58 -23.09 -18.51
C VAL D 247 8.02 -24.50 -18.63
N VAL D 248 7.28 -24.76 -19.71
CA VAL D 248 6.68 -26.06 -19.96
C VAL D 248 7.05 -26.50 -21.36
N ALA D 249 6.95 -27.81 -21.58
CA ALA D 249 7.21 -28.43 -22.89
C ALA D 249 5.88 -28.55 -23.62
N SER D 250 5.59 -27.59 -24.49
CA SER D 250 4.34 -27.62 -25.24
C SER D 250 4.29 -28.79 -26.21
N SER D 251 5.45 -29.21 -26.72
CA SER D 251 5.49 -30.34 -27.62
C SER D 251 5.08 -31.64 -26.93
N SER D 252 5.42 -31.79 -25.66
CA SER D 252 5.05 -32.98 -24.90
C SER D 252 3.76 -32.74 -24.11
N THR D 263 4.44 -39.38 -21.90
CA THR D 263 3.69 -39.86 -20.74
C THR D 263 2.77 -38.77 -20.20
N ASN D 264 2.18 -38.00 -21.12
CA ASN D 264 1.29 -36.88 -20.77
C ASN D 264 1.98 -35.90 -19.83
N ARG D 265 3.18 -35.46 -20.26
CA ARG D 265 3.93 -34.49 -19.47
C ARG D 265 3.23 -33.13 -19.42
N LEU D 266 2.48 -32.79 -20.46
CA LEU D 266 1.76 -31.52 -20.46
C LEU D 266 0.70 -31.48 -19.37
N GLN D 267 0.02 -32.60 -19.14
CA GLN D 267 -0.97 -32.67 -18.06
C GLN D 267 -0.32 -32.46 -16.70
N ALA D 268 0.87 -33.03 -16.49
CA ALA D 268 1.58 -32.85 -15.23
C ALA D 268 1.94 -31.38 -15.02
N ALA D 269 2.35 -30.69 -16.09
CA ALA D 269 2.65 -29.27 -15.98
C ALA D 269 1.41 -28.46 -15.62
N LEU D 270 0.26 -28.84 -16.19
CA LEU D 270 -0.98 -28.12 -15.89
C LEU D 270 -1.35 -28.25 -14.42
N LYS D 271 -1.20 -29.45 -13.85
CA LYS D 271 -1.51 -29.64 -12.43
C LYS D 271 -0.55 -28.85 -11.54
N LEU D 272 0.74 -28.82 -11.91
CA LEU D 272 1.70 -28.03 -11.14
C LEU D 272 1.38 -26.55 -11.21
N PHE D 273 0.98 -26.05 -12.38
CA PHE D 273 0.60 -24.65 -12.51
C PHE D 273 -0.65 -24.34 -11.69
N ASP D 274 -1.61 -25.27 -11.67
CA ASP D 274 -2.82 -25.07 -10.88
C ASP D 274 -2.52 -24.97 -9.39
N SER D 275 -1.62 -25.82 -8.89
CA SER D 275 -1.27 -25.78 -7.49
C SER D 275 -0.54 -24.48 -7.14
N ILE D 276 0.36 -24.03 -8.01
CA ILE D 276 1.06 -22.77 -7.78
C ILE D 276 0.09 -21.60 -7.81
N TRP D 277 -0.86 -21.61 -8.74
CA TRP D 277 -1.81 -20.52 -8.87
C TRP D 277 -2.68 -20.38 -7.62
N ASN D 278 -3.10 -21.52 -7.05
CA ASN D 278 -4.04 -21.52 -5.93
C ASN D 278 -3.34 -21.58 -4.57
N ASN D 279 -2.00 -21.53 -4.54
CA ASN D 279 -1.30 -21.53 -3.27
C ASN D 279 -1.55 -20.22 -2.52
N LYS D 280 -1.80 -20.34 -1.22
CA LYS D 280 -2.16 -19.16 -0.43
C LYS D 280 -1.01 -18.18 -0.29
N TRP D 281 0.23 -18.67 -0.30
CA TRP D 281 1.40 -17.81 -0.18
C TRP D 281 1.88 -17.25 -1.51
N LEU D 282 1.35 -17.74 -2.63
CA LEU D 282 1.74 -17.27 -3.96
C LEU D 282 0.58 -16.60 -4.71
N ARG D 283 -0.50 -16.26 -4.00
CA ARG D 283 -1.64 -15.62 -4.64
C ARG D 283 -1.37 -14.16 -5.02
N ASP D 284 -0.36 -13.54 -4.41
CA ASP D 284 0.00 -12.17 -4.73
C ASP D 284 1.17 -12.08 -5.71
N THR D 285 1.67 -13.20 -6.20
CA THR D 285 2.82 -13.24 -7.11
C THR D 285 2.34 -13.60 -8.51
N SER D 286 2.73 -12.78 -9.49
CA SER D 286 2.39 -13.05 -10.87
C SER D 286 3.30 -14.13 -11.45
N VAL D 287 2.84 -14.75 -12.53
CA VAL D 287 3.54 -15.85 -13.17
C VAL D 287 3.75 -15.52 -14.64
N ILE D 288 4.98 -15.63 -15.12
CA ILE D 288 5.31 -15.49 -16.53
C ILE D 288 5.44 -16.89 -17.11
N LEU D 289 4.62 -17.19 -18.12
CA LEU D 289 4.53 -18.52 -18.69
C LEU D 289 5.18 -18.54 -20.07
N PHE D 290 6.08 -19.49 -20.28
CA PHE D 290 6.76 -19.69 -21.56
C PHE D 290 6.35 -21.03 -22.13
N LEU D 291 5.64 -21.01 -23.25
CA LEU D 291 5.27 -22.23 -23.97
C LEU D 291 6.45 -22.63 -24.85
N ASN D 292 7.41 -23.32 -24.25
CA ASN D 292 8.66 -23.65 -24.91
C ASN D 292 8.45 -24.81 -25.89
N LYS D 293 9.53 -25.17 -26.59
CA LYS D 293 9.54 -26.26 -27.56
C LYS D 293 8.49 -26.03 -28.65
N GLN D 294 8.37 -24.79 -29.11
CA GLN D 294 7.44 -24.48 -30.19
C GLN D 294 7.86 -25.16 -31.49
N ASP D 295 9.15 -25.15 -31.80
CA ASP D 295 9.65 -25.77 -33.02
C ASP D 295 9.40 -27.27 -33.02
N LEU D 296 9.64 -27.93 -31.89
CA LEU D 296 9.38 -29.37 -31.79
C LEU D 296 7.89 -29.67 -31.92
N LEU D 297 7.05 -28.81 -31.36
CA LEU D 297 5.60 -29.02 -31.46
C LEU D 297 5.13 -28.97 -32.90
N ALA D 298 5.66 -28.02 -33.69
CA ALA D 298 5.24 -27.90 -35.09
C ALA D 298 5.65 -29.13 -35.89
N GLU D 299 6.87 -29.63 -35.66
CA GLU D 299 7.33 -30.81 -36.39
C GLU D 299 6.50 -32.04 -36.06
N LYS D 300 6.17 -32.23 -34.78
CA LYS D 300 5.38 -33.40 -34.38
C LYS D 300 3.98 -33.34 -34.96
N VAL D 301 3.36 -32.15 -34.97
CA VAL D 301 2.01 -32.00 -35.50
C VAL D 301 2.00 -32.28 -37.00
N LEU D 302 3.00 -31.75 -37.72
CA LEU D 302 3.07 -31.97 -39.17
C LEU D 302 3.24 -33.45 -39.50
N ALA D 303 4.10 -34.14 -38.76
CA ALA D 303 4.33 -35.57 -39.01
C ALA D 303 3.21 -36.45 -38.47
N GLY D 304 2.26 -35.89 -37.72
CA GLY D 304 1.19 -36.69 -37.16
C GLY D 304 1.59 -37.56 -35.99
N LYS D 305 2.74 -37.28 -35.36
CA LYS D 305 3.20 -38.07 -34.23
C LYS D 305 2.72 -37.51 -32.88
N SER D 306 2.31 -36.25 -32.84
CA SER D 306 1.82 -35.67 -31.60
C SER D 306 0.58 -36.43 -31.13
N LYS D 307 0.52 -36.69 -29.83
CA LYS D 307 -0.55 -37.48 -29.23
C LYS D 307 -1.75 -36.63 -28.81
N ILE D 308 -1.94 -35.48 -29.44
CA ILE D 308 -3.16 -34.71 -29.23
C ILE D 308 -4.35 -35.51 -29.78
N GLU D 309 -5.52 -35.25 -29.19
CA GLU D 309 -6.77 -35.99 -29.36
C GLU D 309 -6.76 -37.32 -28.61
N ASP D 310 -5.63 -37.69 -27.99
CA ASP D 310 -5.55 -38.81 -27.06
C ASP D 310 -5.36 -38.33 -25.63
N TYR D 311 -4.40 -37.43 -25.40
CA TYR D 311 -4.28 -36.78 -24.10
C TYR D 311 -5.49 -35.92 -23.79
N PHE D 312 -5.98 -35.18 -24.78
CA PHE D 312 -7.11 -34.26 -24.59
C PHE D 312 -8.10 -34.43 -25.74
N PRO D 313 -9.25 -35.09 -25.49
CA PRO D 313 -10.28 -35.20 -26.54
C PRO D 313 -10.92 -33.87 -26.91
N GLU D 314 -10.71 -32.81 -26.13
CA GLU D 314 -11.36 -31.53 -26.39
C GLU D 314 -10.87 -30.88 -27.67
N PHE D 315 -9.77 -31.36 -28.25
CA PHE D 315 -9.23 -30.77 -29.47
C PHE D 315 -10.14 -30.94 -30.67
N ALA D 316 -11.08 -31.90 -30.63
CA ALA D 316 -11.97 -32.12 -31.76
C ALA D 316 -12.95 -30.97 -31.93
N ARG D 317 -13.43 -30.39 -30.84
CA ARG D 317 -14.41 -29.31 -30.88
C ARG D 317 -13.78 -27.93 -30.76
N TYR D 318 -12.46 -27.85 -30.62
CA TYR D 318 -11.80 -26.57 -30.42
C TYR D 318 -11.64 -25.82 -31.74
N THR D 319 -11.72 -24.50 -31.67
CA THR D 319 -11.55 -23.63 -32.83
C THR D 319 -10.59 -22.50 -32.47
N THR D 320 -9.97 -21.94 -33.50
CA THR D 320 -9.02 -20.85 -33.29
C THR D 320 -9.75 -19.65 -32.69
N PRO D 321 -9.16 -19.01 -31.66
CA PRO D 321 -9.82 -17.85 -31.04
C PRO D 321 -9.98 -16.70 -32.04
N GLU D 322 -11.05 -15.93 -31.84
CA GLU D 322 -11.34 -14.82 -32.74
C GLU D 322 -10.25 -13.77 -32.72
N ASP D 323 -9.73 -13.45 -31.52
CA ASP D 323 -8.68 -12.45 -31.40
C ASP D 323 -7.28 -13.00 -31.69
N ALA D 324 -7.15 -14.31 -31.87
CA ALA D 324 -5.85 -14.91 -32.14
C ALA D 324 -5.37 -14.57 -33.56
N THR D 325 -4.07 -14.36 -33.68
CA THR D 325 -3.45 -14.07 -34.97
C THR D 325 -2.33 -15.07 -35.23
N PRO D 326 -2.40 -15.83 -36.33
CA PRO D 326 -1.33 -16.78 -36.63
C PRO D 326 -0.05 -16.08 -37.05
N GLU D 327 1.06 -16.78 -36.86
CA GLU D 327 2.36 -16.25 -37.27
C GLU D 327 2.44 -16.16 -38.78
N PRO D 328 3.28 -15.26 -39.31
CA PRO D 328 3.40 -15.13 -40.78
C PRO D 328 3.89 -16.43 -41.41
N GLY D 329 3.10 -16.94 -42.35
CA GLY D 329 3.43 -18.19 -43.01
C GLY D 329 3.19 -19.43 -42.19
N GLU D 330 2.40 -19.35 -41.13
CA GLU D 330 2.14 -20.48 -40.25
C GLU D 330 0.90 -21.23 -40.70
N ASP D 331 1.00 -22.54 -40.81
CA ASP D 331 -0.14 -23.36 -41.19
C ASP D 331 -1.17 -23.40 -40.06
N PRO D 332 -2.45 -23.49 -40.40
CA PRO D 332 -3.49 -23.46 -39.35
C PRO D 332 -3.42 -24.62 -38.38
N ARG D 333 -2.88 -25.77 -38.79
CA ARG D 333 -2.88 -26.95 -37.92
C ARG D 333 -2.06 -26.72 -36.67
N VAL D 334 -0.85 -26.19 -36.81
CA VAL D 334 -0.01 -25.93 -35.65
C VAL D 334 -0.53 -24.73 -34.87
N THR D 335 -1.18 -23.78 -35.55
CA THR D 335 -1.76 -22.63 -34.86
C THR D 335 -2.86 -23.07 -33.89
N ARG D 336 -3.71 -24.01 -34.32
CA ARG D 336 -4.74 -24.53 -33.43
C ARG D 336 -4.12 -25.27 -32.25
N ALA D 337 -3.08 -26.08 -32.51
CA ALA D 337 -2.47 -26.87 -31.44
C ALA D 337 -1.79 -25.98 -30.41
N LYS D 338 -1.05 -24.97 -30.86
CA LYS D 338 -0.32 -24.11 -29.92
C LYS D 338 -1.27 -23.26 -29.10
N TYR D 339 -2.38 -22.79 -29.71
CA TYR D 339 -3.33 -21.99 -28.96
C TYR D 339 -4.20 -22.83 -28.04
N PHE D 340 -4.49 -24.08 -28.44
CA PHE D 340 -5.29 -24.95 -27.58
C PHE D 340 -4.57 -25.23 -26.26
N ILE D 341 -3.25 -25.44 -26.32
CA ILE D 341 -2.47 -25.59 -25.11
C ILE D 341 -2.46 -24.28 -24.32
N ARG D 342 -2.41 -23.14 -25.03
CA ARG D 342 -2.39 -21.84 -24.36
C ARG D 342 -3.67 -21.60 -23.58
N ASP D 343 -4.83 -21.93 -24.16
CA ASP D 343 -6.08 -21.74 -23.45
C ASP D 343 -6.26 -22.70 -22.29
N GLU D 344 -5.53 -23.82 -22.27
CA GLU D 344 -5.60 -24.73 -21.14
C GLU D 344 -5.09 -24.06 -19.87
N PHE D 345 -3.98 -23.31 -19.97
CA PHE D 345 -3.46 -22.60 -18.81
C PHE D 345 -4.32 -21.39 -18.46
N LEU D 346 -4.92 -20.75 -19.48
CA LEU D 346 -5.78 -19.60 -19.22
C LEU D 346 -7.07 -19.98 -18.50
N ARG D 347 -7.56 -21.20 -18.71
CA ARG D 347 -8.76 -21.65 -18.00
C ARG D 347 -8.52 -21.69 -16.49
N ILE D 348 -7.36 -22.20 -16.09
CA ILE D 348 -7.01 -22.20 -14.67
C ILE D 348 -6.71 -20.78 -14.19
N SER D 349 -6.03 -19.98 -15.02
CA SER D 349 -5.67 -18.62 -14.63
C SER D 349 -6.91 -17.75 -14.46
N THR D 350 -7.91 -17.93 -15.32
CA THR D 350 -9.11 -17.10 -15.23
C THR D 350 -9.83 -17.30 -13.90
N ALA D 351 -9.96 -18.55 -13.46
CA ALA D 351 -10.62 -18.82 -12.19
C ALA D 351 -9.72 -18.42 -11.02
N SER D 352 -10.36 -18.12 -9.89
CA SER D 352 -9.68 -17.75 -8.65
C SER D 352 -8.80 -16.51 -8.80
N GLY D 353 -9.16 -15.61 -9.72
CA GLY D 353 -8.41 -14.38 -9.92
C GLY D 353 -9.24 -13.17 -9.54
N ASP D 354 -8.68 -12.36 -8.64
CA ASP D 354 -9.34 -11.13 -8.18
C ASP D 354 -8.47 -9.92 -8.46
N GLY D 355 -7.57 -10.01 -9.43
CA GLY D 355 -6.72 -8.91 -9.82
C GLY D 355 -5.46 -8.72 -9.00
N ARG D 356 -5.18 -9.61 -8.05
CA ARG D 356 -3.94 -9.52 -7.28
C ARG D 356 -2.72 -10.01 -8.05
N HIS D 357 -2.90 -11.00 -8.93
CA HIS D 357 -1.81 -11.53 -9.73
C HIS D 357 -2.34 -11.89 -11.11
N TYR D 358 -1.44 -11.93 -12.09
CA TYR D 358 -1.81 -12.15 -13.47
C TYR D 358 -0.84 -13.15 -14.11
N CYS D 359 -1.23 -13.64 -15.28
CA CYS D 359 -0.43 -14.59 -16.05
C CYS D 359 -0.08 -13.97 -17.40
N TYR D 360 1.16 -14.19 -17.85
CA TYR D 360 1.67 -13.63 -19.09
C TYR D 360 2.19 -14.76 -19.97
N PRO D 361 1.33 -15.38 -20.77
CA PRO D 361 1.80 -16.46 -21.65
C PRO D 361 2.54 -15.94 -22.86
N HIS D 362 3.62 -16.64 -23.22
CA HIS D 362 4.42 -16.30 -24.39
C HIS D 362 4.85 -17.58 -25.10
N PHE D 363 4.84 -17.53 -26.43
CA PHE D 363 5.34 -18.63 -27.24
C PHE D 363 6.82 -18.39 -27.52
N THR D 364 7.69 -19.17 -26.87
CA THR D 364 9.12 -18.96 -26.94
C THR D 364 9.83 -20.24 -27.33
N CYS D 365 11.06 -20.08 -27.82
CA CYS D 365 11.96 -21.18 -28.12
C CYS D 365 13.09 -21.19 -27.10
N SER D 366 13.77 -22.33 -27.01
CA SER D 366 14.84 -22.49 -26.02
C SER D 366 16.00 -21.52 -26.28
N VAL D 367 16.20 -21.11 -27.53
CA VAL D 367 17.32 -20.25 -27.90
C VAL D 367 16.87 -18.83 -28.21
N ASP D 368 15.66 -18.45 -27.81
CA ASP D 368 15.17 -17.10 -28.07
C ASP D 368 15.94 -16.09 -27.22
N THR D 369 16.65 -15.19 -27.90
CA THR D 369 17.48 -14.21 -27.19
C THR D 369 16.65 -13.09 -26.58
N GLU D 370 15.42 -12.86 -27.05
CA GLU D 370 14.57 -11.80 -26.54
C GLU D 370 13.75 -12.22 -25.34
N ASN D 371 14.12 -13.32 -24.67
CA ASN D 371 13.40 -13.74 -23.47
C ASN D 371 13.57 -12.73 -22.34
N ILE D 372 14.76 -12.17 -22.19
CA ILE D 372 14.99 -11.17 -21.14
C ILE D 372 14.16 -9.93 -21.39
N ARG D 373 13.97 -9.54 -22.65
CA ARG D 373 13.13 -8.41 -22.96
C ARG D 373 11.67 -8.69 -22.60
N ARG D 374 11.22 -9.93 -22.81
CA ARG D 374 9.87 -10.31 -22.42
C ARG D 374 9.69 -10.21 -20.91
N VAL D 375 10.68 -10.67 -20.15
CA VAL D 375 10.62 -10.57 -18.69
C VAL D 375 10.64 -9.11 -18.26
N PHE D 376 11.49 -8.30 -18.89
CA PHE D 376 11.57 -6.88 -18.55
C PHE D 376 10.25 -6.18 -18.80
N ASN D 377 9.62 -6.46 -19.94
CA ASN D 377 8.33 -5.87 -20.25
C ASN D 377 7.24 -6.36 -19.30
N ASP D 378 7.25 -7.66 -18.98
CA ASP D 378 6.26 -8.21 -18.05
C ASP D 378 6.46 -7.67 -16.64
N CYS D 379 7.71 -7.48 -16.22
CA CYS D 379 7.97 -6.90 -14.91
C CYS D 379 7.53 -5.45 -14.84
N ARG D 380 7.62 -4.72 -15.96
CA ARG D 380 7.15 -3.35 -15.98
C ARG D 380 5.64 -3.27 -15.72
N ASP D 381 4.88 -4.17 -16.34
CA ASP D 381 3.43 -4.18 -16.14
C ASP D 381 3.09 -4.54 -14.69
N ILE D 382 3.80 -5.51 -14.12
CA ILE D 382 3.53 -5.92 -12.74
C ILE D 382 3.78 -4.76 -11.78
N ILE D 383 4.88 -4.04 -11.96
CA ILE D 383 5.20 -2.91 -11.10
C ILE D 383 4.16 -1.80 -11.29
N GLN D 384 3.75 -1.55 -12.53
CA GLN D 384 2.76 -0.51 -12.80
C GLN D 384 1.43 -0.81 -12.13
N ARG D 385 0.97 -2.06 -12.22
CA ARG D 385 -0.27 -2.44 -11.55
C ARG D 385 -0.10 -2.40 -10.04
N MET D 386 1.10 -2.73 -9.54
CA MET D 386 1.36 -2.68 -8.11
C MET D 386 1.27 -1.25 -7.58
N HIS D 387 1.80 -0.28 -8.32
CA HIS D 387 1.67 1.12 -7.90
C HIS D 387 0.23 1.59 -7.96
N LEU D 388 -0.50 1.20 -9.02
CA LEU D 388 -1.89 1.61 -9.13
C LEU D 388 -2.74 1.03 -8.00
N ARG D 389 -2.34 -0.12 -7.47
CA ARG D 389 -3.11 -0.74 -6.38
C ARG D 389 -2.96 0.05 -5.08
N GLN D 390 -1.77 0.58 -4.81
CA GLN D 390 -1.57 1.38 -3.60
C GLN D 390 -2.43 2.64 -3.61
N TYR D 391 -2.53 3.31 -4.76
CA TYR D 391 -3.37 4.48 -4.90
C TYR D 391 -4.85 4.13 -5.06
N GLU D 392 -5.17 2.84 -5.13
CA GLU D 392 -6.55 2.35 -5.23
C GLU D 392 -7.24 2.87 -6.49
N LEU D 393 -6.46 3.19 -7.52
CA LEU D 393 -7.05 3.59 -8.79
C LEU D 393 -7.74 2.43 -9.48
N LEU D 394 -7.14 1.23 -9.40
CA LEU D 394 -7.72 0.04 -10.01
C LEU D 394 -8.90 -0.47 -9.18
N SER E 12 5.75 -64.94 -1.76
CA SER E 12 6.53 -63.73 -1.97
C SER E 12 7.14 -63.22 -0.66
N GLU E 13 8.45 -62.96 -0.69
CA GLU E 13 9.12 -62.45 0.50
C GLU E 13 8.63 -61.06 0.86
N LEU E 14 8.34 -60.23 -0.15
CA LEU E 14 7.84 -58.88 0.11
C LEU E 14 6.50 -58.93 0.83
N ASP E 15 5.61 -59.82 0.40
CA ASP E 15 4.31 -59.95 1.06
C ASP E 15 4.47 -60.43 2.51
N GLN E 16 5.38 -61.39 2.72
CA GLN E 16 5.63 -61.86 4.09
C GLN E 16 6.20 -60.75 4.96
N LEU E 17 7.11 -59.95 4.42
CA LEU E 17 7.66 -58.82 5.17
C LEU E 17 6.58 -57.80 5.50
N ARG E 18 5.68 -57.53 4.55
CA ARG E 18 4.57 -56.63 4.83
C ARG E 18 3.66 -57.17 5.92
N GLN E 19 3.38 -58.47 5.89
CA GLN E 19 2.58 -59.08 6.94
C GLN E 19 3.32 -59.05 8.28
N GLU E 20 4.63 -59.28 8.25
CA GLU E 20 5.42 -59.21 9.49
C GLU E 20 5.40 -57.79 10.07
N ALA E 21 5.52 -56.78 9.21
CA ALA E 21 5.44 -55.40 9.69
C ALA E 21 4.06 -55.08 10.22
N GLU E 22 3.02 -55.58 9.55
CA GLU E 22 1.65 -55.33 10.01
C GLU E 22 1.40 -55.96 11.37
N GLN E 23 1.87 -57.19 11.58
CA GLN E 23 1.72 -57.82 12.88
C GLN E 23 2.54 -57.11 13.95
N LEU E 24 3.74 -56.65 13.59
CA LEU E 24 4.55 -55.89 14.53
C LEU E 24 3.87 -54.58 14.91
N LYS E 25 3.27 -53.89 13.94
CA LYS E 25 2.54 -52.66 14.24
C LYS E 25 1.36 -52.92 15.16
N ASN E 26 0.67 -54.04 14.96
CA ASN E 26 -0.44 -54.40 15.85
C ASN E 26 0.05 -54.64 17.27
N GLN E 27 1.23 -55.25 17.42
CA GLN E 27 1.76 -55.53 18.74
C GLN E 27 2.07 -54.24 19.51
N ILE E 28 2.65 -53.26 18.83
CA ILE E 28 2.93 -51.97 19.47
C ILE E 28 1.63 -51.27 19.83
N ARG E 29 0.62 -51.35 18.96
CA ARG E 29 -0.68 -50.76 19.26
C ARG E 29 -1.29 -51.38 20.51
N ASP E 30 -1.21 -52.70 20.63
CA ASP E 30 -1.71 -53.38 21.83
C ASP E 30 -0.89 -52.98 23.06
N ALA E 31 0.43 -52.90 22.91
CA ALA E 31 1.28 -52.49 24.03
C ALA E 31 0.99 -51.05 24.43
N ARG E 32 0.81 -50.15 23.46
CA ARG E 32 0.48 -48.77 23.78
C ARG E 32 -0.91 -48.65 24.39
N LYS E 33 -1.85 -49.47 23.92
CA LYS E 33 -3.22 -49.42 24.45
C LYS E 33 -3.26 -49.83 25.91
N ALA E 34 -2.48 -50.84 26.29
CA ALA E 34 -2.52 -51.33 27.67
C ALA E 34 -2.03 -50.26 28.66
N CYS E 35 -0.98 -49.53 28.29
CA CYS E 35 -0.42 -48.52 29.19
C CYS E 35 -1.34 -47.31 29.34
N ALA E 36 -2.29 -47.12 28.43
CA ALA E 36 -3.17 -45.95 28.47
C ALA E 36 -4.36 -46.22 29.38
N ASP E 37 -4.07 -46.25 30.68
CA ASP E 37 -5.14 -46.39 31.67
C ASP E 37 -5.93 -45.10 31.85
N ALA E 38 -5.29 -43.95 31.60
CA ALA E 38 -5.95 -42.65 31.73
C ALA E 38 -5.27 -41.68 30.78
N THR E 39 -5.71 -40.43 30.82
CA THR E 39 -5.17 -39.37 29.99
C THR E 39 -4.67 -38.22 30.87
N LEU E 40 -3.88 -37.34 30.26
CA LEU E 40 -3.36 -36.18 30.99
C LEU E 40 -4.50 -35.26 31.43
N SER E 41 -5.53 -35.10 30.59
CA SER E 41 -6.65 -34.24 30.94
C SER E 41 -7.38 -34.75 32.17
N GLN E 42 -7.55 -36.07 32.30
CA GLN E 42 -8.21 -36.63 33.47
C GLN E 42 -7.39 -36.42 34.73
N ILE E 43 -6.06 -36.54 34.62
CA ILE E 43 -5.20 -36.32 35.79
C ILE E 43 -5.21 -34.85 36.20
N THR E 44 -5.18 -33.94 35.24
CA THR E 44 -5.17 -32.50 35.50
C THR E 44 -6.58 -31.93 35.66
N ASN E 45 -7.57 -32.77 35.94
CA ASN E 45 -8.96 -32.30 36.00
C ASN E 45 -9.18 -31.35 37.17
N ASN E 46 -8.60 -31.65 38.33
CA ASN E 46 -8.90 -30.93 39.56
C ASN E 46 -7.90 -29.82 39.86
N ILE E 47 -6.95 -29.55 38.97
CA ILE E 47 -5.97 -28.51 39.25
C ILE E 47 -6.52 -27.14 38.88
N ASP E 48 -5.93 -26.11 39.47
CA ASP E 48 -6.37 -24.75 39.20
C ASP E 48 -5.90 -24.29 37.83
N PRO E 49 -6.70 -23.48 37.13
CA PRO E 49 -6.24 -22.91 35.85
C PRO E 49 -5.15 -21.88 36.07
N VAL E 50 -4.30 -21.73 35.06
CA VAL E 50 -3.21 -20.76 35.14
C VAL E 50 -3.74 -19.33 35.09
N GLY E 51 -4.95 -19.12 34.58
CA GLY E 51 -5.53 -17.80 34.49
C GLY E 51 -5.22 -17.13 33.15
N ARG E 52 -5.93 -16.03 32.90
CA ARG E 52 -5.72 -15.27 31.67
C ARG E 52 -4.32 -14.65 31.69
N ILE E 53 -3.58 -14.85 30.61
CA ILE E 53 -2.21 -14.36 30.51
C ILE E 53 -2.25 -13.07 29.68
N GLN E 54 -1.85 -11.96 30.30
CA GLN E 54 -1.79 -10.66 29.64
C GLN E 54 -0.34 -10.23 29.54
N MET E 55 0.12 -9.96 28.32
CA MET E 55 1.48 -9.54 28.08
C MET E 55 1.51 -8.47 27.00
N ARG E 56 2.43 -7.52 27.16
CA ARG E 56 2.56 -6.40 26.23
C ARG E 56 3.99 -6.31 25.74
N THR E 57 4.15 -5.78 24.53
CA THR E 57 5.46 -5.66 23.92
C THR E 57 6.33 -4.69 24.71
N ARG E 58 7.56 -5.10 25.00
CA ARG E 58 8.52 -4.25 25.70
C ARG E 58 9.57 -3.64 24.80
N ARG E 59 10.02 -4.38 23.78
CA ARG E 59 11.03 -3.89 22.85
C ARG E 59 10.62 -4.25 21.43
N THR E 60 11.10 -3.45 20.49
CA THR E 60 10.86 -3.69 19.06
C THR E 60 12.16 -3.45 18.32
N LEU E 61 12.66 -4.49 17.66
CA LEU E 61 13.93 -4.43 16.94
C LEU E 61 13.66 -4.27 15.45
N ARG E 62 14.26 -3.24 14.85
CA ARG E 62 14.08 -2.94 13.44
C ARG E 62 15.44 -2.84 12.75
N GLY E 63 15.44 -3.08 11.45
CA GLY E 63 16.67 -3.05 10.67
C GLY E 63 16.72 -4.13 9.62
N HIS E 64 15.99 -5.22 9.84
CA HIS E 64 15.91 -6.27 8.84
C HIS E 64 15.06 -5.81 7.66
N LEU E 65 15.49 -6.18 6.45
CA LEU E 65 14.82 -5.75 5.23
C LEU E 65 13.71 -6.72 4.83
N ALA E 66 14.05 -7.98 4.64
CA ALA E 66 13.10 -9.00 4.20
C ALA E 66 12.50 -9.71 5.40
N LYS E 67 11.74 -10.77 5.14
CA LYS E 67 11.08 -11.50 6.20
C LYS E 67 12.10 -12.21 7.09
N ILE E 68 11.80 -12.29 8.38
CA ILE E 68 12.65 -12.96 9.35
C ILE E 68 12.22 -14.41 9.46
N TYR E 69 13.19 -15.32 9.34
CA TYR E 69 12.91 -16.75 9.31
C TYR E 69 13.27 -17.49 10.59
N ALA E 70 14.28 -17.03 11.34
CA ALA E 70 14.67 -17.74 12.55
C ALA E 70 15.34 -16.77 13.50
N MET E 71 15.38 -17.17 14.77
CA MET E 71 16.07 -16.42 15.82
C MET E 71 16.43 -17.39 16.93
N HIS E 72 17.43 -16.99 17.74
CA HIS E 72 17.88 -17.84 18.82
C HIS E 72 18.43 -16.96 19.94
N TRP E 73 18.02 -17.28 21.18
CA TRP E 73 18.53 -16.61 22.36
C TRP E 73 19.91 -17.14 22.73
N GLY E 74 20.68 -16.31 23.43
CA GLY E 74 21.93 -16.73 24.01
C GLY E 74 21.77 -17.20 25.45
N THR E 75 22.82 -17.85 25.94
CA THR E 75 22.83 -18.32 27.32
C THR E 75 22.86 -17.18 28.33
N ASP E 76 23.35 -16.01 27.93
CA ASP E 76 23.42 -14.86 28.83
C ASP E 76 22.12 -14.07 28.89
N SER E 77 21.12 -14.47 28.11
CA SER E 77 19.72 -14.04 28.24
C SER E 77 19.47 -12.58 27.85
N ARG E 78 20.44 -11.91 27.23
CA ARG E 78 20.17 -10.56 26.73
C ARG E 78 20.65 -10.42 25.28
N LEU E 79 21.56 -11.29 24.87
CA LEU E 79 22.06 -11.29 23.51
C LEU E 79 21.36 -12.35 22.68
N LEU E 80 20.99 -12.00 21.45
CA LEU E 80 20.31 -12.91 20.56
C LEU E 80 20.72 -12.63 19.13
N VAL E 81 20.54 -13.62 18.27
CA VAL E 81 20.87 -13.52 16.86
C VAL E 81 19.62 -13.84 16.05
N SER E 82 19.48 -13.16 14.91
CA SER E 82 18.32 -13.34 14.05
C SER E 82 18.78 -13.45 12.61
N ALA E 83 17.99 -14.14 11.80
CA ALA E 83 18.27 -14.33 10.38
C ALA E 83 17.07 -13.88 9.55
N SER E 84 17.35 -13.14 8.49
CA SER E 84 16.32 -12.70 7.56
C SER E 84 16.75 -13.05 6.14
N GLN E 85 15.77 -13.18 5.26
CA GLN E 85 15.99 -13.73 3.92
C GLN E 85 16.63 -12.71 2.98
N ASP E 86 17.10 -11.58 3.46
CA ASP E 86 17.85 -10.64 2.63
C ASP E 86 19.35 -10.84 2.73
N GLY E 87 19.81 -11.81 3.52
CA GLY E 87 21.22 -12.11 3.63
C GLY E 87 21.92 -11.30 4.70
N LYS E 88 21.39 -11.32 5.91
CA LYS E 88 21.95 -10.55 7.02
C LYS E 88 21.77 -11.31 8.33
N LEU E 89 22.83 -11.32 9.14
CA LEU E 89 22.77 -11.80 10.52
C LEU E 89 23.06 -10.63 11.45
N ILE E 90 22.13 -10.36 12.36
CA ILE E 90 22.23 -9.23 13.28
C ILE E 90 22.21 -9.76 14.70
N ILE E 91 23.20 -9.35 15.50
CA ILE E 91 23.28 -9.69 16.91
C ILE E 91 22.68 -8.53 17.70
N TRP E 92 21.69 -8.83 18.53
CA TRP E 92 20.92 -7.81 19.23
C TRP E 92 21.26 -7.81 20.71
N ASP E 93 21.41 -6.59 21.26
CA ASP E 93 21.52 -6.38 22.70
C ASP E 93 20.13 -5.96 23.17
N SER E 94 19.34 -6.93 23.62
CA SER E 94 17.93 -6.69 23.91
C SER E 94 17.74 -5.66 25.01
N TYR E 95 18.67 -5.58 25.96
CA TYR E 95 18.50 -4.65 27.08
C TYR E 95 18.53 -3.20 26.60
N THR E 96 19.48 -2.86 25.73
CA THR E 96 19.66 -1.50 25.26
C THR E 96 19.22 -1.28 23.82
N THR E 97 18.75 -2.33 23.14
CA THR E 97 18.26 -2.33 21.76
C THR E 97 19.40 -2.07 20.77
N ASN E 98 20.61 -1.81 21.25
CA ASN E 98 21.72 -1.49 20.36
C ASN E 98 22.18 -2.72 19.59
N LYS E 99 22.51 -2.52 18.31
CA LYS E 99 23.05 -3.58 17.49
C LYS E 99 24.51 -3.85 17.87
N VAL E 100 24.88 -5.12 17.81
CA VAL E 100 26.25 -5.53 18.14
C VAL E 100 27.04 -5.96 16.91
N HIS E 101 26.43 -6.70 15.98
CA HIS E 101 27.13 -7.17 14.80
C HIS E 101 26.18 -7.21 13.62
N ALA E 102 26.75 -7.18 12.42
CA ALA E 102 25.98 -7.27 11.18
C ALA E 102 26.81 -8.11 10.21
N ILE E 103 26.47 -9.38 10.09
CA ILE E 103 27.25 -10.35 9.31
C ILE E 103 26.56 -10.57 7.98
N PRO E 104 27.15 -10.13 6.86
CA PRO E 104 26.59 -10.48 5.55
C PRO E 104 26.71 -11.98 5.28
N LEU E 105 25.77 -12.48 4.48
CA LEU E 105 25.72 -13.90 4.16
C LEU E 105 26.04 -14.14 2.69
N ARG E 106 26.68 -15.26 2.42
CA ARG E 106 27.00 -15.63 1.04
C ARG E 106 25.73 -15.84 0.23
N SER E 107 24.75 -16.52 0.81
CA SER E 107 23.46 -16.76 0.16
C SER E 107 22.36 -16.12 0.99
N SER E 108 21.46 -15.40 0.31
CA SER E 108 20.38 -14.71 1.00
C SER E 108 19.24 -15.63 1.41
N TRP E 109 19.19 -16.85 0.90
CA TRP E 109 18.10 -17.78 1.20
C TRP E 109 18.43 -18.60 2.45
N VAL E 110 18.53 -17.91 3.57
CA VAL E 110 18.81 -18.56 4.85
C VAL E 110 17.51 -19.00 5.50
N MET E 111 17.53 -20.16 6.16
CA MET E 111 16.33 -20.72 6.76
C MET E 111 16.44 -20.98 8.26
N THR E 112 17.64 -20.92 8.84
CA THR E 112 17.78 -21.18 10.26
C THR E 112 19.04 -20.49 10.78
N CYS E 113 19.11 -20.35 12.10
CA CYS E 113 20.27 -19.77 12.76
C CYS E 113 20.37 -20.35 14.17
N ALA E 114 21.57 -20.27 14.74
CA ALA E 114 21.82 -20.83 16.05
C ALA E 114 22.87 -20.00 16.78
N TYR E 115 22.88 -20.14 18.10
CA TYR E 115 23.83 -19.45 18.97
C TYR E 115 24.58 -20.48 19.79
N ALA E 116 25.91 -20.40 19.80
CA ALA E 116 26.70 -21.33 20.56
C ALA E 116 26.48 -21.11 22.06
N PRO E 117 26.49 -22.17 22.87
CA PRO E 117 26.32 -21.98 24.32
C PRO E 117 27.40 -21.11 24.94
N SER E 118 28.63 -21.22 24.43
CA SER E 118 29.72 -20.38 24.94
C SER E 118 29.61 -18.94 24.44
N GLY E 119 28.79 -18.69 23.43
CA GLY E 119 28.65 -17.36 22.88
C GLY E 119 29.76 -16.92 21.95
N ASN E 120 30.66 -17.84 21.56
CA ASN E 120 31.78 -17.50 20.70
C ASN E 120 31.51 -17.74 19.22
N TYR E 121 30.41 -18.41 18.87
CA TYR E 121 30.14 -18.76 17.49
C TYR E 121 28.65 -18.66 17.21
N VAL E 122 28.32 -18.44 15.93
CA VAL E 122 26.96 -18.50 15.44
C VAL E 122 26.94 -19.32 14.16
N ALA E 123 25.79 -19.91 13.85
CA ALA E 123 25.63 -20.74 12.68
C ALA E 123 24.37 -20.35 11.92
N CYS E 124 24.36 -20.67 10.64
CA CYS E 124 23.21 -20.38 9.78
C CYS E 124 23.23 -21.33 8.60
N GLY E 125 22.07 -21.48 7.98
CA GLY E 125 21.94 -22.34 6.82
C GLY E 125 20.60 -22.14 6.15
N GLY E 126 20.52 -22.61 4.91
CA GLY E 126 19.31 -22.45 4.13
C GLY E 126 19.27 -23.31 2.88
N LEU E 127 18.79 -22.73 1.77
CA LEU E 127 18.63 -23.42 0.50
C LEU E 127 19.96 -23.76 -0.17
N ASP E 128 21.10 -23.40 0.41
CA ASP E 128 22.40 -23.70 -0.19
C ASP E 128 22.96 -25.04 0.26
N ASN E 129 22.24 -25.77 1.13
CA ASN E 129 22.63 -27.08 1.64
C ASN E 129 23.94 -27.03 2.41
N ILE E 130 24.32 -25.86 2.93
CA ILE E 130 25.59 -25.68 3.62
C ILE E 130 25.33 -24.97 4.94
N CYS E 131 25.98 -25.46 5.99
CA CYS E 131 25.96 -24.84 7.31
C CYS E 131 27.28 -24.12 7.53
N SER E 132 27.21 -22.83 7.83
CA SER E 132 28.39 -22.00 7.99
C SER E 132 28.56 -21.60 9.46
N ILE E 133 29.81 -21.60 9.91
CA ILE E 133 30.16 -21.24 11.29
C ILE E 133 30.93 -19.93 11.26
N TYR E 134 30.50 -18.97 12.08
CA TYR E 134 31.12 -17.67 12.15
C TYR E 134 31.75 -17.49 13.53
N ASN E 135 32.91 -16.82 13.57
CA ASN E 135 33.64 -16.59 14.81
C ASN E 135 33.40 -15.16 15.27
N LEU E 136 32.88 -15.01 16.49
CA LEU E 136 32.59 -13.70 17.05
C LEU E 136 33.74 -13.13 17.88
N LYS E 137 34.75 -13.94 18.20
CA LYS E 137 35.86 -13.52 19.05
C LYS E 137 37.15 -13.36 18.26
N THR E 138 37.04 -12.79 17.06
CA THR E 138 38.22 -12.55 16.24
C THR E 138 39.11 -11.48 16.88
N ARG E 139 40.38 -11.48 16.46
CA ARG E 139 41.36 -10.59 17.08
C ARG E 139 41.01 -9.12 16.85
N GLU E 140 40.58 -8.78 15.64
CA GLU E 140 40.24 -7.39 15.32
C GLU E 140 38.79 -7.05 15.63
N GLY E 141 38.00 -8.01 16.10
CA GLY E 141 36.61 -7.76 16.42
C GLY E 141 35.64 -7.86 15.26
N ASN E 142 36.13 -8.14 14.05
CA ASN E 142 35.28 -8.27 12.87
C ASN E 142 34.95 -9.74 12.64
N VAL E 143 33.67 -10.03 12.43
CA VAL E 143 33.21 -11.40 12.28
C VAL E 143 33.65 -11.95 10.92
N ARG E 144 34.19 -13.17 10.93
CA ARG E 144 34.58 -13.86 9.71
C ARG E 144 34.11 -15.30 9.80
N VAL E 145 33.92 -15.93 8.63
CA VAL E 145 33.49 -17.31 8.58
C VAL E 145 34.62 -18.21 9.06
N SER E 146 34.27 -19.23 9.84
CA SER E 146 35.27 -20.14 10.39
C SER E 146 35.29 -21.50 9.69
N ARG E 147 34.12 -22.04 9.37
CA ARG E 147 34.05 -23.35 8.74
C ARG E 147 32.75 -23.44 7.94
N GLU E 148 32.80 -24.21 6.85
CA GLU E 148 31.65 -24.50 6.03
C GLU E 148 31.44 -26.00 5.98
N LEU E 149 30.26 -26.45 6.41
CA LEU E 149 29.93 -27.87 6.47
C LEU E 149 29.05 -28.21 5.28
N ALA E 150 29.47 -29.18 4.48
CA ALA E 150 28.75 -29.61 3.29
C ALA E 150 28.63 -31.13 3.28
N GLY E 151 27.61 -31.61 2.55
CA GLY E 151 27.35 -33.04 2.47
C GLY E 151 25.88 -33.36 2.42
N HIS E 152 25.05 -32.43 2.86
CA HIS E 152 23.61 -32.61 2.78
C HIS E 152 23.12 -32.43 1.35
N THR E 153 22.18 -33.27 0.95
CA THR E 153 21.59 -33.21 -0.39
C THR E 153 20.29 -32.42 -0.41
N GLY E 154 19.92 -31.78 0.69
CA GLY E 154 18.69 -31.00 0.73
C GLY E 154 18.92 -29.72 1.52
N TYR E 155 17.92 -28.84 1.47
CA TYR E 155 18.00 -27.57 2.18
C TYR E 155 18.04 -27.80 3.68
N LEU E 156 18.83 -26.99 4.36
CA LEU E 156 18.99 -27.10 5.81
C LEU E 156 17.81 -26.42 6.50
N SER E 157 17.23 -27.12 7.48
CA SER E 157 16.05 -26.63 8.18
C SER E 157 16.34 -26.12 9.59
N CYS E 158 17.25 -26.78 10.31
CA CYS E 158 17.56 -26.37 11.68
C CYS E 158 18.96 -26.86 12.04
N CYS E 159 19.53 -26.21 13.05
CA CYS E 159 20.85 -26.59 13.56
C CYS E 159 20.97 -26.12 15.00
N ARG E 160 21.60 -26.95 15.83
CA ARG E 160 21.77 -26.63 17.24
C ARG E 160 23.16 -27.08 17.69
N PHE E 161 23.84 -26.22 18.43
CA PHE E 161 25.17 -26.55 18.92
C PHE E 161 25.11 -27.46 20.14
N LEU E 162 26.06 -28.37 20.23
CA LEU E 162 26.32 -29.13 21.45
C LEU E 162 27.45 -28.53 22.27
N ASP E 163 28.51 -28.09 21.60
CA ASP E 163 29.62 -27.39 22.22
C ASP E 163 30.33 -26.58 21.14
N ASP E 164 31.54 -26.13 21.43
CA ASP E 164 32.28 -25.33 20.46
C ASP E 164 32.77 -26.15 19.28
N ASN E 165 32.66 -27.47 19.33
CA ASN E 165 33.21 -28.34 18.29
C ASN E 165 32.18 -29.30 17.70
N GLN E 166 30.94 -29.32 18.21
CA GLN E 166 29.94 -30.26 17.74
C GLN E 166 28.64 -29.53 17.45
N ILE E 167 27.90 -30.02 16.46
CA ILE E 167 26.62 -29.42 16.06
C ILE E 167 25.79 -30.49 15.37
N VAL E 168 24.47 -30.44 15.60
CA VAL E 168 23.52 -31.34 14.98
C VAL E 168 22.66 -30.55 14.01
N THR E 169 22.49 -31.07 12.80
CA THR E 169 21.78 -30.38 11.74
C THR E 169 20.69 -31.28 11.17
N SER E 170 19.68 -30.64 10.58
CA SER E 170 18.59 -31.32 9.89
C SER E 170 18.45 -30.74 8.49
N SER E 171 17.98 -31.56 7.55
CA SER E 171 18.02 -31.18 6.14
C SER E 171 16.76 -31.67 5.43
N GLY E 172 16.58 -31.16 4.21
CA GLY E 172 15.45 -31.51 3.36
C GLY E 172 15.60 -32.84 2.66
N ASP E 173 16.69 -33.56 2.88
CA ASP E 173 16.91 -34.87 2.31
C ASP E 173 16.47 -36.01 3.24
N THR E 174 15.54 -35.72 4.16
CA THR E 174 15.05 -36.69 5.13
C THR E 174 16.16 -37.26 6.01
N THR E 175 17.19 -36.47 6.30
CA THR E 175 18.36 -36.93 7.01
C THR E 175 18.80 -35.92 8.06
N CYS E 176 19.31 -36.42 9.17
CA CYS E 176 19.94 -35.61 10.21
C CYS E 176 21.36 -36.10 10.43
N ALA E 177 22.26 -35.18 10.81
CA ALA E 177 23.67 -35.50 10.90
C ALA E 177 24.30 -34.77 12.07
N LEU E 178 25.44 -35.31 12.51
CA LEU E 178 26.28 -34.70 13.53
C LEU E 178 27.65 -34.40 12.93
N TRP E 179 28.18 -33.22 13.22
CA TRP E 179 29.37 -32.73 12.56
C TRP E 179 30.49 -32.46 13.57
N ASP E 180 31.73 -32.54 13.07
CA ASP E 180 32.91 -32.14 13.81
C ASP E 180 33.42 -30.86 13.16
N ILE E 181 33.27 -29.73 13.87
CA ILE E 181 33.53 -28.43 13.27
C ILE E 181 35.01 -28.29 12.90
N GLU E 182 35.92 -28.75 13.77
CA GLU E 182 37.34 -28.56 13.52
C GLU E 182 37.80 -29.24 12.25
N THR E 183 37.33 -30.48 12.02
CA THR E 183 37.72 -31.22 10.83
C THR E 183 36.74 -31.08 9.68
N GLY E 184 35.51 -30.63 9.95
CA GLY E 184 34.52 -30.47 8.91
C GLY E 184 33.90 -31.77 8.41
N GLN E 185 34.12 -32.87 9.11
CA GLN E 185 33.61 -34.17 8.68
C GLN E 185 32.26 -34.46 9.32
N GLN E 186 31.56 -35.45 8.75
CA GLN E 186 30.27 -35.90 9.25
C GLN E 186 30.48 -37.13 10.12
N THR E 187 30.36 -36.96 11.43
CA THR E 187 30.66 -38.05 12.36
C THR E 187 29.57 -39.12 12.34
N THR E 188 28.31 -38.70 12.36
CA THR E 188 27.20 -39.65 12.50
C THR E 188 26.06 -39.20 11.61
N THR E 189 25.42 -40.18 10.96
CA THR E 189 24.28 -39.93 10.08
C THR E 189 23.04 -40.63 10.63
N PHE E 190 21.94 -39.90 10.70
CA PHE E 190 20.67 -40.41 11.20
C PHE E 190 19.69 -40.54 10.05
N THR E 191 19.12 -41.73 9.89
CA THR E 191 18.19 -42.02 8.81
C THR E 191 16.97 -42.77 9.36
N GLY E 192 15.88 -42.70 8.61
CA GLY E 192 14.66 -43.38 9.00
C GLY E 192 13.40 -42.60 8.68
N HIS E 193 13.54 -41.29 8.48
CA HIS E 193 12.41 -40.45 8.12
C HIS E 193 12.09 -40.60 6.63
N THR E 194 10.80 -40.44 6.30
CA THR E 194 10.35 -40.46 4.92
C THR E 194 10.06 -39.07 4.36
N GLY E 195 9.70 -38.11 5.22
CA GLY E 195 9.37 -36.77 4.81
C GLY E 195 10.45 -35.76 5.19
N ASP E 196 10.21 -34.52 4.76
CA ASP E 196 11.18 -33.47 4.99
C ASP E 196 11.28 -33.14 6.47
N VAL E 197 12.51 -33.11 7.00
CA VAL E 197 12.75 -32.81 8.40
C VAL E 197 12.76 -31.30 8.56
N MET E 198 11.92 -30.78 9.46
CA MET E 198 11.73 -29.34 9.56
C MET E 198 12.31 -28.71 10.82
N SER E 199 12.45 -29.46 11.90
CA SER E 199 12.91 -28.88 13.15
C SER E 199 13.52 -29.97 14.03
N LEU E 200 14.30 -29.54 15.01
CA LEU E 200 14.92 -30.45 15.96
C LEU E 200 15.17 -29.70 17.26
N SER E 201 15.33 -30.45 18.35
CA SER E 201 15.58 -29.86 19.65
C SER E 201 16.42 -30.82 20.48
N LEU E 202 17.42 -30.28 21.16
CA LEU E 202 18.32 -31.09 21.97
C LEU E 202 17.79 -31.25 23.39
N ALA E 203 18.12 -32.39 24.00
CA ALA E 203 17.78 -32.63 25.39
C ALA E 203 18.64 -31.76 26.31
N PRO E 204 18.18 -31.52 27.54
CA PRO E 204 19.01 -30.73 28.47
C PRO E 204 20.37 -31.32 28.74
N ASP E 205 20.49 -32.65 28.74
CA ASP E 205 21.78 -33.31 28.93
C ASP E 205 22.51 -33.57 27.61
N THR E 206 21.95 -33.12 26.49
CA THR E 206 22.52 -33.26 25.15
C THR E 206 22.89 -34.71 24.82
N ARG E 207 22.27 -35.67 25.49
CA ARG E 207 22.51 -37.08 25.17
C ARG E 207 21.55 -37.60 24.10
N LEU E 208 20.44 -36.90 23.87
CA LEU E 208 19.46 -37.30 22.87
C LEU E 208 18.84 -36.06 22.25
N PHE E 209 18.19 -36.24 21.11
CA PHE E 209 17.48 -35.15 20.47
C PHE E 209 16.29 -35.72 19.71
N VAL E 210 15.29 -34.87 19.50
CA VAL E 210 14.05 -35.24 18.84
C VAL E 210 13.86 -34.33 17.64
N SER E 211 13.13 -34.85 16.64
CA SER E 211 12.92 -34.11 15.40
C SER E 211 11.57 -34.48 14.81
N GLY E 212 11.05 -33.60 13.98
CA GLY E 212 9.82 -33.85 13.26
C GLY E 212 10.02 -33.75 11.77
N ALA E 213 9.24 -34.52 11.02
CA ALA E 213 9.37 -34.60 9.58
C ALA E 213 8.02 -34.35 8.92
N CYS E 214 8.04 -34.21 7.59
CA CYS E 214 6.83 -34.01 6.82
C CYS E 214 6.13 -35.34 6.54
N ASP E 215 5.93 -36.14 7.58
CA ASP E 215 5.23 -37.41 7.45
C ASP E 215 4.29 -37.68 8.62
N ALA E 216 3.94 -36.66 9.41
CA ALA E 216 3.09 -36.81 10.59
C ALA E 216 3.69 -37.80 11.58
N SER E 217 5.01 -37.77 11.74
CA SER E 217 5.71 -38.68 12.64
C SER E 217 6.89 -37.95 13.27
N ALA E 218 7.24 -38.39 14.48
CA ALA E 218 8.40 -37.87 15.21
C ALA E 218 9.24 -39.03 15.71
N LYS E 219 10.55 -38.81 15.76
CA LYS E 219 11.49 -39.85 16.13
C LYS E 219 12.49 -39.33 17.16
N LEU E 220 12.94 -40.23 18.02
CA LEU E 220 13.94 -39.93 19.05
C LEU E 220 15.23 -40.64 18.70
N TRP E 221 16.35 -39.91 18.76
CA TRP E 221 17.64 -40.43 18.35
C TRP E 221 18.61 -40.44 19.52
N ASP E 222 19.56 -41.37 19.48
CA ASP E 222 20.65 -41.44 20.44
C ASP E 222 21.89 -40.87 19.78
N VAL E 223 22.41 -39.77 20.33
CA VAL E 223 23.54 -39.09 19.72
C VAL E 223 24.80 -39.95 19.82
N ARG E 224 24.98 -40.65 20.94
CA ARG E 224 26.23 -41.35 21.18
C ARG E 224 26.44 -42.52 20.22
N GLU E 225 25.36 -43.18 19.79
CA GLU E 225 25.52 -44.35 18.94
C GLU E 225 24.56 -44.38 17.74
N GLY E 226 23.83 -43.29 17.49
CA GLY E 226 23.21 -43.06 16.20
C GLY E 226 22.17 -44.04 15.69
N MET E 227 21.14 -44.34 16.49
CA MET E 227 20.01 -45.12 15.99
C MET E 227 18.72 -44.52 16.53
N CYS E 228 17.63 -44.79 15.81
CA CYS E 228 16.32 -44.31 16.22
C CYS E 228 15.78 -45.17 17.34
N ARG E 229 15.55 -44.56 18.51
CA ARG E 229 15.07 -45.30 19.67
C ARG E 229 13.55 -45.46 19.67
N GLN E 230 12.80 -44.38 19.47
CA GLN E 230 11.35 -44.43 19.52
C GLN E 230 10.79 -43.65 18.35
N THR E 231 9.57 -44.02 17.94
CA THR E 231 8.86 -43.34 16.87
C THR E 231 7.46 -43.01 17.34
N PHE E 232 7.04 -41.76 17.13
CA PHE E 232 5.74 -41.29 17.58
C PHE E 232 4.89 -40.88 16.38
N THR E 233 3.62 -41.27 16.43
CA THR E 233 2.64 -40.90 15.41
C THR E 233 1.38 -40.41 16.10
N GLY E 234 0.46 -39.88 15.30
CA GLY E 234 -0.78 -39.34 15.83
C GLY E 234 -1.17 -38.03 15.18
N HIS E 235 -0.17 -37.31 14.65
CA HIS E 235 -0.45 -36.06 13.97
C HIS E 235 -1.13 -36.32 12.63
N GLU E 236 -1.56 -35.24 11.99
CA GLU E 236 -2.38 -35.33 10.78
C GLU E 236 -1.66 -34.92 9.51
N SER E 237 -0.66 -34.06 9.59
CA SER E 237 0.03 -33.55 8.41
C SER E 237 1.48 -33.28 8.77
N ASP E 238 2.17 -32.51 7.93
CA ASP E 238 3.58 -32.22 8.16
C ASP E 238 3.79 -31.48 9.47
N ILE E 239 4.83 -31.89 10.21
CA ILE E 239 5.17 -31.26 11.48
C ILE E 239 6.17 -30.14 11.22
N ASN E 240 5.86 -28.96 11.74
CA ASN E 240 6.66 -27.76 11.48
C ASN E 240 7.57 -27.38 12.63
N ALA E 241 7.16 -27.61 13.88
CA ALA E 241 7.93 -27.18 15.04
C ALA E 241 8.01 -28.30 16.06
N ILE E 242 9.07 -28.26 16.86
CA ILE E 242 9.29 -29.25 17.91
C ILE E 242 10.21 -28.63 18.95
N CYS E 243 10.00 -29.01 20.22
CA CYS E 243 10.82 -28.52 21.31
C CYS E 243 10.71 -29.49 22.47
N PHE E 244 11.74 -29.49 23.32
CA PHE E 244 11.81 -30.40 24.46
C PHE E 244 11.22 -29.75 25.70
N PHE E 245 10.58 -30.57 26.54
CA PHE E 245 10.10 -30.09 27.82
C PHE E 245 11.29 -29.78 28.73
N PRO E 246 11.14 -28.84 29.67
CA PRO E 246 12.26 -28.50 30.55
C PRO E 246 12.86 -29.68 31.31
N ASN E 247 12.03 -30.66 31.70
CA ASN E 247 12.54 -31.81 32.44
C ASN E 247 13.18 -32.86 31.55
N GLY E 248 13.02 -32.76 30.24
CA GLY E 248 13.63 -33.70 29.31
C GLY E 248 12.87 -35.00 29.11
N ASN E 249 11.68 -35.15 29.68
CA ASN E 249 10.90 -36.37 29.57
C ASN E 249 9.65 -36.19 28.72
N ALA E 250 9.57 -35.10 27.95
CA ALA E 250 8.39 -34.83 27.12
C ALA E 250 8.81 -33.85 26.03
N PHE E 251 7.96 -33.74 25.02
CA PHE E 251 8.18 -32.80 23.92
C PHE E 251 6.83 -32.49 23.28
N ALA E 252 6.79 -31.38 22.55
CA ALA E 252 5.57 -30.93 21.90
C ALA E 252 5.84 -30.70 20.42
N THR E 253 4.79 -30.85 19.61
CA THR E 253 4.91 -30.73 18.17
C THR E 253 3.77 -29.88 17.62
N GLY E 254 4.10 -29.05 16.63
CA GLY E 254 3.10 -28.29 15.88
C GLY E 254 3.09 -28.76 14.43
N SER E 255 1.88 -28.84 13.86
CA SER E 255 1.70 -29.39 12.53
C SER E 255 0.79 -28.48 11.72
N ASP E 256 0.67 -28.80 10.42
CA ASP E 256 -0.19 -28.05 9.52
C ASP E 256 -1.67 -28.26 9.78
N ASP E 257 -2.02 -29.22 10.63
CA ASP E 257 -3.43 -29.55 10.90
C ASP E 257 -4.08 -28.61 11.91
N ALA E 258 -3.43 -27.50 12.27
CA ALA E 258 -3.92 -26.53 13.24
C ALA E 258 -4.11 -27.14 14.62
N THR E 259 -3.33 -28.15 14.97
CA THR E 259 -3.46 -28.83 16.25
C THR E 259 -2.07 -29.13 16.82
N CYS E 260 -1.89 -28.80 18.10
CA CYS E 260 -0.67 -29.09 18.82
C CYS E 260 -0.87 -30.32 19.71
N ARG E 261 0.21 -31.06 19.92
CA ARG E 261 0.15 -32.30 20.67
C ARG E 261 1.38 -32.42 21.57
N LEU E 262 1.22 -33.18 22.65
CA LEU E 262 2.27 -33.43 23.61
C LEU E 262 2.52 -34.93 23.73
N PHE E 263 3.78 -35.33 23.79
CA PHE E 263 4.17 -36.73 23.89
C PHE E 263 5.08 -36.93 25.09
N ASP E 264 5.22 -38.20 25.49
CA ASP E 264 6.09 -38.59 26.58
C ASP E 264 7.01 -39.71 26.10
N LEU E 265 8.29 -39.63 26.47
CA LEU E 265 9.26 -40.61 26.04
C LEU E 265 9.07 -41.95 26.73
N ARG E 266 8.53 -41.97 27.95
CA ARG E 266 8.29 -43.22 28.66
C ARG E 266 6.92 -43.81 28.35
N ALA E 267 5.90 -42.98 28.16
CA ALA E 267 4.58 -43.50 27.82
C ALA E 267 4.52 -44.00 26.38
N ASP E 268 5.39 -43.48 25.51
CA ASP E 268 5.51 -43.87 24.11
C ASP E 268 4.24 -43.58 23.30
N GLN E 269 3.40 -42.64 23.74
CA GLN E 269 2.17 -42.34 23.03
C GLN E 269 1.75 -40.91 23.34
N GLU E 270 0.77 -40.43 22.57
CA GLU E 270 0.27 -39.07 22.74
C GLU E 270 -0.35 -38.89 24.13
N LEU E 271 -0.12 -37.73 24.72
CA LEU E 271 -0.64 -37.40 26.04
C LEU E 271 -1.76 -36.38 26.02
N MET E 272 -1.61 -35.29 25.27
CA MET E 272 -2.60 -34.23 25.26
C MET E 272 -2.60 -33.57 23.89
N THR E 273 -3.78 -33.07 23.49
CA THR E 273 -3.95 -32.39 22.22
C THR E 273 -4.54 -31.00 22.47
N TYR E 274 -4.03 -30.01 21.75
CA TYR E 274 -4.48 -28.63 21.86
C TYR E 274 -5.10 -28.22 20.52
N SER E 275 -6.36 -27.80 20.56
CA SER E 275 -7.06 -27.39 19.34
C SER E 275 -8.24 -26.51 19.71
N HIS E 276 -8.76 -25.81 18.71
CA HIS E 276 -9.96 -24.99 18.86
C HIS E 276 -10.69 -24.96 17.53
N ASP E 277 -12.00 -24.74 17.58
CA ASP E 277 -12.82 -24.77 16.37
C ASP E 277 -12.45 -23.63 15.42
N ASN E 278 -12.21 -22.44 15.95
CA ASN E 278 -11.94 -21.28 15.10
C ASN E 278 -10.53 -21.28 14.53
N ILE E 279 -9.65 -22.17 15.00
CA ILE E 279 -8.28 -22.23 14.50
C ILE E 279 -8.24 -23.22 13.34
N ILE E 280 -8.01 -22.71 12.14
CA ILE E 280 -7.93 -23.55 10.94
C ILE E 280 -6.62 -23.25 10.20
N CYS E 281 -5.61 -22.80 10.94
CA CYS E 281 -4.31 -22.48 10.37
C CYS E 281 -3.22 -23.22 11.13
N GLY E 282 -2.17 -23.60 10.41
CA GLY E 282 -1.12 -24.42 10.98
C GLY E 282 -0.25 -23.68 11.97
N ILE E 283 0.58 -24.44 12.66
CA ILE E 283 1.47 -23.92 13.70
C ILE E 283 2.88 -23.85 13.13
N THR E 284 3.54 -22.71 13.33
CA THR E 284 4.88 -22.48 12.78
C THR E 284 5.99 -22.63 13.80
N SER E 285 5.76 -22.25 15.07
CA SER E 285 6.78 -22.33 16.08
C SER E 285 6.17 -22.82 17.38
N VAL E 286 6.99 -23.49 18.19
CA VAL E 286 6.56 -24.06 19.46
C VAL E 286 7.69 -23.91 20.46
N SER E 287 7.34 -23.51 21.69
CA SER E 287 8.33 -23.38 22.75
C SER E 287 7.61 -23.39 24.09
N PHE E 288 8.32 -23.87 25.12
CA PHE E 288 7.80 -23.92 26.47
C PHE E 288 8.39 -22.80 27.32
N SER E 289 7.85 -22.67 28.53
CA SER E 289 8.38 -21.74 29.53
C SER E 289 9.35 -22.47 30.44
N LYS E 290 9.85 -21.77 31.46
CA LYS E 290 10.81 -22.37 32.38
C LYS E 290 10.16 -23.49 33.20
N SER E 291 8.96 -23.25 33.74
CA SER E 291 8.29 -24.27 34.53
C SER E 291 7.62 -25.33 33.65
N GLY E 292 7.39 -25.03 32.38
CA GLY E 292 6.69 -25.94 31.50
C GLY E 292 5.19 -25.89 31.60
N ARG E 293 4.63 -25.02 32.44
CA ARG E 293 3.19 -24.89 32.59
C ARG E 293 2.54 -24.19 31.41
N LEU E 294 3.26 -23.31 30.72
CA LEU E 294 2.73 -22.57 29.57
C LEU E 294 3.39 -23.06 28.30
N LEU E 295 2.58 -23.28 27.26
CA LEU E 295 3.06 -23.70 25.95
C LEU E 295 2.71 -22.60 24.96
N LEU E 296 3.73 -21.95 24.40
CA LEU E 296 3.55 -20.85 23.46
C LEU E 296 3.78 -21.35 22.04
N ALA E 297 2.84 -21.02 21.15
CA ALA E 297 2.91 -21.45 19.77
C ALA E 297 2.55 -20.31 18.83
N GLY E 298 3.25 -20.24 17.71
CA GLY E 298 2.95 -19.27 16.66
C GLY E 298 2.04 -19.87 15.61
N TYR E 299 1.24 -19.02 14.98
CA TYR E 299 0.25 -19.45 14.02
C TYR E 299 0.38 -18.67 12.72
N ASP E 300 -0.18 -19.22 11.66
CA ASP E 300 -0.14 -18.61 10.34
C ASP E 300 -1.10 -17.45 10.19
N ASP E 301 -2.00 -17.24 11.16
CA ASP E 301 -2.97 -16.15 11.11
C ASP E 301 -2.47 -14.87 11.77
N PHE E 302 -1.15 -14.66 11.79
CA PHE E 302 -0.50 -13.43 12.23
C PHE E 302 -0.61 -13.21 13.74
N ASN E 303 -0.72 -14.28 14.53
CA ASN E 303 -0.80 -14.14 15.98
C ASN E 303 -0.14 -15.34 16.66
N CYS E 304 0.14 -15.17 17.95
CA CYS E 304 0.68 -16.22 18.79
C CYS E 304 -0.25 -16.45 19.96
N ASN E 305 -0.49 -17.73 20.29
CA ASN E 305 -1.40 -18.10 21.36
C ASN E 305 -0.64 -18.80 22.48
N VAL E 306 -1.16 -18.66 23.70
CA VAL E 306 -0.58 -19.26 24.89
C VAL E 306 -1.51 -20.38 25.35
N TRP E 307 -0.95 -21.58 25.50
CA TRP E 307 -1.72 -22.76 25.89
C TRP E 307 -1.29 -23.23 27.27
N ASP E 308 -2.27 -23.66 28.06
CA ASP E 308 -2.00 -24.30 29.35
C ASP E 308 -1.69 -25.76 29.06
N ALA E 309 -0.41 -26.14 29.25
CA ALA E 309 0.03 -27.48 28.88
C ALA E 309 -0.72 -28.55 29.66
N LEU E 310 -0.99 -28.30 30.94
CA LEU E 310 -1.67 -29.29 31.76
C LEU E 310 -3.16 -29.36 31.46
N LYS E 311 -3.80 -28.24 31.12
CA LYS E 311 -5.25 -28.20 30.97
C LYS E 311 -5.72 -27.99 29.54
N ALA E 312 -4.82 -27.66 28.59
CA ALA E 312 -5.18 -27.48 27.19
C ALA E 312 -6.24 -26.40 27.00
N ASP E 313 -6.18 -25.34 27.81
CA ASP E 313 -7.08 -24.20 27.69
C ASP E 313 -6.29 -22.97 27.30
N ARG E 314 -6.74 -22.27 26.25
CA ARG E 314 -6.06 -21.08 25.78
C ARG E 314 -6.10 -19.99 26.85
N ALA E 315 -4.93 -19.53 27.27
CA ALA E 315 -4.80 -18.59 28.38
C ALA E 315 -4.36 -17.20 27.94
N GLY E 316 -4.09 -16.99 26.66
CA GLY E 316 -3.68 -15.67 26.21
C GLY E 316 -3.39 -15.68 24.72
N VAL E 317 -3.39 -14.46 24.17
CA VAL E 317 -3.17 -14.25 22.74
C VAL E 317 -2.22 -13.08 22.57
N LEU E 318 -1.27 -13.24 21.65
CA LEU E 318 -0.37 -12.16 21.24
C LEU E 318 -0.61 -11.87 19.78
N ALA E 319 -1.02 -10.63 19.48
CA ALA E 319 -1.37 -10.22 18.13
C ALA E 319 -0.72 -8.88 17.78
N GLY E 320 0.59 -8.80 18.01
CA GLY E 320 1.32 -7.58 17.72
C GLY E 320 2.10 -7.62 16.42
N HIS E 321 1.78 -8.57 15.54
CA HIS E 321 2.50 -8.75 14.29
C HIS E 321 1.56 -8.58 13.11
N ASP E 322 2.08 -8.00 12.03
CA ASP E 322 1.30 -7.78 10.81
C ASP E 322 1.39 -8.95 9.83
N ASN E 323 2.23 -9.94 10.11
CA ASN E 323 2.39 -11.10 9.24
C ASN E 323 2.56 -12.34 10.10
N ARG E 324 2.71 -13.48 9.44
CA ARG E 324 2.78 -14.76 10.14
C ARG E 324 4.03 -14.84 11.00
N VAL E 325 3.88 -15.40 12.20
CA VAL E 325 5.00 -15.60 13.11
C VAL E 325 5.81 -16.79 12.61
N SER E 326 7.05 -16.53 12.18
CA SER E 326 7.90 -17.57 11.62
C SER E 326 8.87 -18.18 12.62
N CYS E 327 9.12 -17.51 13.75
CA CYS E 327 10.03 -18.03 14.76
C CYS E 327 9.59 -17.53 16.12
N LEU E 328 10.04 -18.24 17.15
CA LEU E 328 9.69 -17.92 18.54
C LEU E 328 10.78 -18.47 19.44
N GLY E 329 10.98 -17.81 20.58
CA GLY E 329 12.00 -18.23 21.51
C GLY E 329 11.80 -17.70 22.92
N VAL E 330 12.25 -18.47 23.91
CA VAL E 330 12.15 -18.09 25.32
C VAL E 330 13.56 -18.09 25.91
N THR E 331 13.83 -17.09 26.74
CA THR E 331 15.14 -16.95 27.35
C THR E 331 15.42 -18.10 28.32
N ASP E 332 16.70 -18.38 28.51
CA ASP E 332 17.11 -19.41 29.47
C ASP E 332 16.74 -19.03 30.90
N ASP E 333 16.64 -17.74 31.20
CA ASP E 333 16.20 -17.27 32.50
C ASP E 333 14.69 -17.22 32.63
N GLY E 334 13.96 -17.43 31.53
CA GLY E 334 12.51 -17.37 31.56
C GLY E 334 11.95 -15.99 31.81
N MET E 335 12.74 -14.94 31.55
CA MET E 335 12.34 -13.57 31.86
C MET E 335 11.71 -12.84 30.69
N ALA E 336 11.83 -13.36 29.46
CA ALA E 336 11.27 -12.68 28.31
C ALA E 336 11.01 -13.70 27.21
N VAL E 337 10.17 -13.30 26.26
CA VAL E 337 9.84 -14.10 25.08
C VAL E 337 10.02 -13.21 23.85
N ALA E 338 10.76 -13.71 22.86
CA ALA E 338 10.99 -12.99 21.62
C ALA E 338 10.37 -13.75 20.46
N THR E 339 9.72 -13.00 19.57
CA THR E 339 9.03 -13.57 18.41
C THR E 339 9.44 -12.82 17.16
N GLY E 340 9.64 -13.56 16.07
CA GLY E 340 9.88 -13.00 14.77
C GLY E 340 8.68 -13.22 13.86
N SER E 341 8.69 -12.51 12.73
CA SER E 341 7.57 -12.56 11.81
C SER E 341 8.04 -12.16 10.42
N TRP E 342 7.17 -12.36 9.44
CA TRP E 342 7.44 -12.01 8.05
C TRP E 342 7.34 -10.51 7.79
N ASP E 343 7.03 -9.71 8.81
CA ASP E 343 6.96 -8.26 8.68
C ASP E 343 8.30 -7.58 8.99
N SER E 344 9.37 -8.37 9.14
CA SER E 344 10.73 -7.89 9.38
C SER E 344 10.87 -7.18 10.72
N PHE E 345 10.09 -7.55 11.71
CA PHE E 345 10.15 -6.95 13.05
C PHE E 345 10.29 -8.03 14.11
N LEU E 346 11.14 -7.76 15.08
CA LEU E 346 11.31 -8.63 16.25
C LEU E 346 10.67 -7.94 17.46
N LYS E 347 9.83 -8.67 18.17
CA LYS E 347 9.10 -8.14 19.32
C LYS E 347 9.43 -8.97 20.55
N ILE E 348 9.73 -8.30 21.66
CA ILE E 348 10.06 -8.94 22.92
C ILE E 348 8.92 -8.66 23.91
N TRP E 349 8.40 -9.71 24.51
CA TRP E 349 7.24 -9.62 25.39
C TRP E 349 7.62 -10.08 26.79
N ASN E 350 6.89 -9.57 27.77
CA ASN E 350 7.12 -9.92 29.17
C ASN E 350 5.85 -9.78 29.99
N SER F 8 13.76 -52.40 -2.94
CA SER F 8 12.42 -52.61 -2.43
C SER F 8 12.41 -53.62 -1.29
N ILE F 9 13.08 -54.76 -1.51
CA ILE F 9 13.15 -55.79 -0.48
C ILE F 9 13.94 -55.28 0.72
N ALA F 10 15.05 -54.57 0.47
CA ALA F 10 15.88 -54.06 1.56
C ALA F 10 15.11 -53.07 2.43
N GLN F 11 14.29 -52.22 1.81
CA GLN F 11 13.50 -51.27 2.58
C GLN F 11 12.51 -51.99 3.50
N ALA F 12 11.85 -53.04 2.99
CA ALA F 12 10.92 -53.80 3.81
C ALA F 12 11.64 -54.50 4.96
N ARG F 13 12.82 -55.06 4.69
CA ARG F 13 13.58 -55.73 5.74
C ARG F 13 14.00 -54.76 6.84
N LYS F 14 14.45 -53.56 6.46
CA LYS F 14 14.84 -52.57 7.45
C LYS F 14 13.65 -52.08 8.26
N LEU F 15 12.48 -51.98 7.62
CA LEU F 15 11.28 -51.56 8.33
C LEU F 15 10.91 -52.56 9.42
N VAL F 16 11.02 -53.85 9.11
CA VAL F 16 10.73 -54.89 10.11
C VAL F 16 11.71 -54.80 11.27
N GLU F 17 12.99 -54.60 10.97
CA GLU F 17 14.00 -54.53 12.03
C GLU F 17 13.74 -53.36 12.97
N GLN F 18 13.44 -52.18 12.41
CA GLN F 18 13.14 -51.03 13.24
C GLN F 18 11.86 -51.23 14.03
N LEU F 19 10.85 -51.84 13.40
CA LEU F 19 9.60 -52.12 14.11
C LEU F 19 9.82 -53.09 15.27
N LYS F 20 10.66 -54.11 15.05
CA LYS F 20 10.97 -55.05 16.13
C LYS F 20 11.72 -54.36 17.25
N MET F 21 12.64 -53.46 16.91
CA MET F 21 13.41 -52.76 17.94
C MET F 21 12.53 -51.86 18.76
N GLU F 22 11.50 -51.27 18.16
CA GLU F 22 10.58 -50.37 18.87
C GLU F 22 9.51 -51.12 19.64
N ALA F 23 9.42 -52.44 19.50
CA ALA F 23 8.36 -53.21 20.15
C ALA F 23 8.76 -53.77 21.50
N ASN F 24 10.06 -54.02 21.72
CA ASN F 24 10.54 -54.63 22.96
C ASN F 24 10.99 -53.60 24.00
N ILE F 25 10.81 -52.31 23.73
CA ILE F 25 11.22 -51.30 24.69
C ILE F 25 10.28 -51.30 25.90
N ASP F 26 10.80 -50.81 27.02
CA ASP F 26 10.01 -50.75 28.24
C ASP F 26 9.02 -49.58 28.17
N ARG F 27 7.88 -49.77 28.85
CA ARG F 27 6.84 -48.74 28.89
C ARG F 27 6.30 -48.65 30.31
N ILE F 28 5.76 -47.46 30.62
CA ILE F 28 5.19 -47.18 31.93
C ILE F 28 3.77 -46.64 31.70
N LYS F 29 2.92 -46.83 32.71
CA LYS F 29 1.54 -46.38 32.62
C LYS F 29 1.47 -44.87 32.39
N VAL F 30 0.50 -44.45 31.58
CA VAL F 30 0.37 -43.04 31.22
C VAL F 30 0.10 -42.19 32.46
N SER F 31 -0.68 -42.71 33.41
CA SER F 31 -0.99 -41.96 34.62
C SER F 31 0.28 -41.63 35.41
N LYS F 32 1.24 -42.56 35.45
CA LYS F 32 2.52 -42.26 36.08
C LYS F 32 3.28 -41.20 35.29
N ALA F 33 3.25 -41.29 33.96
CA ALA F 33 3.91 -40.28 33.13
C ALA F 33 3.25 -38.92 33.30
N ALA F 34 1.91 -38.90 33.38
CA ALA F 34 1.21 -37.65 33.58
C ALA F 34 1.50 -37.04 34.94
N ALA F 35 1.63 -37.89 35.97
CA ALA F 35 1.91 -37.40 37.31
C ALA F 35 3.29 -36.74 37.39
N ASP F 36 4.28 -37.34 36.72
CA ASP F 36 5.63 -36.79 36.76
C ASP F 36 5.67 -35.40 36.11
N LEU F 37 4.98 -35.23 34.98
CA LEU F 37 4.92 -33.92 34.33
C LEU F 37 4.18 -32.92 35.22
N MET F 38 3.13 -33.37 35.91
CA MET F 38 2.44 -32.50 36.85
C MET F 38 3.34 -32.06 37.99
N ALA F 39 4.12 -33.00 38.53
CA ALA F 39 4.95 -32.69 39.70
C ALA F 39 6.02 -31.65 39.38
N TYR F 40 6.60 -31.73 38.18
CA TYR F 40 7.66 -30.81 37.80
C TYR F 40 7.13 -29.38 37.72
N CYS F 41 5.93 -29.20 37.15
CA CYS F 41 5.38 -27.86 36.98
C CYS F 41 5.09 -27.20 38.32
N GLU F 42 4.49 -27.95 39.26
CA GLU F 42 4.15 -27.38 40.55
C GLU F 42 5.37 -27.12 41.41
N ALA F 43 6.48 -27.82 41.15
CA ALA F 43 7.71 -27.60 41.90
C ALA F 43 8.46 -26.35 41.43
N HIS F 44 8.19 -25.88 40.21
CA HIS F 44 8.87 -24.72 39.65
C HIS F 44 7.89 -23.61 39.29
N ALA F 45 6.67 -23.65 39.82
CA ALA F 45 5.68 -22.62 39.50
C ALA F 45 6.11 -21.26 40.04
N LYS F 46 6.68 -21.23 41.24
CA LYS F 46 7.09 -19.96 41.84
C LYS F 46 8.29 -19.34 41.13
N GLU F 47 9.18 -20.15 40.57
CA GLU F 47 10.42 -19.65 39.98
C GLU F 47 10.25 -19.22 38.52
N ASP F 48 9.05 -19.33 37.96
CA ASP F 48 8.85 -19.06 36.54
C ASP F 48 8.06 -17.76 36.35
N PRO F 49 8.63 -16.76 35.68
CA PRO F 49 7.82 -15.62 35.24
C PRO F 49 6.76 -16.04 34.23
N LEU F 50 5.94 -15.06 33.82
CA LEU F 50 4.78 -15.27 32.97
C LEU F 50 3.70 -16.04 33.73
N LEU F 51 3.99 -16.43 34.96
CA LEU F 51 3.03 -16.99 35.89
C LEU F 51 2.77 -16.09 37.09
N THR F 52 3.83 -15.50 37.63
CA THR F 52 3.72 -14.49 38.69
C THR F 52 4.31 -13.19 38.15
N PRO F 53 3.50 -12.16 37.96
CA PRO F 53 4.02 -10.90 37.41
C PRO F 53 5.13 -10.32 38.27
N VAL F 54 6.14 -9.76 37.61
CA VAL F 54 7.30 -9.21 38.30
C VAL F 54 7.21 -7.69 38.28
N PRO F 55 7.55 -7.00 39.37
CA PRO F 55 7.54 -5.53 39.34
C PRO F 55 8.60 -4.98 38.41
N ALA F 56 8.35 -3.76 37.91
CA ALA F 56 9.27 -3.13 36.96
C ALA F 56 10.65 -2.91 37.57
N SER F 57 10.75 -2.83 38.90
CA SER F 57 12.05 -2.66 39.53
C SER F 57 12.97 -3.85 39.25
N GLU F 58 12.43 -5.07 39.30
CA GLU F 58 13.21 -6.27 39.02
C GLU F 58 13.23 -6.63 37.54
N ASN F 59 12.22 -6.21 36.78
CA ASN F 59 12.14 -6.54 35.37
C ASN F 59 13.21 -5.80 34.58
N PRO F 60 14.09 -6.49 33.86
CA PRO F 60 15.09 -5.77 33.06
C PRO F 60 14.49 -5.10 31.83
N PHE F 61 13.46 -5.70 31.22
CA PHE F 61 12.79 -5.12 30.08
C PHE F 61 11.74 -4.11 30.53
N ARG F 62 12.22 -3.03 31.13
CA ARG F 62 11.37 -2.00 31.70
C ARG F 62 11.07 -0.91 30.68
N GLN G 1 -1.81 -43.36 12.93
CA GLN G 1 -1.04 -43.24 11.70
C GLN G 1 -1.97 -43.13 10.50
N VAL G 2 -1.67 -42.21 9.58
CA VAL G 2 -2.47 -42.05 8.38
C VAL G 2 -2.32 -43.29 7.50
N GLN G 3 -3.44 -43.92 7.17
CA GLN G 3 -3.44 -45.14 6.39
C GLN G 3 -4.44 -45.04 5.25
N LEU G 4 -4.03 -45.48 4.06
CA LEU G 4 -4.89 -45.55 2.88
C LEU G 4 -4.73 -46.93 2.27
N GLN G 5 -5.78 -47.74 2.35
CA GLN G 5 -5.74 -49.12 1.87
C GLN G 5 -6.70 -49.26 0.69
N GLU G 6 -6.20 -49.79 -0.42
CA GLU G 6 -7.01 -50.00 -1.61
C GLU G 6 -7.43 -51.46 -1.72
N SER G 7 -8.54 -51.69 -2.40
CA SER G 7 -9.06 -53.03 -2.62
C SER G 7 -9.74 -53.11 -3.97
N GLY G 8 -9.84 -54.31 -4.49
CA GLY G 8 -10.46 -54.56 -5.78
C GLY G 8 -9.44 -54.74 -6.89
N GLY G 9 -9.93 -54.63 -8.12
CA GLY G 9 -9.09 -54.80 -9.29
C GLY G 9 -8.80 -56.26 -9.58
N GLY G 10 -7.92 -56.47 -10.56
CA GLY G 10 -7.52 -57.79 -10.98
C GLY G 10 -7.62 -57.97 -12.48
N LEU G 11 -7.56 -59.23 -12.89
CA LEU G 11 -7.65 -59.56 -14.31
C LEU G 11 -9.04 -59.24 -14.84
N VAL G 12 -9.08 -58.71 -16.07
CA VAL G 12 -10.34 -58.37 -16.72
C VAL G 12 -10.14 -58.43 -18.22
N GLN G 13 -11.20 -58.83 -18.93
CA GLN G 13 -11.16 -58.86 -20.38
C GLN G 13 -11.17 -57.44 -20.93
N PRO G 14 -10.57 -57.23 -22.10
CA PRO G 14 -10.66 -55.91 -22.75
C PRO G 14 -12.11 -55.52 -23.00
N GLY G 15 -12.42 -54.26 -22.77
CA GLY G 15 -13.79 -53.78 -22.88
C GLY G 15 -14.68 -54.12 -21.71
N GLY G 16 -14.12 -54.63 -20.61
CA GLY G 16 -14.89 -55.01 -19.44
C GLY G 16 -15.06 -53.87 -18.46
N SER G 17 -15.28 -54.23 -17.21
CA SER G 17 -15.50 -53.24 -16.16
C SER G 17 -14.85 -53.72 -14.86
N LEU G 18 -14.50 -52.75 -14.02
CA LEU G 18 -13.88 -53.04 -12.72
C LEU G 18 -14.27 -51.95 -11.74
N ARG G 19 -14.15 -52.26 -10.46
CA ARG G 19 -14.45 -51.33 -9.38
C ARG G 19 -13.30 -51.30 -8.39
N LEU G 20 -12.82 -50.10 -8.07
CA LEU G 20 -11.73 -49.91 -7.11
C LEU G 20 -12.26 -49.21 -5.87
N SER G 21 -11.90 -49.73 -4.71
CA SER G 21 -12.32 -49.18 -3.43
C SER G 21 -11.11 -48.79 -2.61
N CYS G 22 -11.12 -47.55 -2.10
CA CYS G 22 -10.07 -47.03 -1.23
C CYS G 22 -10.61 -46.93 0.18
N ALA G 23 -9.92 -47.55 1.14
CA ALA G 23 -10.30 -47.52 2.54
C ALA G 23 -9.43 -46.49 3.26
N ALA G 24 -10.07 -45.51 3.87
CA ALA G 24 -9.39 -44.43 4.56
C ALA G 24 -9.65 -44.51 6.06
N SER G 25 -8.57 -44.36 6.84
CA SER G 25 -8.68 -44.41 8.29
C SER G 25 -7.56 -43.57 8.89
N GLY G 26 -7.78 -43.14 10.14
CA GLY G 26 -6.80 -42.37 10.86
C GLY G 26 -6.79 -40.89 10.59
N PHE G 27 -7.72 -40.38 9.77
CA PHE G 27 -7.76 -38.95 9.48
C PHE G 27 -9.19 -38.56 9.14
N THR G 28 -9.46 -37.26 9.26
CA THR G 28 -10.77 -36.71 8.90
C THR G 28 -10.93 -36.73 7.39
N PHE G 29 -11.87 -37.54 6.90
CA PHE G 29 -11.99 -37.76 5.47
C PHE G 29 -12.61 -36.55 4.75
N SER G 30 -13.49 -35.82 5.43
CA SER G 30 -14.20 -34.72 4.78
C SER G 30 -13.36 -33.46 4.64
N ASN G 31 -12.22 -33.38 5.34
CA ASN G 31 -11.41 -32.16 5.33
C ASN G 31 -10.34 -32.16 4.26
N TYR G 32 -10.21 -33.22 3.47
CA TYR G 32 -9.11 -33.34 2.52
C TYR G 32 -9.62 -33.69 1.13
N LYS G 33 -8.85 -33.25 0.13
CA LYS G 33 -9.10 -33.62 -1.26
C LYS G 33 -8.42 -34.96 -1.57
N MET G 34 -9.10 -35.76 -2.40
CA MET G 34 -8.62 -37.09 -2.73
C MET G 34 -8.35 -37.17 -4.22
N ASN G 35 -7.33 -37.93 -4.59
CA ASN G 35 -6.93 -38.08 -5.98
C ASN G 35 -6.67 -39.55 -6.28
N TRP G 36 -6.79 -39.90 -7.56
CA TRP G 36 -6.45 -41.22 -8.06
C TRP G 36 -5.20 -41.11 -8.93
N VAL G 37 -4.19 -41.92 -8.61
CA VAL G 37 -2.94 -41.94 -9.36
C VAL G 37 -2.61 -43.37 -9.72
N ARG G 38 -2.13 -43.58 -10.94
CA ARG G 38 -1.77 -44.91 -11.45
C ARG G 38 -0.35 -44.88 -12.00
N GLN G 39 0.28 -46.05 -12.03
CA GLN G 39 1.65 -46.19 -12.51
C GLN G 39 1.70 -47.36 -13.48
N ALA G 40 1.80 -47.06 -14.77
CA ALA G 40 1.94 -48.10 -15.77
C ALA G 40 3.31 -48.78 -15.63
N PRO G 41 3.41 -50.06 -16.00
CA PRO G 41 4.70 -50.75 -15.91
C PRO G 41 5.74 -50.07 -16.80
N GLY G 42 6.91 -49.82 -16.22
CA GLY G 42 7.97 -49.12 -16.93
C GLY G 42 7.78 -47.64 -17.05
N LYS G 43 6.81 -47.06 -16.35
CA LYS G 43 6.51 -45.63 -16.42
C LYS G 43 6.46 -45.06 -15.01
N GLY G 44 6.27 -43.74 -14.94
CA GLY G 44 6.20 -43.04 -13.67
C GLY G 44 4.77 -42.81 -13.22
N LEU G 45 4.64 -42.14 -12.07
CA LEU G 45 3.33 -41.83 -11.51
C LEU G 45 2.61 -40.83 -12.39
N GLU G 46 1.30 -41.05 -12.58
CA GLU G 46 0.46 -40.17 -13.37
C GLU G 46 -0.83 -39.90 -12.61
N TRP G 47 -1.41 -38.73 -12.86
CA TRP G 47 -2.65 -38.31 -12.21
C TRP G 47 -3.83 -38.71 -13.08
N VAL G 48 -4.85 -39.31 -12.47
CA VAL G 48 -6.03 -39.80 -13.17
C VAL G 48 -7.24 -38.91 -12.92
N SER G 49 -7.66 -38.78 -11.66
CA SER G 49 -8.86 -38.03 -11.34
C SER G 49 -8.77 -37.54 -9.89
N ASP G 50 -9.64 -36.58 -9.57
CA ASP G 50 -9.70 -36.03 -8.22
C ASP G 50 -11.13 -35.61 -7.91
N ILE G 51 -11.41 -35.41 -6.62
CA ILE G 51 -12.73 -35.00 -6.15
C ILE G 51 -12.54 -34.01 -5.01
N SER G 52 -13.46 -33.05 -4.92
CA SER G 52 -13.40 -32.02 -3.88
C SER G 52 -13.83 -32.62 -2.55
N GLN G 53 -13.83 -31.80 -1.50
CA GLN G 53 -14.15 -32.28 -0.16
C GLN G 53 -15.58 -32.81 -0.09
N SER G 54 -16.53 -32.04 -0.61
CA SER G 54 -17.94 -32.43 -0.60
C SER G 54 -18.36 -33.16 -1.85
N GLY G 55 -17.46 -33.34 -2.81
CA GLY G 55 -17.79 -34.01 -4.06
C GLY G 55 -18.46 -33.14 -5.10
N ALA G 56 -18.53 -31.83 -4.88
CA ALA G 56 -19.19 -30.94 -5.83
C ALA G 56 -18.35 -30.72 -7.08
N SER G 57 -17.03 -30.85 -6.98
CA SER G 57 -16.12 -30.63 -8.11
C SER G 57 -15.43 -31.94 -8.47
N ILE G 58 -15.48 -32.27 -9.76
CA ILE G 58 -14.90 -33.51 -10.27
C ILE G 58 -14.12 -33.20 -11.54
N SER G 59 -12.95 -33.80 -11.66
CA SER G 59 -12.09 -33.60 -12.82
C SER G 59 -11.38 -34.91 -13.16
N TYR G 60 -11.27 -35.19 -14.45
CA TYR G 60 -10.56 -36.36 -14.95
C TYR G 60 -9.49 -35.93 -15.94
N THR G 61 -8.49 -36.80 -16.12
CA THR G 61 -7.58 -36.63 -17.23
C THR G 61 -8.31 -36.97 -18.53
N GLY G 62 -7.84 -36.38 -19.63
CA GLY G 62 -8.56 -36.52 -20.89
C GLY G 62 -8.65 -37.94 -21.41
N SER G 63 -7.62 -38.74 -21.16
CA SER G 63 -7.56 -40.09 -21.73
C SER G 63 -8.58 -41.04 -21.12
N VAL G 64 -9.18 -40.71 -19.97
CA VAL G 64 -10.11 -41.60 -19.29
C VAL G 64 -11.50 -41.01 -19.15
N LYS G 65 -11.76 -39.86 -19.79
CA LYS G 65 -13.07 -39.24 -19.68
C LYS G 65 -14.15 -40.14 -20.27
N GLY G 66 -15.25 -40.28 -19.54
CA GLY G 66 -16.35 -41.16 -19.92
C GLY G 66 -16.17 -42.59 -19.48
N ARG G 67 -14.94 -43.11 -19.58
CA ARG G 67 -14.68 -44.48 -19.17
C ARG G 67 -14.76 -44.64 -17.66
N PHE G 68 -14.17 -43.71 -16.92
CA PHE G 68 -14.06 -43.81 -15.46
C PHE G 68 -15.02 -42.85 -14.78
N THR G 69 -15.23 -43.09 -13.49
CA THR G 69 -16.12 -42.27 -12.67
C THR G 69 -15.67 -42.36 -11.22
N ILE G 70 -15.60 -41.21 -10.54
CA ILE G 70 -15.10 -41.13 -9.18
C ILE G 70 -16.23 -40.65 -8.26
N SER G 71 -16.29 -41.26 -7.08
CA SER G 71 -17.30 -40.92 -6.09
C SER G 71 -16.68 -41.02 -4.70
N ARG G 72 -17.28 -40.29 -3.76
CA ARG G 72 -16.79 -40.23 -2.39
C ARG G 72 -17.93 -40.45 -1.41
N ASP G 73 -17.63 -41.16 -0.32
CA ASP G 73 -18.60 -41.45 0.74
C ASP G 73 -18.01 -40.95 2.06
N ASN G 74 -18.58 -39.83 2.56
CA ASN G 74 -18.10 -39.26 3.83
C ASN G 74 -18.36 -40.19 5.01
N ALA G 75 -19.56 -40.78 5.05
CA ALA G 75 -19.96 -41.57 6.22
C ALA G 75 -19.07 -42.80 6.39
N LYS G 76 -18.76 -43.48 5.29
CA LYS G 76 -17.97 -44.71 5.35
C LYS G 76 -16.47 -44.46 5.22
N ASN G 77 -16.06 -43.21 4.98
CA ASN G 77 -14.65 -42.85 4.83
C ASN G 77 -13.97 -43.71 3.77
N THR G 78 -14.50 -43.62 2.54
CA THR G 78 -14.01 -44.43 1.45
C THR G 78 -14.16 -43.68 0.13
N LEU G 79 -13.40 -44.11 -0.86
CA LEU G 79 -13.39 -43.51 -2.18
C LEU G 79 -13.47 -44.60 -3.24
N TYR G 80 -14.19 -44.32 -4.32
CA TYR G 80 -14.45 -45.29 -5.37
C TYR G 80 -13.96 -44.77 -6.71
N LEU G 81 -13.72 -45.71 -7.63
CA LEU G 81 -13.41 -45.40 -9.02
C LEU G 81 -14.09 -46.43 -9.90
N GLN G 82 -15.19 -46.05 -10.54
CA GLN G 82 -15.95 -46.95 -11.40
C GLN G 82 -15.31 -46.98 -12.78
N MET G 83 -14.87 -48.16 -13.22
CA MET G 83 -14.17 -48.33 -14.48
C MET G 83 -15.07 -49.08 -15.46
N ASN G 84 -15.17 -48.57 -16.69
CA ASN G 84 -16.01 -49.17 -17.71
C ASN G 84 -15.27 -49.15 -19.05
N SER G 85 -15.54 -50.17 -19.86
CA SER G 85 -14.98 -50.31 -21.20
C SER G 85 -13.46 -50.16 -21.19
N LEU G 86 -12.81 -50.99 -20.39
CA LEU G 86 -11.38 -50.88 -20.19
C LEU G 86 -10.61 -51.23 -21.46
N LYS G 87 -9.57 -50.45 -21.74
CA LYS G 87 -8.67 -50.70 -22.86
C LYS G 87 -7.39 -51.35 -22.37
N PRO G 88 -6.65 -52.02 -23.26
CA PRO G 88 -5.38 -52.63 -22.85
C PRO G 88 -4.40 -51.66 -22.19
N GLU G 89 -4.41 -50.39 -22.60
CA GLU G 89 -3.50 -49.41 -22.01
C GLU G 89 -3.81 -49.14 -20.54
N ASP G 90 -5.00 -49.50 -20.07
CA ASP G 90 -5.41 -49.18 -18.71
C ASP G 90 -4.68 -50.01 -17.65
N THR G 91 -3.93 -51.04 -18.04
CA THR G 91 -3.24 -51.86 -17.06
C THR G 91 -2.15 -51.05 -16.35
N ALA G 92 -2.19 -51.05 -15.02
CA ALA G 92 -1.28 -50.28 -14.19
C ALA G 92 -1.57 -50.61 -12.73
N VAL G 93 -0.77 -50.06 -11.85
CA VAL G 93 -1.00 -50.13 -10.41
C VAL G 93 -1.60 -48.82 -9.95
N TYR G 94 -2.80 -48.86 -9.39
CA TYR G 94 -3.57 -47.68 -9.05
C TYR G 94 -3.43 -47.41 -7.55
N TYR G 95 -2.98 -46.21 -7.21
CA TYR G 95 -2.77 -45.81 -5.82
C TYR G 95 -3.85 -44.81 -5.41
N CYS G 96 -4.12 -44.77 -4.11
CA CYS G 96 -5.07 -43.85 -3.51
C CYS G 96 -4.29 -42.80 -2.73
N ALA G 97 -4.36 -41.55 -3.18
CA ALA G 97 -3.51 -40.49 -2.66
C ALA G 97 -4.36 -39.41 -1.98
N ARG G 98 -3.75 -38.74 -1.00
CA ARG G 98 -4.38 -37.67 -0.25
C ARG G 98 -3.63 -36.36 -0.45
N CYS G 99 -4.37 -35.25 -0.38
CA CYS G 99 -3.64 -33.98 -0.41
C CYS G 99 -3.09 -33.67 0.98
N PRO G 100 -1.88 -33.11 1.05
CA PRO G 100 -1.19 -32.99 2.35
C PRO G 100 -1.85 -32.04 3.34
N ALA G 101 -2.68 -31.10 2.88
CA ALA G 101 -3.18 -30.07 3.78
C ALA G 101 -4.69 -30.05 3.80
N PRO G 102 -5.29 -29.81 4.97
CA PRO G 102 -6.74 -29.67 5.05
C PRO G 102 -7.19 -28.24 4.81
N PHE G 103 -8.46 -28.11 4.41
CA PHE G 103 -9.08 -26.80 4.16
C PHE G 103 -8.27 -25.99 3.14
N THR G 104 -7.68 -26.68 2.16
CA THR G 104 -6.83 -26.05 1.18
C THR G 104 -7.20 -26.55 -0.21
N ARG G 105 -7.20 -25.64 -1.18
CA ARG G 105 -7.55 -25.96 -2.56
C ARG G 105 -6.39 -26.64 -3.28
N ASP G 106 -5.24 -25.96 -3.34
CA ASP G 106 -4.07 -26.53 -3.97
C ASP G 106 -3.42 -27.58 -3.08
N CYS G 107 -2.70 -28.50 -3.70
CA CYS G 107 -1.96 -29.53 -2.95
C CYS G 107 -0.90 -30.12 -3.86
N PHE G 108 0.33 -30.21 -3.34
CA PHE G 108 1.49 -30.63 -4.13
C PHE G 108 1.87 -32.07 -3.82
N ASP G 109 2.88 -32.55 -4.54
CA ASP G 109 3.60 -33.80 -4.27
C ASP G 109 2.72 -35.04 -4.35
N VAL G 110 1.54 -34.94 -4.96
CA VAL G 110 0.66 -36.10 -5.07
C VAL G 110 1.29 -37.17 -5.96
N THR G 111 1.91 -36.77 -7.07
CA THR G 111 2.51 -37.71 -8.02
C THR G 111 4.02 -37.84 -7.84
N SER G 112 4.54 -37.47 -6.68
CA SER G 112 5.97 -37.58 -6.43
C SER G 112 6.39 -39.05 -6.30
N THR G 113 7.69 -39.29 -6.45
CA THR G 113 8.22 -40.65 -6.34
C THR G 113 7.99 -41.21 -4.94
N THR G 114 8.22 -40.40 -3.91
CA THR G 114 7.98 -40.78 -2.53
C THR G 114 6.96 -39.83 -1.93
N TYR G 115 5.90 -40.40 -1.37
CA TYR G 115 4.83 -39.60 -0.77
C TYR G 115 4.36 -40.29 0.50
N ALA G 116 4.26 -39.53 1.59
CA ALA G 116 3.93 -40.12 2.89
C ALA G 116 2.45 -40.46 3.00
N TYR G 117 1.60 -39.83 2.20
CA TYR G 117 0.16 -40.00 2.29
C TYR G 117 -0.42 -40.69 1.05
N ARG G 118 0.28 -41.70 0.56
CA ARG G 118 -0.18 -42.48 -0.58
C ARG G 118 -0.30 -43.95 -0.18
N GLY G 119 -1.32 -44.62 -0.71
CA GLY G 119 -1.59 -46.00 -0.37
C GLY G 119 -0.68 -46.98 -1.08
N GLN G 120 -0.82 -48.26 -0.68
CA GLN G 120 0.01 -49.30 -1.27
C GLN G 120 -0.35 -49.53 -2.73
N GLY G 121 -1.64 -49.55 -3.05
CA GLY G 121 -2.09 -49.69 -4.42
C GLY G 121 -2.45 -51.13 -4.77
N THR G 122 -3.23 -51.28 -5.83
CA THR G 122 -3.64 -52.57 -6.35
C THR G 122 -3.31 -52.65 -7.83
N GLN G 123 -3.08 -53.88 -8.30
CA GLN G 123 -2.70 -54.11 -9.69
C GLN G 123 -3.94 -54.43 -10.52
N VAL G 124 -4.08 -53.71 -11.64
CA VAL G 124 -5.16 -53.93 -12.60
C VAL G 124 -4.54 -54.37 -13.91
N THR G 125 -4.98 -55.52 -14.43
CA THR G 125 -4.48 -56.07 -15.67
C THR G 125 -5.64 -56.28 -16.63
N VAL G 126 -5.49 -55.79 -17.86
CA VAL G 126 -6.52 -55.89 -18.90
C VAL G 126 -5.91 -56.68 -20.05
N SER G 127 -6.34 -57.94 -20.19
CA SER G 127 -5.84 -58.83 -21.24
C SER G 127 -6.76 -60.04 -21.31
N SER G 128 -6.67 -60.75 -22.44
CA SER G 128 -7.47 -61.95 -22.64
C SER G 128 -6.72 -63.20 -22.19
C1 A1B90 H . -9.71 41.88 -18.52
O2 A1B90 H . -10.30 42.91 -18.53
C2 A1B90 H . -8.35 41.80 -19.21
C3 A1B90 H . -7.26 42.55 -18.46
C4 A1B90 H . -5.87 42.26 -19.00
C5 A1B90 H . -4.86 41.94 -17.90
C6 A1B90 H . -3.68 41.14 -18.42
C7 A1B90 H . -3.10 40.19 -17.38
#